data_3IQE
#
_entry.id   3IQE
#
_cell.length_a   61.148
_cell.length_b   165.539
_cell.length_c   93.552
_cell.angle_alpha   90.00
_cell.angle_beta   99.14
_cell.angle_gamma   90.00
#
_symmetry.space_group_name_H-M   'P 1 21 1'
#
loop_
_entity.id
_entity.type
_entity.pdbx_description
1 polymer 'F420-dependent methylenetetrahydromethanopterin dehydrogenase'
2 non-polymer '5,10-DIMETHYLENE TETRAHYDROMETHANOPTERIN'
3 non-polymer 'COENZYME F420'
4 non-polymer 'CALCIUM ION'
5 non-polymer 'SODIUM ION'
6 water water
#
_entity_poly.entity_id   1
_entity_poly.type   'polypeptide(L)'
_entity_poly.pdbx_seq_one_letter_code
;MTVAKAIFIKCGNLGTSMMMDMLLDERADREDVEFRVVGTSVKMDPECVEAAVEMALDIAEDFEPDFIVYGGPNPAAPGP
SKAREMLADSEYPAVIIGDAPGLKVKDEMEEQGLGYILVKPDAMLGARREFLDPVEMAIYNADLMKVLAATGVFRVVQEA
FDELIEKAKEDEISENDLPKLVIDRNTLLEREEFENPYAMVKAMAALEIAENVADVSVEGCFVEQDKERYVPIVASAHEM
MRKAAELADEARELEKSNDAVLRTPHAPDGKVLSKRKFMEDPE
;
_entity_poly.pdbx_strand_id   A,B,C,D,E,F
#
# COMPACT_ATOMS: atom_id res chain seq x y z
N THR A 2 -0.12 -3.77 -49.53
CA THR A 2 -1.54 -3.33 -49.54
C THR A 2 -1.83 -2.58 -48.26
N VAL A 3 -2.70 -1.60 -48.36
CA VAL A 3 -3.19 -0.93 -47.16
C VAL A 3 -4.56 -1.48 -46.82
N ALA A 4 -4.63 -2.13 -45.67
CA ALA A 4 -5.88 -2.61 -45.12
C ALA A 4 -6.60 -1.45 -44.44
N LYS A 5 -7.92 -1.43 -44.52
CA LYS A 5 -8.69 -0.32 -43.95
C LYS A 5 -9.94 -0.77 -43.22
N ALA A 6 -10.29 -0.02 -42.19
CA ALA A 6 -11.46 -0.34 -41.41
C ALA A 6 -12.08 0.92 -40.85
N ILE A 7 -13.40 0.88 -40.65
CA ILE A 7 -14.14 1.96 -40.03
C ILE A 7 -14.64 1.48 -38.70
N PHE A 8 -14.46 2.31 -37.68
CA PHE A 8 -14.90 1.99 -36.34
C PHE A 8 -16.05 2.90 -35.96
N ILE A 9 -17.11 2.32 -35.42
CA ILE A 9 -18.29 3.08 -35.07
C ILE A 9 -18.49 2.98 -33.58
N LYS A 10 -18.56 4.11 -32.89
CA LYS A 10 -18.65 4.12 -31.41
C LYS A 10 -19.93 4.79 -30.92
N CYS A 11 -20.82 4.01 -30.33
CA CYS A 11 -22.08 4.55 -29.80
C CYS A 11 -22.26 4.09 -28.38
N GLY A 12 -22.32 5.02 -27.46
CA GLY A 12 -22.27 4.68 -26.03
C GLY A 12 -20.84 4.35 -25.67
N ASN A 13 -20.57 4.08 -24.41
CA ASN A 13 -19.19 3.81 -24.01
C ASN A 13 -18.98 2.52 -23.25
N LEU A 14 -17.96 1.80 -23.71
CA LEU A 14 -17.47 0.59 -23.10
C LEU A 14 -15.96 0.82 -23.01
N GLY A 15 -15.26 0.19 -22.06
CA GLY A 15 -13.80 0.32 -21.98
C GLY A 15 -13.10 -0.19 -23.23
N THR A 16 -13.64 -1.24 -23.81
CA THR A 16 -13.03 -1.87 -24.99
C THR A 16 -13.22 -1.05 -26.25
N SER A 17 -14.38 -0.41 -26.38
CA SER A 17 -14.69 0.35 -27.61
C SER A 17 -13.92 1.66 -27.62
N MET A 18 -13.58 2.11 -26.42
CA MET A 18 -12.81 3.32 -26.22
C MET A 18 -11.40 3.17 -26.81
N MET A 19 -10.80 2.00 -26.66
CA MET A 19 -9.41 1.79 -27.03
C MET A 19 -9.17 0.95 -28.30
N MET A 20 -10.22 0.33 -28.83
CA MET A 20 -10.07 -0.73 -29.81
C MET A 20 -9.23 -0.31 -31.01
N ASP A 21 -9.51 0.85 -31.56
CA ASP A 21 -8.75 1.29 -32.74
C ASP A 21 -7.27 1.52 -32.42
N MET A 22 -6.98 2.07 -31.25
CA MET A 22 -5.63 2.44 -30.89
C MET A 22 -4.71 1.27 -30.58
N LEU A 23 -5.31 0.15 -30.18
CA LEU A 23 -4.57 -1.06 -29.91
C LEU A 23 -3.91 -1.61 -31.15
N LEU A 24 -4.28 -1.11 -32.32
CA LEU A 24 -3.80 -1.74 -33.54
C LEU A 24 -2.69 -0.92 -34.17
N ASP A 25 -2.40 0.25 -33.60
CA ASP A 25 -1.37 1.13 -34.13
C ASP A 25 -0.75 2.00 -33.04
N GLU A 26 -0.20 1.35 -32.01
CA GLU A 26 0.16 2.02 -30.78
C GLU A 26 1.06 3.23 -30.91
N ARG A 27 1.91 3.29 -31.96
CA ARG A 27 2.81 4.43 -32.17
C ARG A 27 2.57 5.18 -33.49
N ALA A 28 1.39 4.94 -34.06
CA ALA A 28 0.95 5.53 -35.31
C ALA A 28 2.00 5.34 -36.39
N ASP A 29 2.83 4.31 -36.26
CA ASP A 29 3.85 4.06 -37.25
C ASP A 29 3.54 2.95 -38.27
N ARG A 30 2.37 2.35 -38.20
CA ARG A 30 2.00 1.29 -39.16
C ARG A 30 1.76 1.83 -40.54
N GLU A 31 2.44 1.23 -41.51
CA GLU A 31 2.26 1.63 -42.90
C GLU A 31 1.17 0.80 -43.60
N ASP A 32 0.64 -0.22 -42.94
CA ASP A 32 -0.24 -1.17 -43.63
C ASP A 32 -1.72 -1.03 -43.30
N VAL A 33 -2.11 0.04 -42.63
CA VAL A 33 -3.47 0.17 -42.16
C VAL A 33 -3.82 1.61 -42.11
N GLU A 34 -5.11 1.89 -42.10
CA GLU A 34 -5.62 3.25 -42.01
C GLU A 34 -7.08 3.12 -41.56
N PHE A 35 -7.48 3.97 -40.63
CA PHE A 35 -8.77 3.83 -40.00
C PHE A 35 -9.51 5.16 -40.00
N ARG A 36 -10.83 5.09 -40.05
CA ARG A 36 -11.65 6.25 -39.77
C ARG A 36 -12.49 5.83 -38.61
N VAL A 37 -12.82 6.78 -37.76
CA VAL A 37 -13.55 6.50 -36.54
C VAL A 37 -14.72 7.47 -36.50
N VAL A 38 -15.93 6.97 -36.35
CA VAL A 38 -17.08 7.86 -36.30
C VAL A 38 -18.01 7.42 -35.19
N GLY A 39 -18.86 8.33 -34.75
CA GLY A 39 -19.77 7.99 -33.70
C GLY A 39 -20.66 9.12 -33.26
N THR A 40 -21.46 8.83 -32.24
CA THR A 40 -22.38 9.80 -31.66
C THR A 40 -22.13 9.94 -30.17
N SER A 41 -20.88 9.72 -29.75
CA SER A 41 -20.54 9.85 -28.35
C SER A 41 -21.36 8.85 -27.50
N VAL A 42 -21.79 9.28 -26.32
CA VAL A 42 -22.48 8.40 -25.37
C VAL A 42 -23.89 7.98 -25.74
N LYS A 43 -24.52 8.66 -26.69
CA LYS A 43 -25.92 8.34 -27.00
C LYS A 43 -26.04 7.17 -27.96
N MET A 44 -26.86 6.21 -27.55
CA MET A 44 -27.03 4.96 -28.28
C MET A 44 -28.49 4.53 -28.33
N ASP A 45 -29.38 5.53 -28.44
CA ASP A 45 -30.78 5.33 -28.78
C ASP A 45 -30.89 5.00 -30.28
N PRO A 46 -32.02 4.44 -30.72
CA PRO A 46 -32.12 4.08 -32.15
C PRO A 46 -31.90 5.24 -33.14
N GLU A 47 -32.32 6.44 -32.81
CA GLU A 47 -32.15 7.58 -33.71
C GLU A 47 -30.67 7.85 -33.97
N CYS A 48 -29.92 7.88 -32.88
CA CYS A 48 -28.51 8.26 -32.89
C CYS A 48 -27.67 7.16 -33.48
N VAL A 49 -28.05 5.93 -33.21
CA VAL A 49 -27.29 4.81 -33.73
C VAL A 49 -27.51 4.72 -35.25
N GLU A 50 -28.75 4.87 -35.74
CA GLU A 50 -28.92 4.92 -37.18
C GLU A 50 -28.00 6.02 -37.73
N ALA A 51 -28.10 7.22 -37.18
CA ALA A 51 -27.33 8.37 -37.66
C ALA A 51 -25.85 8.04 -37.77
N ALA A 52 -25.36 7.26 -36.82
CA ALA A 52 -23.95 6.93 -36.76
C ALA A 52 -23.54 5.89 -37.80
N VAL A 53 -24.38 4.88 -38.00
CA VAL A 53 -24.08 3.85 -39.00
C VAL A 53 -24.24 4.44 -40.40
N GLU A 54 -25.20 5.33 -40.56
CA GLU A 54 -25.36 6.00 -41.84
C GLU A 54 -24.10 6.76 -42.19
N MET A 55 -23.64 7.59 -41.25
CA MET A 55 -22.36 8.26 -41.41
C MET A 55 -21.30 7.29 -41.88
N ALA A 56 -21.13 6.19 -41.16
CA ALA A 56 -20.08 5.21 -41.47
C ALA A 56 -20.26 4.63 -42.88
N LEU A 57 -21.49 4.32 -43.23
CA LEU A 57 -21.80 3.78 -44.55
C LEU A 57 -21.55 4.85 -45.62
N ASP A 58 -21.97 6.08 -45.35
CA ASP A 58 -21.61 7.22 -46.22
C ASP A 58 -20.11 7.33 -46.41
N ILE A 59 -19.33 7.24 -45.34
CA ILE A 59 -17.90 7.32 -45.45
C ILE A 59 -17.37 6.11 -46.22
N ALA A 60 -18.02 4.97 -46.04
CA ALA A 60 -17.51 3.72 -46.60
C ALA A 60 -17.45 3.76 -48.11
N GLU A 61 -18.35 4.55 -48.71
CA GLU A 61 -18.40 4.72 -50.14
C GLU A 61 -17.06 5.19 -50.71
N ASP A 62 -16.44 6.19 -50.07
CA ASP A 62 -15.13 6.62 -50.55
C ASP A 62 -13.99 5.86 -49.92
N PHE A 63 -14.14 5.51 -48.64
CA PHE A 63 -13.03 4.93 -47.91
C PHE A 63 -12.77 3.48 -48.30
N GLU A 64 -13.82 2.74 -48.61
CA GLU A 64 -13.68 1.38 -49.10
C GLU A 64 -12.94 0.51 -48.09
N PRO A 65 -13.52 0.40 -46.90
CA PRO A 65 -12.82 -0.41 -45.92
C PRO A 65 -13.02 -1.91 -46.17
N ASP A 66 -12.07 -2.71 -45.67
CA ASP A 66 -12.18 -4.16 -45.71
C ASP A 66 -13.16 -4.71 -44.68
N PHE A 67 -13.35 -3.99 -43.58
CA PHE A 67 -14.33 -4.36 -42.59
C PHE A 67 -14.77 -3.16 -41.75
N ILE A 68 -15.94 -3.31 -41.13
CA ILE A 68 -16.44 -2.36 -40.18
C ILE A 68 -16.57 -2.97 -38.78
N VAL A 69 -16.43 -2.13 -37.76
CA VAL A 69 -16.54 -2.54 -36.37
C VAL A 69 -17.52 -1.60 -35.67
N TYR A 70 -18.53 -2.18 -35.01
CA TYR A 70 -19.45 -1.40 -34.17
C TYR A 70 -19.14 -1.75 -32.76
N GLY A 71 -18.85 -0.75 -31.94
CA GLY A 71 -18.45 -0.99 -30.59
C GLY A 71 -19.28 -0.17 -29.64
N GLY A 72 -19.79 -0.83 -28.64
CA GLY A 72 -20.72 -0.15 -27.75
C GLY A 72 -21.36 -1.13 -26.82
N PRO A 73 -22.07 -0.57 -25.84
CA PRO A 73 -22.77 -1.35 -24.86
C PRO A 73 -23.93 -2.17 -25.42
N ASN A 74 -24.16 -3.31 -24.79
CA ASN A 74 -25.35 -4.13 -24.99
C ASN A 74 -25.82 -4.26 -26.43
N PRO A 75 -25.22 -5.18 -27.18
CA PRO A 75 -25.70 -5.43 -28.55
C PRO A 75 -27.18 -5.86 -28.61
N ALA A 76 -27.80 -6.14 -27.47
CA ALA A 76 -29.19 -6.59 -27.47
C ALA A 76 -30.19 -5.42 -27.33
N ALA A 77 -29.69 -4.29 -26.88
CA ALA A 77 -30.50 -3.08 -26.77
C ALA A 77 -31.00 -2.59 -28.11
N PRO A 78 -32.08 -1.80 -28.07
CA PRO A 78 -32.83 -1.29 -29.21
C PRO A 78 -32.00 -0.63 -30.30
N GLY A 79 -31.10 0.26 -29.87
CA GLY A 79 -30.27 1.03 -30.78
C GLY A 79 -29.16 0.19 -31.37
N PRO A 80 -28.46 -0.54 -30.51
CA PRO A 80 -27.50 -1.54 -31.01
C PRO A 80 -28.10 -2.61 -31.90
N SER A 81 -29.32 -3.04 -31.62
CA SER A 81 -29.98 -4.01 -32.48
C SER A 81 -30.16 -3.40 -33.86
N LYS A 82 -30.44 -2.11 -33.88
CA LYS A 82 -30.61 -1.40 -35.15
C LYS A 82 -29.33 -1.46 -35.96
N ALA A 83 -28.20 -1.26 -35.31
CA ALA A 83 -26.90 -1.24 -36.01
C ALA A 83 -26.55 -2.61 -36.61
N ARG A 84 -26.91 -3.68 -35.90
CA ARG A 84 -26.58 -5.04 -36.36
C ARG A 84 -27.32 -5.35 -37.64
N GLU A 85 -28.60 -5.00 -37.64
CA GLU A 85 -29.46 -5.09 -38.81
C GLU A 85 -28.89 -4.34 -40.00
N MET A 86 -28.51 -3.08 -39.79
CA MET A 86 -27.98 -2.29 -40.90
C MET A 86 -26.66 -2.87 -41.36
N LEU A 87 -25.79 -3.22 -40.42
CA LEU A 87 -24.52 -3.78 -40.79
C LEU A 87 -24.67 -5.18 -41.35
N ALA A 88 -25.66 -5.91 -40.85
CA ALA A 88 -25.96 -7.23 -41.39
C ALA A 88 -26.31 -7.10 -42.87
N ASP A 89 -27.06 -6.06 -43.19
CA ASP A 89 -27.57 -5.88 -44.55
C ASP A 89 -26.55 -5.25 -45.45
N SER A 90 -25.43 -4.80 -44.90
CA SER A 90 -24.47 -4.13 -45.72
C SER A 90 -23.60 -5.19 -46.39
N GLU A 91 -22.81 -4.79 -47.38
CA GLU A 91 -21.89 -5.73 -48.04
C GLU A 91 -20.64 -5.96 -47.19
N TYR A 92 -20.46 -5.10 -46.21
CA TYR A 92 -19.21 -5.05 -45.49
C TYR A 92 -19.11 -6.09 -44.37
N PRO A 93 -18.02 -6.89 -44.36
CA PRO A 93 -17.86 -7.67 -43.15
C PRO A 93 -17.91 -6.74 -41.96
N ALA A 94 -18.60 -7.16 -40.90
CA ALA A 94 -18.75 -6.32 -39.70
C ALA A 94 -18.64 -7.10 -38.38
N VAL A 95 -18.01 -6.48 -37.40
CA VAL A 95 -17.74 -7.13 -36.13
C VAL A 95 -18.36 -6.28 -35.04
N ILE A 96 -18.98 -6.91 -34.07
CA ILE A 96 -19.65 -6.20 -33.01
C ILE A 96 -18.86 -6.45 -31.74
N ILE A 97 -18.49 -5.37 -31.08
CA ILE A 97 -17.85 -5.42 -29.77
C ILE A 97 -18.89 -5.02 -28.74
N GLY A 98 -19.08 -5.84 -27.72
CA GLY A 98 -20.15 -5.60 -26.78
C GLY A 98 -19.73 -6.15 -25.44
N ASP A 99 -20.63 -6.07 -24.46
CA ASP A 99 -20.41 -6.58 -23.12
C ASP A 99 -21.31 -7.79 -22.83
N ALA A 100 -21.49 -8.16 -21.56
CA ALA A 100 -22.12 -9.45 -21.24
C ALA A 100 -23.55 -9.60 -21.74
N PRO A 101 -24.33 -8.51 -21.76
CA PRO A 101 -25.70 -8.59 -22.29
C PRO A 101 -25.76 -8.93 -23.78
N GLY A 102 -24.65 -8.83 -24.50
CA GLY A 102 -24.63 -9.26 -25.89
C GLY A 102 -24.83 -10.76 -25.98
N LEU A 103 -24.61 -11.49 -24.89
CA LEU A 103 -24.80 -12.93 -24.93
C LEU A 103 -26.24 -13.34 -25.32
N LYS A 104 -27.20 -12.49 -24.98
CA LYS A 104 -28.60 -12.76 -25.37
C LYS A 104 -28.76 -12.89 -26.88
N VAL A 105 -27.86 -12.28 -27.65
CA VAL A 105 -28.05 -12.26 -29.09
C VAL A 105 -26.87 -12.87 -29.83
N LYS A 106 -26.05 -13.62 -29.10
CA LYS A 106 -24.95 -14.31 -29.71
C LYS A 106 -25.48 -15.15 -30.88
N ASP A 107 -26.59 -15.85 -30.65
CA ASP A 107 -27.13 -16.71 -31.70
C ASP A 107 -27.60 -15.91 -32.91
N GLU A 108 -28.27 -14.79 -32.66
CA GLU A 108 -28.74 -13.92 -33.73
C GLU A 108 -27.58 -13.41 -34.58
N MET A 109 -26.51 -13.01 -33.92
CA MET A 109 -25.41 -12.36 -34.59
C MET A 109 -24.76 -13.33 -35.57
N GLU A 110 -24.52 -14.56 -35.17
CA GLU A 110 -24.06 -15.54 -36.15
C GLU A 110 -25.04 -15.68 -37.31
N GLU A 111 -26.33 -15.83 -37.02
CA GLU A 111 -27.33 -15.87 -38.07
C GLU A 111 -27.15 -14.70 -39.03
N GLN A 112 -27.07 -13.49 -38.47
CA GLN A 112 -26.90 -12.27 -39.27
C GLN A 112 -25.55 -12.24 -39.95
N GLY A 113 -24.68 -13.20 -39.65
CA GLY A 113 -23.37 -13.26 -40.30
C GLY A 113 -22.37 -12.21 -39.82
N LEU A 114 -22.62 -11.70 -38.61
CA LEU A 114 -21.70 -10.76 -37.95
C LEU A 114 -20.69 -11.49 -37.09
N GLY A 115 -19.54 -10.87 -36.88
CA GLY A 115 -18.56 -11.39 -35.96
C GLY A 115 -18.79 -10.70 -34.63
N TYR A 116 -18.17 -11.16 -33.58
CA TYR A 116 -18.38 -10.46 -32.33
C TYR A 116 -17.25 -10.73 -31.38
N ILE A 117 -17.09 -9.79 -30.48
CA ILE A 117 -16.24 -9.95 -29.31
C ILE A 117 -17.05 -9.42 -28.14
N LEU A 118 -17.38 -10.31 -27.22
CA LEU A 118 -18.12 -9.90 -26.07
C LEU A 118 -17.21 -10.01 -24.87
N VAL A 119 -17.01 -8.88 -24.19
CA VAL A 119 -16.07 -8.77 -23.10
C VAL A 119 -16.86 -8.71 -21.80
N LYS A 120 -16.90 -9.83 -21.09
CA LYS A 120 -17.75 -9.93 -19.91
C LYS A 120 -17.29 -9.01 -18.79
N PRO A 121 -15.96 -8.87 -18.59
CA PRO A 121 -15.51 -7.94 -17.57
C PRO A 121 -15.66 -6.45 -17.93
N ASP A 122 -16.11 -6.14 -19.14
CA ASP A 122 -16.35 -4.76 -19.48
C ASP A 122 -17.71 -4.35 -18.91
N ALA A 123 -17.74 -4.03 -17.63
CA ALA A 123 -18.99 -3.88 -16.91
C ALA A 123 -19.61 -2.47 -16.97
N MET A 124 -20.93 -2.47 -16.95
CA MET A 124 -21.69 -1.25 -16.75
C MET A 124 -21.34 -0.59 -15.45
N LEU A 125 -21.24 0.74 -15.47
CA LEU A 125 -20.98 1.50 -14.29
C LEU A 125 -22.26 1.87 -13.53
N GLY A 126 -22.10 2.58 -12.41
CA GLY A 126 -23.25 2.86 -11.54
C GLY A 126 -23.89 4.19 -11.88
N ALA A 127 -24.74 4.18 -12.91
CA ALA A 127 -25.25 5.38 -13.57
C ALA A 127 -26.47 5.98 -12.91
N ARG A 128 -26.27 6.55 -11.73
CA ARG A 128 -27.28 7.31 -11.00
C ARG A 128 -26.82 8.76 -10.80
N ARG A 129 -27.73 9.70 -10.97
CA ARG A 129 -27.38 11.11 -10.97
C ARG A 129 -26.72 11.52 -9.63
N GLU A 130 -27.18 10.92 -8.54
CA GLU A 130 -26.64 11.25 -7.21
C GLU A 130 -25.15 10.86 -7.00
N PHE A 131 -24.58 10.08 -7.91
CA PHE A 131 -23.27 9.50 -7.68
C PHE A 131 -22.37 9.74 -8.89
N LEU A 132 -22.92 9.50 -10.06
CA LEU A 132 -22.13 9.53 -11.28
C LEU A 132 -22.10 10.90 -11.96
N ASP A 133 -21.05 11.67 -11.73
CA ASP A 133 -20.80 12.91 -12.49
C ASP A 133 -19.59 12.66 -13.40
N PRO A 134 -19.18 13.65 -14.20
CA PRO A 134 -18.16 13.38 -15.21
C PRO A 134 -16.85 12.83 -14.63
N VAL A 135 -16.43 13.34 -13.48
CA VAL A 135 -15.19 12.88 -12.84
C VAL A 135 -15.29 11.42 -12.40
N GLU A 136 -16.35 11.09 -11.68
CA GLU A 136 -16.54 9.68 -11.24
C GLU A 136 -16.62 8.74 -12.44
N MET A 137 -17.26 9.18 -13.51
CA MET A 137 -17.35 8.40 -14.73
CA MET A 137 -17.34 8.39 -14.73
C MET A 137 -15.96 8.14 -15.32
N ALA A 138 -15.07 9.14 -15.27
CA ALA A 138 -13.73 8.98 -15.84
C ALA A 138 -12.83 8.13 -14.94
N ILE A 139 -13.01 8.28 -13.65
CA ILE A 139 -12.32 7.48 -12.66
C ILE A 139 -12.68 5.98 -12.79
N TYR A 140 -13.95 5.71 -13.01
CA TYR A 140 -14.36 4.34 -13.29
C TYR A 140 -13.64 3.81 -14.53
N ASN A 141 -13.68 4.57 -15.62
CA ASN A 141 -13.10 4.10 -16.84
C ASN A 141 -11.63 3.90 -16.71
N ALA A 142 -11.00 4.71 -15.88
CA ALA A 142 -9.57 4.58 -15.61
C ALA A 142 -9.22 3.23 -15.00
N ASP A 143 -10.00 2.87 -13.99
CA ASP A 143 -9.83 1.62 -13.30
C ASP A 143 -10.11 0.46 -14.22
N LEU A 144 -11.22 0.54 -14.92
CA LEU A 144 -11.58 -0.49 -15.90
C LEU A 144 -10.50 -0.65 -17.00
N MET A 145 -10.01 0.46 -17.57
CA MET A 145 -8.93 0.36 -18.56
C MET A 145 -7.71 -0.36 -17.98
N LYS A 146 -7.38 -0.07 -16.75
CA LYS A 146 -6.26 -0.75 -16.08
C LYS A 146 -6.48 -2.27 -16.03
N VAL A 147 -7.66 -2.67 -15.57
CA VAL A 147 -8.06 -4.07 -15.57
C VAL A 147 -7.98 -4.72 -16.98
N LEU A 148 -8.60 -4.14 -18.01
CA LEU A 148 -8.63 -4.79 -19.30
C LEU A 148 -7.23 -4.83 -19.96
N ALA A 149 -6.41 -3.82 -19.68
CA ALA A 149 -5.04 -3.78 -20.17
C ALA A 149 -4.07 -4.73 -19.46
N ALA A 150 -3.95 -4.57 -18.13
CA ALA A 150 -2.96 -5.30 -17.34
C ALA A 150 -3.24 -6.81 -17.27
N THR A 151 -4.52 -7.21 -17.32
CA THR A 151 -4.87 -8.65 -17.33
C THR A 151 -4.60 -9.27 -18.70
N GLY A 152 -4.36 -8.44 -19.69
CA GLY A 152 -4.11 -8.99 -21.00
C GLY A 152 -5.36 -9.14 -21.87
N VAL A 153 -6.52 -8.69 -21.37
CA VAL A 153 -7.73 -8.72 -22.21
C VAL A 153 -7.54 -7.93 -23.50
N PHE A 154 -6.84 -6.79 -23.42
CA PHE A 154 -6.67 -5.96 -24.62
C PHE A 154 -5.80 -6.67 -25.63
N ARG A 155 -4.89 -7.51 -25.18
CA ARG A 155 -4.07 -8.25 -26.13
C ARG A 155 -4.88 -9.27 -26.95
N VAL A 156 -5.91 -9.86 -26.34
CA VAL A 156 -6.81 -10.78 -27.02
C VAL A 156 -7.56 -10.07 -28.13
N VAL A 157 -8.11 -8.91 -27.81
CA VAL A 157 -8.74 -8.08 -28.84
C VAL A 157 -7.72 -7.66 -29.92
N GLN A 158 -6.56 -7.15 -29.51
CA GLN A 158 -5.52 -6.83 -30.49
C GLN A 158 -5.28 -7.99 -31.43
N GLU A 159 -5.09 -9.19 -30.90
CA GLU A 159 -4.74 -10.34 -31.74
C GLU A 159 -5.86 -10.75 -32.66
N ALA A 160 -7.10 -10.60 -32.21
CA ALA A 160 -8.23 -10.91 -33.06
C ALA A 160 -8.19 -10.03 -34.30
N PHE A 161 -8.06 -8.72 -34.11
CA PHE A 161 -8.10 -7.80 -35.22
C PHE A 161 -6.86 -7.88 -36.09
N ASP A 162 -5.71 -8.11 -35.49
CA ASP A 162 -4.52 -8.29 -36.28
C ASP A 162 -4.69 -9.50 -37.23
N GLU A 163 -5.31 -10.58 -36.76
CA GLU A 163 -5.58 -11.75 -37.60
C GLU A 163 -6.53 -11.36 -38.74
N LEU A 164 -7.53 -10.55 -38.43
CA LEU A 164 -8.49 -10.14 -39.44
C LEU A 164 -7.82 -9.27 -40.50
N ILE A 165 -6.93 -8.40 -40.07
CA ILE A 165 -6.28 -7.46 -40.95
C ILE A 165 -5.38 -8.19 -41.94
N GLU A 166 -4.70 -9.22 -41.48
CA GLU A 166 -3.82 -9.98 -42.37
C GLU A 166 -4.65 -10.69 -43.43
N LYS A 167 -5.82 -11.18 -43.08
CA LYS A 167 -6.65 -11.83 -44.10
C LYS A 167 -7.12 -10.79 -45.12
N ALA A 168 -7.41 -9.58 -44.65
CA ALA A 168 -7.85 -8.52 -45.55
C ALA A 168 -6.73 -8.19 -46.54
N LYS A 169 -5.49 -8.43 -46.14
CA LYS A 169 -4.37 -8.14 -47.02
C LYS A 169 -4.26 -9.15 -48.17
N GLU A 170 -4.88 -10.32 -48.02
CA GLU A 170 -5.04 -11.26 -49.13
C GLU A 170 -6.43 -11.08 -49.71
N ASP A 171 -6.96 -9.88 -49.52
CA ASP A 171 -8.32 -9.54 -49.91
C ASP A 171 -9.23 -10.75 -50.10
N GLU A 172 -9.71 -11.27 -48.99
CA GLU A 172 -10.95 -12.04 -48.96
C GLU A 172 -11.28 -12.29 -47.52
N ILE A 173 -11.98 -11.35 -46.90
CA ILE A 173 -12.52 -11.60 -45.60
C ILE A 173 -13.88 -12.25 -45.74
N SER A 174 -13.93 -13.54 -45.47
CA SER A 174 -15.17 -14.30 -45.47
C SER A 174 -15.72 -14.36 -44.07
N GLU A 175 -16.98 -14.74 -43.94
CA GLU A 175 -17.61 -14.82 -42.63
C GLU A 175 -16.94 -15.91 -41.79
N ASN A 176 -16.24 -16.82 -42.45
CA ASN A 176 -15.45 -17.83 -41.76
C ASN A 176 -14.31 -17.17 -41.01
N ASP A 177 -13.91 -15.98 -41.46
CA ASP A 177 -12.80 -15.22 -40.88
C ASP A 177 -13.22 -14.32 -39.70
N LEU A 178 -14.51 -14.05 -39.54
CA LEU A 178 -14.93 -13.09 -38.52
C LEU A 178 -14.77 -13.61 -37.11
N PRO A 179 -14.26 -12.76 -36.21
CA PRO A 179 -14.07 -13.21 -34.86
C PRO A 179 -15.39 -13.54 -34.20
N LYS A 180 -15.35 -14.55 -33.35
CA LYS A 180 -16.48 -14.95 -32.55
C LYS A 180 -15.93 -15.36 -31.18
N LEU A 181 -15.80 -14.35 -30.32
CA LEU A 181 -15.04 -14.48 -29.08
C LEU A 181 -15.88 -14.03 -27.94
N VAL A 182 -15.82 -14.78 -26.87
CA VAL A 182 -16.39 -14.37 -25.62
C VAL A 182 -15.22 -14.33 -24.63
N ILE A 183 -14.95 -13.15 -24.06
CA ILE A 183 -13.82 -12.97 -23.13
C ILE A 183 -14.28 -12.86 -21.66
N ASP A 184 -13.65 -13.65 -20.79
CA ASP A 184 -13.90 -13.62 -19.34
C ASP A 184 -12.70 -14.16 -18.60
N ARG A 185 -12.87 -14.34 -17.30
CA ARG A 185 -11.80 -14.76 -16.42
C ARG A 185 -11.08 -15.99 -16.96
N ASN A 186 -11.84 -17.00 -17.36
CA ASN A 186 -11.25 -18.23 -17.87
C ASN A 186 -10.50 -18.08 -19.21
N THR A 187 -10.71 -17.00 -19.97
CA THR A 187 -9.90 -16.81 -21.20
C THR A 187 -8.40 -16.85 -20.90
N LEU A 188 -7.98 -16.36 -19.73
CA LEU A 188 -6.56 -16.36 -19.35
C LEU A 188 -5.94 -17.74 -19.30
N LEU A 189 -6.76 -18.77 -19.08
CA LEU A 189 -6.29 -20.17 -18.95
C LEU A 189 -5.73 -20.74 -20.26
N GLU A 190 -6.04 -20.11 -21.38
CA GLU A 190 -5.61 -20.63 -22.67
C GLU A 190 -4.55 -19.76 -23.33
N ARG A 191 -4.15 -18.71 -22.61
CA ARG A 191 -3.13 -17.76 -23.09
C ARG A 191 -1.79 -18.02 -22.43
N GLU A 192 -0.74 -17.46 -23.01
CA GLU A 192 0.58 -17.55 -22.40
C GLU A 192 1.00 -16.15 -21.94
N GLU A 193 0.06 -15.38 -21.46
CA GLU A 193 0.30 -13.99 -21.14
C GLU A 193 1.33 -13.82 -19.99
N PHE A 194 1.15 -14.60 -18.94
CA PHE A 194 1.97 -14.47 -17.72
C PHE A 194 2.99 -15.59 -17.53
N GLU A 195 4.24 -15.22 -17.27
CA GLU A 195 5.29 -16.18 -16.94
C GLU A 195 5.08 -16.66 -15.50
N ASN A 196 4.61 -15.77 -14.65
CA ASN A 196 4.40 -16.14 -13.22
C ASN A 196 2.92 -16.50 -12.94
N PRO A 197 2.68 -17.69 -12.38
CA PRO A 197 1.32 -18.23 -12.25
C PRO A 197 0.45 -17.39 -11.30
N TYR A 198 1.07 -16.70 -10.35
CA TYR A 198 0.30 -15.89 -9.37
C TYR A 198 -0.11 -14.58 -10.01
N ALA A 199 0.70 -14.08 -10.92
CA ALA A 199 0.27 -12.95 -11.70
C ALA A 199 -0.97 -13.37 -12.48
N MET A 200 -0.87 -14.55 -13.07
CA MET A 200 -2.04 -15.03 -13.78
C MET A 200 -3.27 -15.14 -12.83
N VAL A 201 -3.13 -15.72 -11.65
CA VAL A 201 -4.34 -15.91 -10.80
C VAL A 201 -4.90 -14.58 -10.29
N LYS A 202 -4.01 -13.62 -10.08
CA LYS A 202 -4.41 -12.27 -9.67
C LYS A 202 -5.17 -11.61 -10.81
N ALA A 203 -4.72 -11.79 -12.04
CA ALA A 203 -5.47 -11.24 -13.18
C ALA A 203 -6.85 -11.91 -13.29
N MET A 204 -6.90 -13.22 -13.10
CA MET A 204 -8.18 -13.91 -13.13
C MET A 204 -9.08 -13.34 -12.08
N ALA A 205 -8.52 -13.07 -10.91
CA ALA A 205 -9.33 -12.50 -9.83
C ALA A 205 -9.87 -11.12 -10.18
N ALA A 206 -9.03 -10.31 -10.86
CA ALA A 206 -9.41 -9.00 -11.28
C ALA A 206 -10.59 -9.10 -12.24
N LEU A 207 -10.48 -10.02 -13.19
CA LEU A 207 -11.51 -10.16 -14.21
C LEU A 207 -12.83 -10.65 -13.65
N GLU A 208 -12.73 -11.49 -12.62
CA GLU A 208 -13.90 -12.03 -11.95
C GLU A 208 -14.56 -10.88 -11.22
N ILE A 209 -13.77 -10.11 -10.48
CA ILE A 209 -14.34 -8.92 -9.79
C ILE A 209 -15.02 -7.95 -10.78
N ALA A 210 -14.34 -7.65 -11.89
CA ALA A 210 -14.89 -6.74 -12.91
C ALA A 210 -16.19 -7.26 -13.47
N GLU A 211 -16.26 -8.56 -13.72
CA GLU A 211 -17.45 -9.13 -14.29
C GLU A 211 -18.59 -9.12 -13.23
N ASN A 212 -18.27 -9.27 -11.95
CA ASN A 212 -19.26 -9.18 -10.88
C ASN A 212 -19.84 -7.75 -10.68
N VAL A 213 -19.04 -6.74 -10.99
CA VAL A 213 -19.46 -5.35 -10.91
C VAL A 213 -20.77 -5.09 -11.66
N ALA A 214 -20.89 -5.69 -12.84
CA ALA A 214 -22.02 -5.42 -13.75
C ALA A 214 -23.35 -5.80 -13.09
N ASP A 215 -23.34 -6.94 -12.40
CA ASP A 215 -24.47 -7.35 -11.60
C ASP A 215 -24.83 -6.31 -10.54
N VAL A 216 -23.84 -5.77 -9.81
CA VAL A 216 -24.14 -4.75 -8.81
C VAL A 216 -24.73 -3.46 -9.45
N SER A 217 -24.10 -2.98 -10.52
CA SER A 217 -24.57 -1.78 -11.20
C SER A 217 -25.97 -1.96 -11.69
N VAL A 218 -26.26 -3.15 -12.20
CA VAL A 218 -27.57 -3.44 -12.72
C VAL A 218 -28.65 -3.39 -11.63
N GLU A 219 -28.34 -3.91 -10.43
CA GLU A 219 -29.27 -3.86 -9.30
C GLU A 219 -29.53 -2.43 -8.88
N GLY A 220 -28.48 -1.63 -8.79
CA GLY A 220 -28.61 -0.23 -8.44
C GLY A 220 -29.25 0.70 -9.46
N CYS A 221 -29.14 0.41 -10.75
CA CYS A 221 -29.70 1.32 -11.75
C CYS A 221 -31.08 0.93 -12.23
N PHE A 222 -31.36 -0.38 -12.23
CA PHE A 222 -32.60 -0.88 -12.84
C PHE A 222 -33.57 -1.52 -11.88
N VAL A 223 -33.07 -2.04 -10.75
CA VAL A 223 -33.92 -2.80 -9.82
C VAL A 223 -34.28 -2.06 -8.53
N GLU A 224 -33.27 -1.62 -7.78
CA GLU A 224 -33.52 -0.89 -6.55
C GLU A 224 -34.14 0.47 -6.87
N GLN A 225 -35.25 0.83 -6.23
CA GLN A 225 -35.85 2.13 -6.56
C GLN A 225 -35.68 3.16 -5.46
N ASP A 226 -35.33 2.73 -4.27
CA ASP A 226 -35.14 3.65 -3.14
C ASP A 226 -33.70 4.20 -3.15
N LYS A 227 -33.53 5.52 -3.33
CA LYS A 227 -32.19 6.16 -3.37
C LYS A 227 -31.32 5.88 -2.14
N GLU A 228 -31.96 5.79 -0.97
CA GLU A 228 -31.21 5.53 0.25
C GLU A 228 -30.43 4.22 0.11
N ARG A 229 -30.95 3.34 -0.73
CA ARG A 229 -30.34 2.04 -0.94
C ARG A 229 -29.60 2.03 -2.27
N TYR A 230 -30.17 2.59 -3.34
CA TYR A 230 -29.50 2.44 -4.66
C TYR A 230 -28.18 3.23 -4.83
N VAL A 231 -28.05 4.38 -4.18
CA VAL A 231 -26.80 5.17 -4.24
C VAL A 231 -25.67 4.39 -3.55
N PRO A 232 -25.91 3.91 -2.32
CA PRO A 232 -24.84 3.06 -1.82
C PRO A 232 -24.48 1.87 -2.71
N ILE A 233 -25.48 1.25 -3.33
CA ILE A 233 -25.23 0.06 -4.15
C ILE A 233 -24.33 0.36 -5.36
N VAL A 234 -24.65 1.41 -6.10
CA VAL A 234 -23.84 1.77 -7.27
C VAL A 234 -22.45 2.21 -6.84
N ALA A 235 -22.36 2.95 -5.73
CA ALA A 235 -21.04 3.31 -5.21
C ALA A 235 -20.21 2.07 -4.85
N SER A 236 -20.81 1.03 -4.26
CA SER A 236 -20.03 -0.19 -3.92
C SER A 236 -19.43 -0.82 -5.20
N ALA A 237 -20.20 -0.76 -6.27
CA ALA A 237 -19.74 -1.25 -7.57
C ALA A 237 -18.42 -0.60 -8.02
N HIS A 238 -18.34 0.71 -7.83
CA HIS A 238 -17.13 1.43 -8.20
C HIS A 238 -15.93 1.07 -7.33
N GLU A 239 -16.19 0.90 -6.03
CA GLU A 239 -15.23 0.39 -5.06
C GLU A 239 -14.73 -0.96 -5.51
N MET A 240 -15.61 -1.88 -5.90
CA MET A 240 -15.08 -3.16 -6.43
C MET A 240 -14.12 -3.01 -7.62
N MET A 241 -14.47 -2.13 -8.56
CA MET A 241 -13.65 -2.00 -9.77
C MET A 241 -12.28 -1.42 -9.43
N ARG A 242 -12.24 -0.50 -8.48
CA ARG A 242 -11.01 0.08 -7.99
C ARG A 242 -10.08 -1.01 -7.45
N LYS A 243 -10.62 -1.97 -6.71
CA LYS A 243 -9.81 -3.12 -6.23
C LYS A 243 -9.46 -4.06 -7.37
N ALA A 244 -10.35 -4.22 -8.32
CA ALA A 244 -9.99 -5.02 -9.48
C ALA A 244 -8.71 -4.44 -10.12
N ALA A 245 -8.65 -3.12 -10.20
CA ALA A 245 -7.52 -2.44 -10.86
C ALA A 245 -6.27 -2.64 -10.05
N GLU A 246 -6.40 -2.65 -8.74
CA GLU A 246 -5.23 -2.83 -7.89
C GLU A 246 -4.69 -4.24 -8.07
N LEU A 247 -5.56 -5.23 -8.21
CA LEU A 247 -5.13 -6.59 -8.47
C LEU A 247 -4.39 -6.69 -9.77
N ALA A 248 -4.89 -6.04 -10.80
CA ALA A 248 -4.25 -6.10 -12.10
C ALA A 248 -2.85 -5.47 -12.08
N ASP A 249 -2.74 -4.35 -11.41
CA ASP A 249 -1.45 -3.70 -11.18
C ASP A 249 -0.48 -4.64 -10.44
N GLU A 250 -0.98 -5.33 -9.42
CA GLU A 250 -0.14 -6.31 -8.68
C GLU A 250 0.42 -7.41 -9.57
N ALA A 251 -0.44 -7.92 -10.47
CA ALA A 251 -0.02 -8.91 -11.47
C ALA A 251 1.11 -8.40 -12.33
N ARG A 252 0.91 -7.21 -12.88
CA ARG A 252 1.91 -6.57 -13.72
C ARG A 252 3.23 -6.40 -12.95
N GLU A 253 3.12 -5.93 -11.70
CA GLU A 253 4.34 -5.78 -10.86
C GLU A 253 5.06 -7.11 -10.61
N LEU A 254 4.33 -8.22 -10.65
CA LEU A 254 4.97 -9.51 -10.47
C LEU A 254 5.79 -9.90 -11.71
N GLU A 255 5.21 -9.63 -12.88
CA GLU A 255 5.86 -9.88 -14.14
C GLU A 255 7.12 -9.00 -14.17
N LYS A 256 7.03 -7.77 -13.71
CA LYS A 256 8.24 -6.92 -13.57
C LYS A 256 9.30 -7.50 -12.66
N SER A 257 8.92 -8.10 -11.56
CA SER A 257 9.91 -8.63 -10.62
C SER A 257 10.71 -9.77 -11.25
N ASN A 258 10.17 -10.41 -12.28
CA ASN A 258 10.93 -11.45 -12.99
C ASN A 258 11.41 -11.04 -14.39
N ASP A 259 11.41 -9.72 -14.66
CA ASP A 259 11.72 -9.18 -15.98
C ASP A 259 11.09 -10.06 -17.04
N ALA A 260 9.78 -10.17 -16.95
CA ALA A 260 9.06 -11.10 -17.81
C ALA A 260 7.79 -10.48 -18.38
N VAL A 261 7.71 -9.16 -18.41
CA VAL A 261 6.56 -8.47 -18.97
C VAL A 261 6.43 -8.70 -20.49
N LEU A 262 5.41 -9.43 -20.91
CA LEU A 262 5.08 -9.54 -22.34
C LEU A 262 4.79 -8.19 -23.04
N ARG A 263 5.56 -7.94 -24.11
CA ARG A 263 5.25 -6.84 -25.07
C ARG A 263 5.17 -7.36 -26.49
N THR A 264 4.07 -7.01 -27.18
CA THR A 264 3.83 -7.46 -28.53
C THR A 264 3.54 -6.25 -29.46
N PRO A 265 4.56 -5.42 -29.70
CA PRO A 265 4.35 -4.22 -30.55
C PRO A 265 4.25 -4.55 -32.05
N HIS A 266 3.71 -3.61 -32.81
CA HIS A 266 3.71 -3.74 -34.29
C HIS A 266 4.97 -3.16 -34.87
N ALA A 267 5.40 -3.77 -35.97
CA ALA A 267 6.45 -3.24 -36.82
C ALA A 267 5.78 -2.34 -37.87
N PRO A 268 6.55 -1.46 -38.53
CA PRO A 268 5.96 -0.57 -39.55
C PRO A 268 5.20 -1.31 -40.65
N ASP A 269 5.62 -2.54 -40.94
CA ASP A 269 4.99 -3.34 -41.97
C ASP A 269 3.76 -4.08 -41.42
N GLY A 270 3.52 -3.98 -40.12
CA GLY A 270 2.34 -4.55 -39.52
C GLY A 270 2.60 -5.83 -38.74
N LYS A 271 3.73 -6.49 -38.99
CA LYS A 271 4.00 -7.74 -38.28
C LYS A 271 3.98 -7.49 -36.78
N VAL A 272 3.39 -8.44 -36.03
CA VAL A 272 3.37 -8.33 -34.59
C VAL A 272 4.64 -8.94 -34.04
N LEU A 273 5.41 -8.13 -33.34
CA LEU A 273 6.65 -8.61 -32.78
C LEU A 273 6.41 -9.13 -31.37
N SER A 274 7.45 -9.69 -30.76
CA SER A 274 7.33 -10.16 -29.40
C SER A 274 8.61 -10.02 -28.60
N LYS A 275 8.44 -9.87 -27.28
CA LYS A 275 9.56 -9.89 -26.36
C LYS A 275 9.11 -10.08 -24.89
N ARG A 276 9.99 -10.60 -24.05
CA ARG A 276 9.77 -10.65 -22.61
C ARG A 276 10.79 -9.78 -21.83
N LYS A 277 12.07 -9.94 -22.08
CA LYS A 277 13.04 -9.21 -21.25
C LYS A 277 13.13 -7.73 -21.64
N PHE A 278 13.25 -6.87 -20.64
CA PHE A 278 13.18 -5.42 -20.85
C PHE A 278 14.12 -4.92 -21.95
N MET A 279 15.37 -5.39 -22.00
CA MET A 279 16.34 -4.90 -22.97
C MET A 279 16.42 -5.73 -24.25
N GLU A 280 15.58 -6.73 -24.42
CA GLU A 280 15.62 -7.46 -25.69
C GLU A 280 14.79 -6.71 -26.76
N ASP A 281 15.31 -6.69 -27.98
CA ASP A 281 14.58 -6.11 -29.10
C ASP A 281 13.38 -6.99 -29.40
N PRO A 282 12.22 -6.37 -29.66
CA PRO A 282 11.08 -7.19 -30.08
C PRO A 282 11.37 -7.83 -31.42
N GLU A 283 10.90 -9.06 -31.62
CA GLU A 283 11.19 -9.78 -32.86
C GLU A 283 10.03 -10.66 -33.35
N THR B 2 49.07 5.29 5.24
CA THR B 2 48.43 4.13 5.83
C THR B 2 47.01 4.44 6.26
N VAL B 3 46.82 5.74 6.66
CA VAL B 3 45.52 6.27 7.02
C VAL B 3 45.28 7.48 6.12
N ALA B 4 44.04 7.69 5.68
CA ALA B 4 43.68 8.95 5.03
C ALA B 4 42.98 9.82 6.05
N LYS B 5 43.34 11.09 6.10
CA LYS B 5 42.68 12.03 7.02
C LYS B 5 41.91 13.12 6.27
N ALA B 6 40.72 13.45 6.73
CA ALA B 6 39.97 14.52 6.10
C ALA B 6 39.12 15.30 7.10
N ILE B 7 38.86 16.57 6.77
CA ILE B 7 37.95 17.35 7.59
C ILE B 7 36.73 17.63 6.74
N PHE B 8 35.55 17.46 7.35
CA PHE B 8 34.32 17.78 6.68
C PHE B 8 33.72 19.03 7.33
N ILE B 9 33.24 19.95 6.50
CA ILE B 9 32.75 21.21 6.96
C ILE B 9 31.31 21.25 6.50
N LYS B 10 30.38 21.48 7.43
CA LYS B 10 28.94 21.45 7.11
C LYS B 10 28.24 22.76 7.50
N CYS B 11 27.80 23.50 6.50
CA CYS B 11 27.06 24.76 6.69
C CYS B 11 25.79 24.65 5.90
N GLY B 12 24.64 24.72 6.60
CA GLY B 12 23.35 24.50 5.97
C GLY B 12 23.19 22.99 5.90
N ASN B 13 22.10 22.54 5.34
CA ASN B 13 21.87 21.10 5.20
C ASN B 13 21.46 20.66 3.80
N LEU B 14 21.98 19.52 3.39
CA LEU B 14 21.61 18.83 2.17
C LEU B 14 21.55 17.37 2.61
N GLY B 15 20.84 16.50 1.89
CA GLY B 15 20.87 15.05 2.22
C GLY B 15 22.28 14.44 2.15
N THR B 16 23.00 14.81 1.10
CA THR B 16 24.32 14.23 0.82
C THR B 16 25.33 14.70 1.85
N SER B 17 25.17 15.95 2.30
CA SER B 17 26.16 16.57 3.19
C SER B 17 25.94 16.07 4.61
N MET B 18 24.69 15.78 4.93
CA MET B 18 24.30 15.18 6.18
C MET B 18 24.89 13.78 6.38
N MET B 19 24.98 12.98 5.31
CA MET B 19 25.46 11.60 5.41
C MET B 19 26.89 11.35 4.91
N MET B 20 27.51 12.36 4.32
CA MET B 20 28.66 12.12 3.49
C MET B 20 29.81 11.45 4.26
N ASP B 21 30.04 11.84 5.50
CA ASP B 21 31.15 11.22 6.25
C ASP B 21 30.79 9.77 6.65
N MET B 22 29.55 9.56 7.05
CA MET B 22 29.15 8.28 7.62
C MET B 22 29.17 7.20 6.57
N LEU B 23 28.97 7.62 5.33
CA LEU B 23 28.93 6.70 4.21
C LEU B 23 30.27 6.02 4.03
N LEU B 24 31.34 6.63 4.54
CA LEU B 24 32.67 6.13 4.33
C LEU B 24 33.16 5.17 5.41
N ASP B 25 32.41 5.00 6.49
CA ASP B 25 32.84 4.14 7.60
C ASP B 25 31.58 3.66 8.35
N GLU B 26 30.77 2.90 7.60
CA GLU B 26 29.41 2.53 8.01
C GLU B 26 29.37 1.76 9.35
N ARG B 27 30.47 1.11 9.78
CA ARG B 27 30.48 0.36 11.05
C ARG B 27 31.56 0.83 12.04
N ALA B 28 32.20 1.96 11.69
CA ALA B 28 33.21 2.57 12.55
C ALA B 28 34.39 1.64 12.67
N ASP B 29 34.57 0.75 11.71
CA ASP B 29 35.64 -0.23 11.82
C ASP B 29 36.77 -0.11 10.81
N ARG B 30 36.83 1.00 10.10
CA ARG B 30 37.97 1.24 9.21
C ARG B 30 39.17 1.70 10.01
N GLU B 31 40.31 1.11 9.69
CA GLU B 31 41.59 1.45 10.31
C GLU B 31 42.41 2.40 9.43
N ASP B 32 41.92 2.72 8.22
CA ASP B 32 42.67 3.48 7.22
C ASP B 32 42.15 4.90 7.02
N VAL B 33 41.25 5.35 7.89
CA VAL B 33 40.72 6.72 7.82
C VAL B 33 40.53 7.39 9.20
N GLU B 34 40.56 8.72 9.19
CA GLU B 34 40.34 9.47 10.41
C GLU B 34 39.70 10.78 10.03
N PHE B 35 38.53 11.07 10.59
CA PHE B 35 37.87 12.30 10.23
C PHE B 35 37.59 13.27 11.35
N ARG B 36 37.47 14.54 10.95
CA ARG B 36 36.90 15.55 11.79
C ARG B 36 35.76 16.18 11.04
N VAL B 37 34.79 16.66 11.78
CA VAL B 37 33.66 17.30 11.19
C VAL B 37 33.44 18.57 11.99
N VAL B 38 33.25 19.68 11.31
CA VAL B 38 32.93 20.94 11.95
C VAL B 38 31.90 21.70 11.13
N GLY B 39 31.13 22.56 11.78
CA GLY B 39 30.18 23.39 11.08
C GLY B 39 29.42 24.38 11.96
N THR B 40 28.49 25.09 11.32
CA THR B 40 27.72 26.12 11.98
C THR B 40 26.23 25.78 11.88
N SER B 41 25.94 24.48 11.85
CA SER B 41 24.58 23.97 11.72
C SER B 41 23.94 24.51 10.42
N VAL B 42 22.72 24.99 10.52
CA VAL B 42 21.98 25.34 9.33
C VAL B 42 22.42 26.68 8.72
N LYS B 43 23.17 27.49 9.46
CA LYS B 43 23.50 28.83 8.99
C LYS B 43 24.58 28.73 7.94
N MET B 44 24.38 29.39 6.78
CA MET B 44 25.39 29.39 5.74
C MET B 44 25.55 30.80 5.10
N ASP B 45 25.25 31.83 5.87
CA ASP B 45 25.63 33.19 5.51
C ASP B 45 27.16 33.36 5.55
N PRO B 46 27.67 34.38 4.85
CA PRO B 46 29.14 34.57 4.76
C PRO B 46 29.85 34.60 6.12
N GLU B 47 29.34 35.36 7.07
CA GLU B 47 29.98 35.41 8.39
C GLU B 47 30.12 34.00 9.02
N CYS B 48 29.06 33.21 8.95
CA CYS B 48 29.03 31.88 9.51
C CYS B 48 29.93 30.90 8.81
N VAL B 49 29.91 30.94 7.47
CA VAL B 49 30.72 30.06 6.66
C VAL B 49 32.20 30.37 6.89
N GLU B 50 32.53 31.66 6.94
CA GLU B 50 33.90 32.03 7.24
C GLU B 50 34.31 31.47 8.61
N ALA B 51 33.43 31.57 9.60
CA ALA B 51 33.75 30.99 10.91
C ALA B 51 33.96 29.47 10.85
N ALA B 52 33.16 28.80 10.02
CA ALA B 52 33.28 27.35 9.87
C ALA B 52 34.62 26.95 9.28
N VAL B 53 34.97 27.64 8.20
CA VAL B 53 36.20 27.30 7.47
C VAL B 53 37.44 27.61 8.30
N GLU B 54 37.38 28.66 9.11
CA GLU B 54 38.44 28.98 10.03
C GLU B 54 38.66 27.85 11.02
N MET B 55 37.59 27.41 11.67
CA MET B 55 37.67 26.29 12.58
C MET B 55 38.37 25.14 11.93
N ALA B 56 37.89 24.81 10.73
CA ALA B 56 38.47 23.69 10.01
C ALA B 56 39.94 23.94 9.77
N LEU B 57 40.25 25.11 9.22
CA LEU B 57 41.61 25.46 8.92
C LEU B 57 42.45 25.55 10.21
N ASP B 58 41.85 25.94 11.31
N ASP B 58 41.83 25.97 11.30
CA ASP B 58 42.56 25.93 12.57
CA ASP B 58 42.47 25.96 12.61
C ASP B 58 42.87 24.50 12.99
C ASP B 58 42.85 24.53 12.98
N ILE B 59 41.86 23.64 12.96
CA ILE B 59 42.06 22.23 13.22
C ILE B 59 43.11 21.63 12.30
N ALA B 60 43.09 22.04 11.03
CA ALA B 60 43.94 21.44 10.02
C ALA B 60 45.40 21.63 10.33
N GLU B 61 45.70 22.62 11.15
CA GLU B 61 47.09 22.96 11.42
C GLU B 61 47.76 21.83 12.19
N ASP B 62 47.05 21.27 13.16
CA ASP B 62 47.53 20.13 13.93
C ASP B 62 47.14 18.79 13.29
N PHE B 63 46.02 18.75 12.58
CA PHE B 63 45.47 17.50 12.11
C PHE B 63 46.11 17.06 10.78
N GLU B 64 46.52 18.03 9.97
CA GLU B 64 47.14 17.70 8.70
C GLU B 64 46.27 16.76 7.86
N PRO B 65 45.09 17.23 7.44
CA PRO B 65 44.26 16.47 6.52
C PRO B 65 44.85 16.34 5.13
N ASP B 66 44.57 15.21 4.51
CA ASP B 66 44.91 14.95 3.14
C ASP B 66 43.98 15.71 2.19
N PHE B 67 42.75 15.87 2.61
CA PHE B 67 41.77 16.68 1.90
C PHE B 67 40.66 17.20 2.82
N ILE B 68 39.96 18.20 2.30
CA ILE B 68 38.91 18.86 3.02
C ILE B 68 37.64 18.84 2.15
N VAL B 69 36.51 18.59 2.79
CA VAL B 69 35.28 18.58 2.06
C VAL B 69 34.38 19.66 2.65
N TYR B 70 33.81 20.47 1.77
CA TYR B 70 32.73 21.41 2.12
C TYR B 70 31.43 20.95 1.52
N GLY B 71 30.43 20.86 2.37
CA GLY B 71 29.15 20.34 1.96
C GLY B 71 28.07 21.23 2.44
N GLY B 72 27.25 21.66 1.49
CA GLY B 72 26.13 22.52 1.81
C GLY B 72 25.36 22.93 0.58
N PRO B 73 24.21 23.55 0.80
CA PRO B 73 23.38 24.11 -0.26
C PRO B 73 24.16 25.06 -1.16
N ASN B 74 23.79 25.07 -2.45
CA ASN B 74 24.12 26.13 -3.39
C ASN B 74 25.51 26.74 -3.24
N PRO B 75 26.52 26.09 -3.85
CA PRO B 75 27.91 26.52 -4.02
C PRO B 75 28.02 27.92 -4.64
N ALA B 76 26.94 28.35 -5.29
CA ALA B 76 26.90 29.65 -5.93
C ALA B 76 26.41 30.82 -5.06
N ALA B 77 25.81 30.54 -3.91
CA ALA B 77 25.37 31.60 -2.98
C ALA B 77 26.59 32.27 -2.27
N PRO B 78 26.37 33.42 -1.59
CA PRO B 78 27.46 34.24 -0.98
C PRO B 78 28.32 33.48 0.03
N GLY B 79 27.68 32.83 1.00
CA GLY B 79 28.39 32.02 1.96
C GLY B 79 29.27 30.94 1.34
N PRO B 80 28.67 30.00 0.60
CA PRO B 80 29.42 28.92 0.01
C PRO B 80 30.54 29.43 -0.90
N SER B 81 30.27 30.51 -1.61
CA SER B 81 31.30 31.17 -2.44
C SER B 81 32.59 31.56 -1.67
N LYS B 82 32.42 32.01 -0.44
CA LYS B 82 33.52 32.40 0.40
C LYS B 82 34.26 31.13 0.82
N ALA B 83 33.52 30.06 1.11
CA ALA B 83 34.15 28.78 1.46
C ALA B 83 35.01 28.28 0.30
N ARG B 84 34.51 28.44 -0.92
CA ARG B 84 35.21 27.97 -2.10
C ARG B 84 36.52 28.73 -2.27
N GLU B 85 36.47 30.04 -2.09
CA GLU B 85 37.70 30.81 -2.26
C GLU B 85 38.71 30.48 -1.17
N MET B 86 38.24 30.43 0.06
CA MET B 86 39.13 30.21 1.17
C MET B 86 39.79 28.84 1.06
N LEU B 87 38.99 27.83 0.76
CA LEU B 87 39.50 26.47 0.56
C LEU B 87 40.36 26.33 -0.68
N ALA B 88 39.96 26.95 -1.79
CA ALA B 88 40.83 26.94 -2.99
C ALA B 88 42.15 27.66 -2.73
N ASP B 89 42.13 28.72 -1.92
CA ASP B 89 43.39 29.47 -1.63
C ASP B 89 44.21 28.74 -0.57
N SER B 90 43.61 27.76 0.10
CA SER B 90 44.35 26.99 1.08
C SER B 90 45.28 25.98 0.38
N GLU B 91 46.18 25.36 1.16
CA GLU B 91 47.12 24.36 0.62
C GLU B 91 46.50 22.95 0.53
N TYR B 92 45.31 22.79 1.09
CA TYR B 92 44.61 21.48 1.11
C TYR B 92 43.75 21.26 -0.15
N PRO B 93 43.89 20.10 -0.79
CA PRO B 93 42.99 19.72 -1.84
C PRO B 93 41.57 19.70 -1.30
N ALA B 94 40.63 20.21 -2.06
CA ALA B 94 39.30 20.31 -1.53
C ALA B 94 38.18 19.98 -2.50
N VAL B 95 37.09 19.48 -1.94
CA VAL B 95 35.91 19.06 -2.70
C VAL B 95 34.66 19.75 -2.19
N ILE B 96 33.83 20.20 -3.13
CA ILE B 96 32.63 20.87 -2.78
C ILE B 96 31.46 19.92 -3.12
N ILE B 97 30.64 19.66 -2.14
CA ILE B 97 29.44 18.86 -2.32
C ILE B 97 28.28 19.84 -2.26
N GLY B 98 27.48 19.87 -3.33
CA GLY B 98 26.34 20.77 -3.40
C GLY B 98 25.26 20.20 -4.28
N ASP B 99 24.25 21.03 -4.53
CA ASP B 99 23.05 20.64 -5.28
C ASP B 99 23.01 21.30 -6.66
N ALA B 100 21.88 21.25 -7.35
CA ALA B 100 21.79 21.71 -8.72
C ALA B 100 22.14 23.18 -8.93
N PRO B 101 21.77 24.08 -8.00
CA PRO B 101 22.21 25.45 -8.31
C PRO B 101 23.70 25.62 -8.51
N GLY B 102 24.47 24.66 -8.03
CA GLY B 102 25.90 24.70 -8.11
C GLY B 102 26.45 24.57 -9.52
N LEU B 103 25.63 24.06 -10.43
CA LEU B 103 26.03 24.02 -11.84
C LEU B 103 26.38 25.40 -12.34
N LYS B 104 25.77 26.43 -11.77
CA LYS B 104 26.06 27.82 -12.17
C LYS B 104 27.56 28.18 -12.01
N VAL B 105 28.26 27.54 -11.07
CA VAL B 105 29.67 27.87 -10.86
C VAL B 105 30.64 26.71 -11.06
N LYS B 106 30.27 25.79 -11.95
CA LYS B 106 31.05 24.59 -12.16
C LYS B 106 32.36 24.96 -12.78
N ASP B 107 32.33 25.85 -13.76
CA ASP B 107 33.57 26.18 -14.45
C ASP B 107 34.44 27.03 -13.52
N GLU B 108 33.81 27.86 -12.70
CA GLU B 108 34.55 28.60 -11.69
C GLU B 108 35.28 27.69 -10.72
N MET B 109 34.62 26.63 -10.23
CA MET B 109 35.26 25.67 -9.36
C MET B 109 36.44 24.96 -10.02
N GLU B 110 36.34 24.60 -11.30
CA GLU B 110 37.47 23.96 -11.96
C GLU B 110 38.63 24.94 -12.04
N GLU B 111 38.31 26.19 -12.31
CA GLU B 111 39.33 27.20 -12.42
C GLU B 111 39.92 27.46 -11.03
N GLN B 112 39.12 27.24 -9.98
CA GLN B 112 39.59 27.38 -8.60
C GLN B 112 40.46 26.21 -8.15
N GLY B 113 40.46 25.08 -8.87
CA GLY B 113 41.26 23.92 -8.46
C GLY B 113 40.53 23.05 -7.45
N LEU B 114 39.22 23.22 -7.38
CA LEU B 114 38.38 22.49 -6.45
C LEU B 114 37.77 21.29 -7.16
N GLY B 115 37.53 20.23 -6.42
CA GLY B 115 36.67 19.16 -6.90
C GLY B 115 35.27 19.51 -6.53
N TYR B 116 34.32 18.82 -7.14
CA TYR B 116 32.92 18.92 -6.73
C TYR B 116 32.16 17.63 -6.98
N ILE B 117 31.06 17.48 -6.23
CA ILE B 117 30.07 16.48 -6.53
C ILE B 117 28.76 17.22 -6.37
N LEU B 118 28.05 17.44 -7.46
CA LEU B 118 26.79 18.15 -7.46
C LEU B 118 25.65 17.15 -7.67
N VAL B 119 24.77 17.12 -6.69
CA VAL B 119 23.69 16.12 -6.67
C VAL B 119 22.35 16.78 -7.07
N LYS B 120 21.93 16.63 -8.31
CA LYS B 120 20.72 17.35 -8.73
C LYS B 120 19.45 16.92 -7.97
N PRO B 121 19.33 15.64 -7.58
CA PRO B 121 18.12 15.22 -6.84
C PRO B 121 18.07 15.64 -5.35
N ASP B 122 19.18 16.18 -4.81
CA ASP B 122 19.25 16.74 -3.45
C ASP B 122 18.56 18.09 -3.39
N ALA B 123 17.24 18.04 -3.33
CA ALA B 123 16.42 19.18 -3.69
C ALA B 123 16.12 20.03 -2.46
N MET B 124 16.12 21.35 -2.67
CA MET B 124 15.77 22.26 -1.60
C MET B 124 14.32 22.00 -1.19
N LEU B 125 14.06 22.11 0.10
CA LEU B 125 12.73 21.88 0.66
C LEU B 125 11.92 23.14 0.73
N GLY B 126 10.70 22.96 1.24
CA GLY B 126 9.68 24.00 1.17
C GLY B 126 9.74 24.94 2.38
N ALA B 127 10.72 25.81 2.36
CA ALA B 127 11.12 26.52 3.56
C ALA B 127 10.27 27.79 3.78
N ARG B 128 8.97 27.60 4.08
CA ARG B 128 8.05 28.69 4.45
C ARG B 128 7.55 28.43 5.89
N ARG B 129 7.63 29.45 6.75
CA ARG B 129 7.25 29.32 8.17
C ARG B 129 5.90 28.66 8.45
N GLU B 130 4.92 28.94 7.61
CA GLU B 130 3.57 28.43 7.78
C GLU B 130 3.47 26.90 7.65
N PHE B 131 4.48 26.32 7.02
CA PHE B 131 4.50 24.92 6.70
C PHE B 131 5.70 24.16 7.30
N LEU B 132 6.90 24.71 7.14
CA LEU B 132 8.08 24.00 7.58
C LEU B 132 8.43 24.22 9.06
N ASP B 133 8.04 23.26 9.90
CA ASP B 133 8.53 23.25 11.28
C ASP B 133 9.63 22.19 11.38
N PRO B 134 10.19 22.00 12.57
CA PRO B 134 11.26 21.04 12.66
C PRO B 134 10.87 19.62 12.28
N VAL B 135 9.66 19.19 12.68
CA VAL B 135 9.19 17.84 12.38
C VAL B 135 8.97 17.70 10.88
N GLU B 136 8.38 18.70 10.23
CA GLU B 136 8.24 18.58 8.78
C GLU B 136 9.62 18.57 8.04
N MET B 137 10.57 19.39 8.50
CA MET B 137 11.94 19.39 7.97
C MET B 137 12.58 18.00 8.02
N ALA B 138 12.38 17.35 9.14
CA ALA B 138 13.01 16.05 9.38
C ALA B 138 12.31 14.95 8.60
N ILE B 139 11.00 15.06 8.41
CA ILE B 139 10.26 14.12 7.54
C ILE B 139 10.73 14.22 6.09
N TYR B 140 10.86 15.46 5.61
CA TYR B 140 11.38 15.65 4.25
C TYR B 140 12.75 15.01 4.13
N ASN B 141 13.61 15.25 5.11
CA ASN B 141 14.93 14.66 5.10
C ASN B 141 14.95 13.13 5.10
N ALA B 142 14.01 12.51 5.80
CA ALA B 142 13.90 11.05 5.88
C ALA B 142 13.58 10.51 4.51
N ASP B 143 12.58 11.13 3.89
CA ASP B 143 12.15 10.79 2.50
C ASP B 143 13.31 10.96 1.51
N LEU B 144 13.94 12.13 1.52
CA LEU B 144 15.13 12.37 0.68
C LEU B 144 16.31 11.42 0.90
N MET B 145 16.71 11.17 2.14
CA MET B 145 17.66 10.12 2.45
C MET B 145 17.32 8.73 1.88
N LYS B 146 16.07 8.32 2.04
CA LYS B 146 15.58 7.11 1.40
C LYS B 146 15.83 7.13 -0.12
N VAL B 147 15.41 8.20 -0.80
CA VAL B 147 15.65 8.31 -2.22
C VAL B 147 17.16 8.19 -2.58
N LEU B 148 18.03 8.97 -1.94
CA LEU B 148 19.42 9.04 -2.32
C LEU B 148 20.16 7.71 -2.05
N ALA B 149 19.77 7.08 -0.94
CA ALA B 149 20.22 5.76 -0.58
C ALA B 149 19.73 4.61 -1.44
N ALA B 150 18.41 4.38 -1.49
CA ALA B 150 17.87 3.23 -2.24
C ALA B 150 18.09 3.30 -3.77
N THR B 151 18.20 4.49 -4.35
CA THR B 151 18.49 4.60 -5.79
C THR B 151 19.96 4.37 -6.15
N GLY B 152 20.86 4.41 -5.17
CA GLY B 152 22.30 4.24 -5.45
C GLY B 152 23.12 5.52 -5.59
N VAL B 153 22.50 6.68 -5.37
CA VAL B 153 23.22 7.94 -5.47
C VAL B 153 24.32 7.96 -4.43
N PHE B 154 23.98 7.53 -3.24
CA PHE B 154 24.96 7.51 -2.18
C PHE B 154 26.09 6.53 -2.49
N ARG B 155 25.78 5.44 -3.14
CA ARG B 155 26.87 4.55 -3.53
C ARG B 155 27.83 5.23 -4.53
N VAL B 156 27.30 6.08 -5.42
CA VAL B 156 28.18 6.84 -6.34
C VAL B 156 29.10 7.79 -5.58
N VAL B 157 28.54 8.49 -4.62
CA VAL B 157 29.30 9.30 -3.68
C VAL B 157 30.38 8.50 -2.90
N GLN B 158 29.99 7.40 -2.22
CA GLN B 158 30.93 6.49 -1.57
C GLN B 158 32.11 6.15 -2.45
N GLU B 159 31.84 5.75 -3.69
CA GLU B 159 32.88 5.31 -4.64
C GLU B 159 33.81 6.46 -4.98
N ALA B 160 33.24 7.65 -5.17
CA ALA B 160 34.02 8.83 -5.51
C ALA B 160 35.02 9.18 -4.37
N PHE B 161 34.52 9.16 -3.14
CA PHE B 161 35.34 9.43 -1.99
C PHE B 161 36.29 8.28 -1.71
N ASP B 162 35.88 7.04 -2.01
CA ASP B 162 36.82 5.92 -1.75
C ASP B 162 38.03 5.97 -2.67
N GLU B 163 37.85 6.44 -3.90
CA GLU B 163 38.94 6.49 -4.86
C GLU B 163 39.97 7.52 -4.42
N LEU B 164 39.43 8.61 -3.89
CA LEU B 164 40.23 9.70 -3.40
C LEU B 164 40.97 9.31 -2.10
N ILE B 165 40.30 8.60 -1.20
CA ILE B 165 40.97 8.05 -0.01
C ILE B 165 42.14 7.15 -0.43
N GLU B 166 41.93 6.24 -1.36
CA GLU B 166 43.01 5.35 -1.81
C GLU B 166 44.21 6.12 -2.40
N LYS B 167 43.93 7.16 -3.19
CA LYS B 167 45.02 7.99 -3.71
C LYS B 167 45.73 8.75 -2.59
N ALA B 168 44.95 9.16 -1.59
CA ALA B 168 45.47 9.94 -0.46
C ALA B 168 46.36 9.09 0.43
N LYS B 169 46.14 7.78 0.42
CA LYS B 169 46.99 6.91 1.19
C LYS B 169 48.36 6.84 0.51
N GLU B 170 48.50 7.48 -0.65
CA GLU B 170 49.81 7.58 -1.32
C GLU B 170 50.29 9.04 -1.34
N ASP B 171 49.78 9.82 -0.39
CA ASP B 171 50.04 11.25 -0.30
C ASP B 171 50.53 11.87 -1.61
N GLU B 172 49.59 12.13 -2.49
CA GLU B 172 49.74 13.14 -3.51
C GLU B 172 48.40 13.29 -4.18
N ILE B 173 47.55 14.13 -3.62
CA ILE B 173 46.35 14.48 -4.31
C ILE B 173 46.63 15.69 -5.17
N SER B 174 46.75 15.47 -6.46
CA SER B 174 46.77 16.58 -7.38
C SER B 174 45.33 16.99 -7.65
N GLU B 175 45.17 18.16 -8.23
CA GLU B 175 43.87 18.63 -8.65
C GLU B 175 43.20 17.60 -9.54
N ASN B 176 44.00 16.97 -10.40
CA ASN B 176 43.44 16.07 -11.41
C ASN B 176 42.77 14.83 -10.83
N ASP B 177 43.12 14.50 -9.59
CA ASP B 177 42.54 13.37 -8.87
C ASP B 177 41.22 13.73 -8.21
N LEU B 178 40.89 15.02 -8.14
CA LEU B 178 39.68 15.43 -7.39
C LEU B 178 38.44 15.17 -8.20
N PRO B 179 37.42 14.59 -7.58
CA PRO B 179 36.28 14.29 -8.43
C PRO B 179 35.71 15.52 -9.08
N LYS B 180 35.01 15.29 -10.17
CA LYS B 180 34.28 16.35 -10.83
C LYS B 180 32.99 15.72 -11.32
N LEU B 181 31.99 15.59 -10.43
CA LEU B 181 30.79 14.79 -10.71
C LEU B 181 29.52 15.61 -10.66
N VAL B 182 28.62 15.31 -11.59
CA VAL B 182 27.25 15.84 -11.60
C VAL B 182 26.34 14.62 -11.64
N ILE B 183 25.50 14.47 -10.64
CA ILE B 183 24.75 13.23 -10.50
C ILE B 183 23.29 13.54 -10.70
N ASP B 184 22.63 12.81 -11.58
CA ASP B 184 21.18 12.94 -11.79
C ASP B 184 20.57 11.59 -12.21
N ARG B 185 19.27 11.61 -12.58
CA ARG B 185 18.61 10.43 -13.10
C ARG B 185 19.52 9.62 -14.03
N ASN B 186 20.08 10.23 -15.07
CA ASN B 186 20.86 9.47 -16.06
C ASN B 186 22.15 8.83 -15.58
N THR B 187 22.59 9.16 -14.37
CA THR B 187 23.80 8.57 -13.81
C THR B 187 23.60 7.06 -13.65
N LEU B 188 22.36 6.66 -13.34
CA LEU B 188 22.00 5.25 -13.27
C LEU B 188 22.25 4.44 -14.52
N LEU B 189 22.18 5.06 -15.70
CA LEU B 189 22.39 4.34 -16.95
C LEU B 189 23.85 3.92 -17.22
N GLU B 190 24.80 4.41 -16.43
CA GLU B 190 26.18 3.97 -16.62
C GLU B 190 26.67 3.15 -15.46
N ARG B 191 25.73 2.74 -14.61
CA ARG B 191 26.03 1.97 -13.42
C ARG B 191 25.47 0.57 -13.59
N GLU B 192 25.85 -0.31 -12.69
CA GLU B 192 25.29 -1.64 -12.62
C GLU B 192 24.70 -1.84 -11.24
N GLU B 193 23.93 -0.86 -10.77
CA GLU B 193 23.41 -0.88 -9.41
C GLU B 193 22.37 -2.01 -9.35
N PHE B 194 21.44 -2.01 -10.29
CA PHE B 194 20.26 -2.87 -10.28
C PHE B 194 20.33 -4.09 -11.19
N GLU B 195 20.04 -5.27 -10.63
CA GLU B 195 20.04 -6.47 -11.40
C GLU B 195 18.75 -6.48 -12.17
N ASN B 196 17.68 -5.93 -11.59
CA ASN B 196 16.37 -5.93 -12.27
C ASN B 196 16.13 -4.59 -12.99
N PRO B 197 15.83 -4.63 -14.30
CA PRO B 197 15.69 -3.37 -15.04
C PRO B 197 14.53 -2.50 -14.58
N TYR B 198 13.45 -3.10 -14.08
CA TYR B 198 12.36 -2.29 -13.52
C TYR B 198 12.74 -1.63 -12.21
N ALA B 199 13.58 -2.25 -11.38
CA ALA B 199 14.13 -1.55 -10.21
C ALA B 199 14.91 -0.34 -10.75
N MET B 200 15.70 -0.54 -11.78
CA MET B 200 16.44 0.57 -12.27
C MET B 200 15.54 1.73 -12.71
N VAL B 201 14.47 1.45 -13.46
CA VAL B 201 13.66 2.53 -14.06
C VAL B 201 12.78 3.21 -13.02
N LYS B 202 12.46 2.47 -11.97
CA LYS B 202 11.76 3.03 -10.81
C LYS B 202 12.68 4.00 -10.07
N ALA B 203 13.93 3.59 -9.87
CA ALA B 203 15.00 4.45 -9.30
C ALA B 203 15.17 5.75 -10.08
N MET B 204 15.16 5.62 -11.40
CA MET B 204 15.29 6.77 -12.32
C MET B 204 14.15 7.71 -12.14
N ALA B 205 12.96 7.12 -12.03
CA ALA B 205 11.75 7.89 -11.82
C ALA B 205 11.86 8.64 -10.54
N ALA B 206 12.24 7.93 -9.48
CA ALA B 206 12.43 8.56 -8.20
C ALA B 206 13.36 9.79 -8.25
N LEU B 207 14.51 9.62 -8.91
CA LEU B 207 15.51 10.69 -9.05
C LEU B 207 14.99 11.82 -9.91
N GLU B 208 14.20 11.51 -10.92
CA GLU B 208 13.58 12.55 -11.71
C GLU B 208 12.64 13.37 -10.84
N ILE B 209 11.76 12.69 -10.13
CA ILE B 209 10.81 13.39 -9.25
C ILE B 209 11.53 14.26 -8.22
N ALA B 210 12.54 13.68 -7.60
CA ALA B 210 13.34 14.37 -6.60
C ALA B 210 14.01 15.64 -7.17
N GLU B 211 14.45 15.56 -8.42
CA GLU B 211 15.06 16.71 -9.03
C GLU B 211 14.00 17.80 -9.32
N ASN B 212 12.79 17.40 -9.74
CA ASN B 212 11.70 18.31 -10.00
C ASN B 212 11.18 18.98 -8.73
N VAL B 213 11.38 18.36 -7.58
CA VAL B 213 10.97 18.96 -6.33
C VAL B 213 11.62 20.32 -6.18
N ALA B 214 12.92 20.38 -6.43
CA ALA B 214 13.66 21.64 -6.40
C ALA B 214 12.99 22.84 -7.06
N ASP B 215 12.45 22.67 -8.25
CA ASP B 215 11.77 23.75 -8.95
C ASP B 215 10.52 24.20 -8.21
N VAL B 216 9.80 23.25 -7.60
CA VAL B 216 8.56 23.57 -6.86
C VAL B 216 8.86 24.41 -5.64
N SER B 217 9.85 24.00 -4.89
CA SER B 217 10.32 24.72 -3.72
C SER B 217 10.77 26.12 -4.05
N VAL B 218 11.53 26.26 -5.14
CA VAL B 218 12.05 27.55 -5.54
C VAL B 218 10.87 28.50 -5.87
N GLU B 219 9.90 27.97 -6.60
CA GLU B 219 8.72 28.76 -6.95
C GLU B 219 8.06 29.17 -5.67
N GLY B 220 7.85 28.22 -4.77
CA GLY B 220 7.08 28.49 -3.54
C GLY B 220 7.81 29.37 -2.52
N CYS B 221 9.14 29.34 -2.53
CA CYS B 221 9.97 30.13 -1.59
C CYS B 221 10.51 31.46 -2.09
N PHE B 222 10.70 31.61 -3.40
CA PHE B 222 11.37 32.76 -3.97
C PHE B 222 10.53 33.50 -5.00
N VAL B 223 9.52 32.85 -5.58
CA VAL B 223 8.74 33.52 -6.63
C VAL B 223 7.35 33.98 -6.20
N GLU B 224 6.53 33.02 -5.81
CA GLU B 224 5.21 33.31 -5.33
C GLU B 224 5.23 34.06 -4.01
N GLN B 225 4.57 35.21 -3.95
CA GLN B 225 4.46 36.03 -2.71
C GLN B 225 3.12 35.94 -1.94
N ASP B 226 2.13 35.27 -2.48
CA ASP B 226 0.81 35.21 -1.82
C ASP B 226 0.75 33.91 -1.03
N LYS B 227 0.51 34.00 0.28
CA LYS B 227 0.58 32.80 1.11
C LYS B 227 -0.51 31.79 0.78
N GLU B 228 -1.67 32.26 0.36
CA GLU B 228 -2.73 31.35 -0.06
C GLU B 228 -2.26 30.47 -1.21
N ARG B 229 -1.24 30.93 -1.93
CA ARG B 229 -0.69 30.16 -3.06
C ARG B 229 0.61 29.45 -2.67
N TYR B 230 1.47 30.18 -1.98
CA TYR B 230 2.78 29.56 -1.72
C TYR B 230 2.80 28.45 -0.68
N VAL B 231 1.87 28.44 0.27
CA VAL B 231 1.82 27.34 1.22
C VAL B 231 1.36 26.02 0.51
N PRO B 232 0.25 26.05 -0.27
CA PRO B 232 -0.02 24.86 -1.09
C PRO B 232 1.20 24.40 -1.93
N ILE B 233 1.89 25.34 -2.55
CA ILE B 233 2.98 25.02 -3.48
C ILE B 233 4.13 24.31 -2.73
N VAL B 234 4.50 24.81 -1.55
CA VAL B 234 5.65 24.18 -0.92
C VAL B 234 5.24 22.79 -0.39
N ALA B 235 4.00 22.68 0.14
CA ALA B 235 3.54 21.40 0.67
C ALA B 235 3.49 20.40 -0.46
N SER B 236 3.07 20.83 -1.64
CA SER B 236 2.99 19.92 -2.79
C SER B 236 4.37 19.30 -3.06
N ALA B 237 5.43 20.08 -2.89
CA ALA B 237 6.78 19.62 -3.18
C ALA B 237 7.15 18.51 -2.25
N HIS B 238 6.72 18.65 -1.02
CA HIS B 238 6.93 17.59 -0.02
C HIS B 238 6.17 16.30 -0.30
N GLU B 239 4.94 16.41 -0.77
CA GLU B 239 4.16 15.24 -1.22
C GLU B 239 4.88 14.50 -2.36
N MET B 240 5.52 15.25 -3.25
CA MET B 240 6.31 14.67 -4.36
C MET B 240 7.45 13.86 -3.76
N MET B 241 8.18 14.46 -2.84
CA MET B 241 9.37 13.74 -2.35
C MET B 241 8.95 12.46 -1.63
N ARG B 242 7.79 12.53 -1.03
CA ARG B 242 7.29 11.38 -0.28
C ARG B 242 7.02 10.25 -1.24
N LYS B 243 6.50 10.58 -2.42
CA LYS B 243 6.29 9.57 -3.44
C LYS B 243 7.59 9.10 -4.09
N ALA B 244 8.58 9.98 -4.24
CA ALA B 244 9.87 9.51 -4.76
C ALA B 244 10.42 8.47 -3.80
N ALA B 245 10.30 8.70 -2.53
CA ALA B 245 10.88 7.75 -1.59
C ALA B 245 10.15 6.41 -1.70
N GLU B 246 8.84 6.47 -1.93
CA GLU B 246 8.05 5.25 -2.12
C GLU B 246 8.56 4.50 -3.38
N LEU B 247 8.76 5.19 -4.49
CA LEU B 247 9.37 4.54 -5.66
C LEU B 247 10.71 3.90 -5.39
N ALA B 248 11.52 4.56 -4.62
CA ALA B 248 12.88 4.05 -4.37
C ALA B 248 12.77 2.77 -3.49
N ASP B 249 11.83 2.78 -2.58
CA ASP B 249 11.54 1.62 -1.74
C ASP B 249 11.08 0.47 -2.62
N GLU B 250 10.18 0.79 -3.56
CA GLU B 250 9.69 -0.21 -4.48
C GLU B 250 10.83 -0.82 -5.24
N ALA B 251 11.79 0.01 -5.66
CA ALA B 251 12.89 -0.50 -6.43
C ALA B 251 13.67 -1.45 -5.57
N ARG B 252 13.91 -1.07 -4.32
CA ARG B 252 14.75 -1.91 -3.46
C ARG B 252 14.04 -3.27 -3.16
N GLU B 253 12.73 -3.22 -2.91
CA GLU B 253 11.96 -4.46 -2.77
C GLU B 253 12.06 -5.40 -3.97
N LEU B 254 12.04 -4.85 -5.19
CA LEU B 254 12.15 -5.66 -6.39
C LEU B 254 13.48 -6.43 -6.39
N GLU B 255 14.55 -5.79 -5.92
CA GLU B 255 15.88 -6.40 -5.81
C GLU B 255 15.92 -7.50 -4.72
N LYS B 256 15.24 -7.26 -3.62
CA LYS B 256 15.05 -8.30 -2.58
C LYS B 256 14.33 -9.53 -3.16
N SER B 257 13.31 -9.31 -3.98
CA SER B 257 12.55 -10.42 -4.55
C SER B 257 13.44 -11.29 -5.44
N ASN B 258 14.56 -10.75 -5.90
CA ASN B 258 15.51 -11.59 -6.65
C ASN B 258 16.75 -11.98 -5.92
N ASP B 259 16.78 -11.72 -4.61
CA ASP B 259 17.97 -11.90 -3.80
C ASP B 259 19.15 -11.29 -4.53
N ALA B 260 18.98 -10.05 -4.98
CA ALA B 260 20.02 -9.40 -5.77
C ALA B 260 20.33 -7.99 -5.30
N VAL B 261 20.23 -7.75 -4.00
CA VAL B 261 20.54 -6.45 -3.43
C VAL B 261 22.05 -6.21 -3.40
N LEU B 262 22.52 -5.21 -4.14
CA LEU B 262 23.97 -4.89 -4.09
C LEU B 262 24.36 -4.38 -2.69
N ARG B 263 25.40 -4.95 -2.13
CA ARG B 263 25.92 -4.33 -0.94
C ARG B 263 27.44 -4.20 -1.12
N THR B 264 27.98 -3.04 -0.77
CA THR B 264 29.39 -2.78 -0.96
C THR B 264 30.04 -2.24 0.34
N PRO B 265 30.11 -3.07 1.38
CA PRO B 265 30.82 -2.71 2.63
C PRO B 265 32.33 -2.55 2.48
N HIS B 266 32.93 -1.75 3.37
CA HIS B 266 34.40 -1.68 3.48
C HIS B 266 34.92 -2.73 4.43
N ALA B 267 36.06 -3.29 4.09
CA ALA B 267 36.87 -4.10 4.97
C ALA B 267 37.56 -3.16 5.96
N PRO B 268 38.10 -3.71 7.07
CA PRO B 268 38.85 -2.88 8.01
C PRO B 268 40.03 -2.15 7.37
N ASP B 269 40.64 -2.71 6.33
CA ASP B 269 41.76 -2.03 5.67
C ASP B 269 41.26 -1.04 4.62
N GLY B 270 39.94 -0.91 4.54
CA GLY B 270 39.28 0.10 3.74
C GLY B 270 38.90 -0.41 2.35
N LYS B 271 39.34 -1.61 1.99
CA LYS B 271 38.94 -2.20 0.71
C LYS B 271 37.43 -2.25 0.58
N VAL B 272 36.97 -1.87 -0.59
CA VAL B 272 35.54 -1.88 -0.89
C VAL B 272 35.15 -3.26 -1.40
N LEU B 273 34.37 -3.96 -0.61
CA LEU B 273 33.94 -5.31 -0.99
C LEU B 273 32.60 -5.22 -1.73
N SER B 274 32.17 -6.36 -2.23
CA SER B 274 30.90 -6.40 -2.91
C SER B 274 30.23 -7.76 -2.82
N LYS B 275 28.91 -7.72 -2.73
CA LYS B 275 28.11 -8.92 -2.71
C LYS B 275 26.77 -8.61 -3.33
N ARG B 276 26.09 -9.67 -3.75
CA ARG B 276 24.77 -9.60 -4.28
C ARG B 276 23.81 -10.50 -3.51
N LYS B 277 24.24 -11.71 -3.22
CA LYS B 277 23.38 -12.71 -2.59
C LYS B 277 23.40 -12.56 -1.08
N PHE B 278 22.21 -12.60 -0.50
CA PHE B 278 22.05 -12.24 0.90
C PHE B 278 23.05 -13.00 1.78
N MET B 279 23.21 -14.29 1.56
CA MET B 279 23.99 -15.11 2.51
C MET B 279 25.48 -15.15 2.23
N GLU B 280 25.92 -14.54 1.15
CA GLU B 280 27.31 -14.70 0.68
C GLU B 280 28.26 -13.65 1.27
N ASP B 281 29.47 -14.04 1.68
CA ASP B 281 30.43 -13.11 2.24
C ASP B 281 30.89 -12.10 1.17
N PRO B 282 31.00 -10.81 1.51
CA PRO B 282 31.45 -9.86 0.50
C PRO B 282 32.93 -10.05 0.22
N GLU B 283 33.34 -9.91 -1.03
CA GLU B 283 34.70 -10.18 -1.40
C GLU B 283 35.21 -9.00 -2.21
N THR C 2 -4.55 -48.20 9.95
CA THR C 2 -4.73 -47.78 11.37
C THR C 2 -5.21 -46.35 11.39
N VAL C 3 -6.22 -46.09 12.21
CA VAL C 3 -6.70 -44.76 12.43
C VAL C 3 -6.20 -44.29 13.80
N ALA C 4 -5.41 -43.22 13.81
CA ALA C 4 -5.04 -42.54 15.05
C ALA C 4 -6.17 -41.65 15.52
N LYS C 5 -6.35 -41.58 16.82
CA LYS C 5 -7.48 -40.85 17.39
C LYS C 5 -7.00 -39.92 18.48
N ALA C 6 -7.54 -38.71 18.46
CA ALA C 6 -7.21 -37.74 19.45
C ALA C 6 -8.41 -36.88 19.84
N ILE C 7 -8.36 -36.45 21.09
CA ILE C 7 -9.29 -35.48 21.61
C ILE C 7 -8.56 -34.17 21.85
N PHE C 8 -9.16 -33.07 21.40
CA PHE C 8 -8.60 -31.74 21.63
C PHE C 8 -9.50 -30.95 22.59
N ILE C 9 -8.88 -30.37 23.62
CA ILE C 9 -9.57 -29.61 24.64
C ILE C 9 -9.18 -28.15 24.55
N LYS C 10 -10.20 -27.30 24.47
CA LYS C 10 -9.99 -25.88 24.19
C LYS C 10 -10.64 -25.06 25.27
N CYS C 11 -9.82 -24.47 26.12
CA CYS C 11 -10.30 -23.52 27.12
C CYS C 11 -9.59 -22.18 27.00
N GLY C 12 -10.37 -21.12 26.81
CA GLY C 12 -9.82 -19.81 26.56
C GLY C 12 -9.46 -19.77 25.07
N ASN C 13 -8.87 -18.69 24.60
CA ASN C 13 -8.49 -18.65 23.18
C ASN C 13 -7.08 -18.18 22.90
N LEU C 14 -6.49 -18.85 21.91
CA LEU C 14 -5.16 -18.63 21.41
C LEU C 14 -5.27 -18.85 19.90
N GLY C 15 -4.47 -18.14 19.11
CA GLY C 15 -4.49 -18.40 17.70
C GLY C 15 -4.15 -19.84 17.45
N THR C 16 -3.21 -20.36 18.20
CA THR C 16 -2.77 -21.70 17.86
C THR C 16 -3.77 -22.79 18.25
N SER C 17 -4.49 -22.58 19.34
CA SER C 17 -5.44 -23.59 19.77
C SER C 17 -6.72 -23.47 18.97
N MET C 18 -6.97 -22.29 18.42
CA MET C 18 -8.15 -22.14 17.56
C MET C 18 -8.00 -23.01 16.30
N MET C 19 -6.79 -23.10 15.75
CA MET C 19 -6.59 -23.84 14.51
C MET C 19 -5.95 -25.24 14.57
N MET C 20 -5.44 -25.64 15.73
CA MET C 20 -4.58 -26.83 15.84
C MET C 20 -5.15 -28.06 15.14
N ASP C 21 -6.44 -28.30 15.36
CA ASP C 21 -7.04 -29.53 14.86
C ASP C 21 -7.27 -29.49 13.36
N MET C 22 -7.68 -28.33 12.84
CA MET C 22 -7.90 -28.20 11.40
C MET C 22 -6.65 -28.24 10.56
N LEU C 23 -5.54 -27.86 11.18
CA LEU C 23 -4.25 -27.92 10.52
C LEU C 23 -3.85 -29.34 10.14
N LEU C 24 -4.42 -30.33 10.81
CA LEU C 24 -4.08 -31.71 10.57
C LEU C 24 -4.95 -32.35 9.47
N ASP C 25 -6.02 -31.69 9.05
CA ASP C 25 -6.89 -32.30 8.02
C ASP C 25 -7.61 -31.25 7.16
N GLU C 26 -6.82 -30.50 6.39
CA GLU C 26 -7.26 -29.26 5.79
C GLU C 26 -8.34 -29.38 4.69
N ARG C 27 -8.49 -30.56 4.09
CA ARG C 27 -9.59 -30.78 3.13
C ARG C 27 -10.54 -31.92 3.63
N ALA C 28 -10.39 -32.31 4.89
CA ALA C 28 -11.24 -33.33 5.51
C ALA C 28 -11.20 -34.69 4.82
N ASP C 29 -10.12 -34.96 4.12
CA ASP C 29 -10.01 -36.17 3.35
C ASP C 29 -8.95 -37.13 3.91
N ARG C 30 -8.49 -36.88 5.12
CA ARG C 30 -7.61 -37.86 5.75
C ARG C 30 -8.44 -39.06 6.22
N GLU C 31 -7.93 -40.26 5.98
CA GLU C 31 -8.61 -41.49 6.35
C GLU C 31 -7.89 -42.14 7.51
N ASP C 32 -6.89 -41.48 8.09
CA ASP C 32 -6.07 -42.12 9.09
C ASP C 32 -6.19 -41.42 10.43
N VAL C 33 -7.15 -40.51 10.55
CA VAL C 33 -7.35 -39.81 11.80
C VAL C 33 -8.84 -39.50 12.02
N GLU C 34 -9.23 -39.46 13.29
CA GLU C 34 -10.57 -39.05 13.69
C GLU C 34 -10.35 -38.27 14.98
N PHE C 35 -11.03 -37.15 15.11
CA PHE C 35 -10.82 -36.31 16.27
C PHE C 35 -12.12 -35.97 16.93
N ARG C 36 -12.05 -35.66 18.22
CA ARG C 36 -13.15 -35.00 18.92
C ARG C 36 -12.61 -33.72 19.54
N VAL C 37 -13.44 -32.68 19.56
CA VAL C 37 -13.04 -31.40 20.12
C VAL C 37 -14.05 -30.99 21.21
N VAL C 38 -13.58 -30.71 22.42
CA VAL C 38 -14.46 -30.29 23.54
C VAL C 38 -13.88 -29.03 24.19
N GLY C 39 -14.74 -28.19 24.78
CA GLY C 39 -14.25 -27.09 25.55
C GLY C 39 -15.35 -26.25 26.15
N THR C 40 -14.94 -25.19 26.82
CA THR C 40 -15.84 -24.30 27.47
C THR C 40 -15.70 -22.90 26.92
N SER C 41 -15.44 -22.79 25.63
CA SER C 41 -15.23 -21.50 24.96
C SER C 41 -14.13 -20.68 25.64
N VAL C 42 -14.37 -19.39 25.84
CA VAL C 42 -13.38 -18.44 26.35
C VAL C 42 -13.06 -18.60 27.84
N LYS C 43 -13.88 -19.31 28.60
CA LYS C 43 -13.68 -19.36 30.05
C LYS C 43 -12.63 -20.43 30.42
N MET C 44 -11.69 -20.05 31.26
CA MET C 44 -10.61 -20.94 31.64
C MET C 44 -10.27 -20.86 33.12
N ASP C 45 -11.22 -20.47 33.96
CA ASP C 45 -11.00 -20.61 35.39
C ASP C 45 -10.93 -22.10 35.73
N PRO C 46 -10.44 -22.43 36.93
CA PRO C 46 -10.24 -23.83 37.30
C PRO C 46 -11.52 -24.67 37.27
N GLU C 47 -12.65 -24.06 37.64
CA GLU C 47 -13.96 -24.70 37.51
C GLU C 47 -14.28 -25.15 36.08
N CYS C 48 -14.10 -24.25 35.12
CA CYS C 48 -14.42 -24.55 33.74
C CYS C 48 -13.44 -25.52 33.10
N VAL C 49 -12.17 -25.40 33.42
CA VAL C 49 -11.17 -26.29 32.86
C VAL C 49 -11.44 -27.67 33.40
N GLU C 50 -11.65 -27.79 34.71
CA GLU C 50 -12.02 -29.08 35.23
C GLU C 50 -13.20 -29.70 34.50
N ALA C 51 -14.21 -28.90 34.17
CA ALA C 51 -15.38 -29.48 33.51
C ALA C 51 -15.10 -29.88 32.06
N ALA C 52 -14.13 -29.22 31.42
CA ALA C 52 -13.80 -29.48 30.03
C ALA C 52 -12.99 -30.77 29.97
N VAL C 53 -12.09 -30.94 30.94
CA VAL C 53 -11.27 -32.13 30.97
C VAL C 53 -12.14 -33.35 31.32
N GLU C 54 -13.09 -33.19 32.25
CA GLU C 54 -14.00 -34.29 32.53
C GLU C 54 -14.85 -34.65 31.31
N MET C 55 -15.25 -33.64 30.53
CA MET C 55 -15.95 -33.93 29.28
C MET C 55 -15.06 -34.79 28.40
N ALA C 56 -13.81 -34.36 28.23
CA ALA C 56 -12.84 -35.10 27.44
C ALA C 56 -12.58 -36.50 27.99
N LEU C 57 -12.45 -36.64 29.30
CA LEU C 57 -12.18 -37.96 29.84
C LEU C 57 -13.40 -38.91 29.72
N ASP C 58 -14.59 -38.41 30.02
CA ASP C 58 -15.80 -39.18 29.73
C ASP C 58 -15.80 -39.71 28.28
N ILE C 59 -15.62 -38.83 27.32
CA ILE C 59 -15.63 -39.24 25.93
C ILE C 59 -14.54 -40.27 25.71
N ALA C 60 -13.40 -40.09 26.36
CA ALA C 60 -12.27 -40.95 26.08
C ALA C 60 -12.60 -42.42 26.39
N GLU C 61 -13.45 -42.66 27.39
CA GLU C 61 -13.85 -44.01 27.77
C GLU C 61 -14.18 -44.88 26.55
N ASP C 62 -15.00 -44.32 25.65
CA ASP C 62 -15.52 -45.04 24.50
C ASP C 62 -14.70 -44.76 23.25
N PHE C 63 -14.20 -43.53 23.13
CA PHE C 63 -13.54 -43.10 21.91
C PHE C 63 -12.14 -43.70 21.86
N GLU C 64 -11.54 -43.91 23.03
CA GLU C 64 -10.22 -44.52 23.17
C GLU C 64 -9.12 -43.82 22.33
N PRO C 65 -8.83 -42.54 22.62
CA PRO C 65 -7.87 -41.79 21.84
C PRO C 65 -6.45 -42.23 22.11
N ASP C 66 -5.58 -41.97 21.14
CA ASP C 66 -4.17 -42.23 21.27
C ASP C 66 -3.48 -41.13 22.07
N PHE C 67 -4.03 -39.93 21.99
CA PHE C 67 -3.53 -38.84 22.79
C PHE C 67 -4.57 -37.74 22.95
N ILE C 68 -4.32 -36.90 23.94
CA ILE C 68 -5.18 -35.74 24.22
C ILE C 68 -4.33 -34.47 24.14
N VAL C 69 -4.92 -33.41 23.63
CA VAL C 69 -4.24 -32.14 23.51
C VAL C 69 -5.04 -31.08 24.27
N TYR C 70 -4.37 -30.30 25.10
CA TYR C 70 -5.08 -29.21 25.75
C TYR C 70 -4.51 -27.93 25.21
N GLY C 71 -5.36 -27.10 24.63
CA GLY C 71 -4.91 -25.85 24.09
C GLY C 71 -5.59 -24.63 24.63
N GLY C 72 -4.77 -23.68 25.02
CA GLY C 72 -5.24 -22.40 25.47
C GLY C 72 -4.18 -21.58 26.14
N PRO C 73 -4.55 -20.38 26.55
CA PRO C 73 -3.57 -19.47 27.06
C PRO C 73 -2.97 -19.92 28.37
N ASN C 74 -1.76 -19.42 28.62
CA ASN C 74 -1.03 -19.50 29.91
C ASN C 74 -1.17 -20.79 30.71
N PRO C 75 -0.41 -21.81 30.30
CA PRO C 75 -0.29 -23.08 30.98
C PRO C 75 0.02 -22.90 32.47
N ALA C 76 0.56 -21.75 32.87
CA ALA C 76 0.92 -21.58 34.28
C ALA C 76 -0.21 -21.01 35.13
N ALA C 77 -1.34 -20.72 34.48
CA ALA C 77 -2.45 -20.07 35.16
C ALA C 77 -3.22 -21.14 35.98
N PRO C 78 -4.09 -20.72 36.90
CA PRO C 78 -4.75 -21.69 37.81
C PRO C 78 -5.59 -22.75 37.07
N GLY C 79 -6.39 -22.34 36.09
CA GLY C 79 -7.22 -23.28 35.34
C GLY C 79 -6.39 -24.31 34.60
N PRO C 80 -5.52 -23.84 33.69
CA PRO C 80 -4.66 -24.70 32.91
C PRO C 80 -3.78 -25.58 33.77
N SER C 81 -3.32 -25.04 34.90
CA SER C 81 -2.55 -25.86 35.84
C SER C 81 -3.36 -27.07 36.34
N LYS C 82 -4.67 -26.90 36.51
CA LYS C 82 -5.56 -27.98 36.87
C LYS C 82 -5.63 -29.05 35.77
N ALA C 83 -5.71 -28.55 34.53
CA ALA C 83 -5.77 -29.39 33.35
C ALA C 83 -4.49 -30.21 33.22
N ARG C 84 -3.35 -29.59 33.53
CA ARG C 84 -2.08 -30.32 33.50
C ARG C 84 -2.05 -31.43 34.55
N GLU C 85 -2.52 -31.14 35.74
CA GLU C 85 -2.48 -32.16 36.81
C GLU C 85 -3.35 -33.36 36.46
N MET C 86 -4.53 -33.08 35.93
CA MET C 86 -5.47 -34.11 35.56
C MET C 86 -4.93 -34.95 34.41
N LEU C 87 -4.42 -34.31 33.37
CA LEU C 87 -3.96 -35.06 32.19
C LEU C 87 -2.71 -35.87 32.50
N ALA C 88 -1.80 -35.33 33.31
CA ALA C 88 -0.55 -36.00 33.66
C ALA C 88 -0.79 -37.27 34.44
N ASP C 89 -1.76 -37.20 35.36
CA ASP C 89 -2.15 -38.35 36.16
C ASP C 89 -2.95 -39.35 35.32
N SER C 90 -3.35 -38.97 34.12
CA SER C 90 -4.21 -39.86 33.34
C SER C 90 -3.41 -40.91 32.58
N GLU C 91 -4.10 -41.93 32.09
CA GLU C 91 -3.50 -42.99 31.30
C GLU C 91 -3.18 -42.51 29.87
N TYR C 92 -3.63 -41.33 29.52
CA TYR C 92 -3.43 -40.88 28.12
C TYR C 92 -2.19 -39.96 27.94
N PRO C 93 -1.32 -40.25 26.95
CA PRO C 93 -0.30 -39.22 26.63
C PRO C 93 -0.97 -37.90 26.32
N ALA C 94 -0.37 -36.80 26.75
CA ALA C 94 -1.04 -35.50 26.65
C ALA C 94 -0.05 -34.46 26.17
N VAL C 95 -0.53 -33.52 25.35
CA VAL C 95 0.29 -32.39 24.89
C VAL C 95 -0.42 -31.10 25.29
N ILE C 96 0.36 -30.18 25.79
CA ILE C 96 -0.09 -28.85 26.14
C ILE C 96 0.36 -27.81 25.13
N ILE C 97 -0.60 -27.11 24.54
CA ILE C 97 -0.29 -26.04 23.59
C ILE C 97 -0.58 -24.74 24.31
N GLY C 98 0.39 -23.84 24.32
CA GLY C 98 0.22 -22.58 25.01
C GLY C 98 1.13 -21.49 24.49
N ASP C 99 1.22 -20.42 25.27
CA ASP C 99 1.97 -19.25 24.83
C ASP C 99 3.14 -18.94 25.72
N ALA C 100 3.72 -17.76 25.61
CA ALA C 100 5.01 -17.49 26.28
C ALA C 100 4.98 -17.71 27.81
N PRO C 101 3.92 -17.25 28.48
CA PRO C 101 3.83 -17.40 29.94
C PRO C 101 4.03 -18.84 30.36
N GLY C 102 3.69 -19.77 29.47
CA GLY C 102 3.94 -21.20 29.69
C GLY C 102 5.37 -21.60 29.98
N LEU C 103 6.32 -20.76 29.60
CA LEU C 103 7.75 -21.05 29.90
C LEU C 103 8.03 -21.19 31.39
N LYS C 104 7.27 -20.49 32.20
CA LYS C 104 7.40 -20.56 33.65
C LYS C 104 7.15 -21.96 34.24
N VAL C 105 6.42 -22.81 33.51
CA VAL C 105 6.15 -24.16 33.98
C VAL C 105 6.71 -25.22 33.03
N LYS C 106 7.54 -24.79 32.09
CA LYS C 106 8.13 -25.74 31.16
C LYS C 106 8.76 -26.93 31.89
N ASP C 107 9.53 -26.66 32.93
CA ASP C 107 10.26 -27.70 33.64
C ASP C 107 9.29 -28.59 34.38
N GLU C 108 8.25 -27.98 34.93
CA GLU C 108 7.22 -28.74 35.63
C GLU C 108 6.50 -29.66 34.66
N MET C 109 6.24 -29.20 33.45
CA MET C 109 5.54 -30.03 32.48
C MET C 109 6.36 -31.25 32.09
N GLU C 110 7.67 -31.07 31.99
CA GLU C 110 8.54 -32.19 31.71
C GLU C 110 8.53 -33.21 32.84
N GLU C 111 8.55 -32.75 34.09
CA GLU C 111 8.49 -33.68 35.23
C GLU C 111 7.10 -34.32 35.31
N GLN C 112 6.11 -33.65 34.75
CA GLN C 112 4.75 -34.19 34.73
C GLN C 112 4.59 -35.24 33.61
N GLY C 113 5.57 -35.30 32.71
CA GLY C 113 5.49 -36.24 31.61
C GLY C 113 4.54 -35.78 30.51
N LEU C 114 4.30 -34.47 30.42
CA LEU C 114 3.49 -33.92 29.34
C LEU C 114 4.37 -33.39 28.20
N GLY C 115 3.84 -33.45 26.98
CA GLY C 115 4.44 -32.73 25.86
C GLY C 115 3.97 -31.30 25.91
N TYR C 116 4.73 -30.42 25.27
CA TYR C 116 4.26 -29.07 25.07
C TYR C 116 4.68 -28.48 23.73
N ILE C 117 3.92 -27.47 23.33
CA ILE C 117 4.28 -26.63 22.21
C ILE C 117 3.96 -25.24 22.68
N LEU C 118 5.01 -24.46 22.95
CA LEU C 118 4.79 -23.10 23.42
C LEU C 118 5.07 -22.13 22.26
N VAL C 119 4.07 -21.34 21.91
CA VAL C 119 4.18 -20.40 20.80
C VAL C 119 4.31 -18.97 21.28
N LYS C 120 5.55 -18.51 21.33
CA LYS C 120 5.84 -17.21 21.88
C LYS C 120 5.13 -16.07 21.13
N PRO C 121 5.00 -16.16 19.79
CA PRO C 121 4.24 -15.10 19.12
C PRO C 121 2.74 -15.14 19.28
N ASP C 122 2.20 -16.15 19.94
CA ASP C 122 0.74 -16.23 20.06
C ASP C 122 0.34 -15.31 21.18
N ALA C 123 0.33 -14.02 20.92
CA ALA C 123 0.31 -13.04 22.00
C ALA C 123 -1.07 -12.73 22.56
N MET C 124 -1.13 -12.41 23.84
CA MET C 124 -2.40 -11.96 24.44
C MET C 124 -2.84 -10.60 23.90
N LEU C 125 -4.13 -10.48 23.60
CA LEU C 125 -4.69 -9.26 23.02
C LEU C 125 -5.02 -8.23 24.13
N GLY C 126 -5.51 -7.07 23.72
CA GLY C 126 -5.70 -5.97 24.66
C GLY C 126 -7.08 -5.99 25.29
N ALA C 127 -7.26 -6.83 26.30
CA ALA C 127 -8.59 -7.08 26.87
C ALA C 127 -9.06 -6.09 27.93
N ARG C 128 -9.44 -4.90 27.47
CA ARG C 128 -10.06 -3.88 28.31
C ARG C 128 -11.38 -3.48 27.67
N ARG C 129 -12.41 -3.33 28.51
CA ARG C 129 -13.78 -3.20 28.02
C ARG C 129 -13.91 -1.97 27.11
N GLU C 130 -13.16 -0.92 27.43
CA GLU C 130 -13.27 0.34 26.72
C GLU C 130 -12.82 0.21 25.28
N PHE C 131 -12.13 -0.88 24.97
CA PHE C 131 -11.49 -1.04 23.67
C PHE C 131 -11.90 -2.33 22.98
N LEU C 132 -11.82 -3.45 23.69
CA LEU C 132 -12.05 -4.74 23.04
C LEU C 132 -13.50 -5.18 23.06
N ASP C 133 -14.19 -5.00 21.94
CA ASP C 133 -15.49 -5.63 21.78
C ASP C 133 -15.27 -6.83 20.86
N PRO C 134 -16.36 -7.50 20.51
CA PRO C 134 -16.27 -8.78 19.79
C PRO C 134 -15.68 -8.62 18.39
N VAL C 135 -16.01 -7.51 17.74
CA VAL C 135 -15.47 -7.24 16.41
C VAL C 135 -13.97 -7.00 16.50
N GLU C 136 -13.56 -6.21 17.49
CA GLU C 136 -12.16 -5.95 17.69
C GLU C 136 -11.39 -7.25 18.00
N MET C 137 -11.97 -8.02 18.91
CA MET C 137 -11.45 -9.33 19.23
CA MET C 137 -11.45 -9.32 19.23
C MET C 137 -11.20 -10.18 17.98
N ALA C 138 -12.15 -10.17 17.05
CA ALA C 138 -12.05 -10.97 15.84
C ALA C 138 -11.02 -10.41 14.86
N ILE C 139 -11.00 -9.09 14.72
CA ILE C 139 -9.99 -8.44 13.90
C ILE C 139 -8.57 -8.82 14.38
N TYR C 140 -8.34 -8.80 15.70
CA TYR C 140 -7.07 -9.22 16.22
C TYR C 140 -6.72 -10.64 15.83
N ASN C 141 -7.68 -11.55 15.94
CA ASN C 141 -7.43 -12.94 15.66
C ASN C 141 -7.16 -13.13 14.16
N ALA C 142 -7.83 -12.33 13.36
CA ALA C 142 -7.62 -12.39 11.91
C ALA C 142 -6.14 -12.10 11.63
N ASP C 143 -5.66 -11.03 12.26
CA ASP C 143 -4.27 -10.60 12.10
C ASP C 143 -3.25 -11.59 12.66
N LEU C 144 -3.46 -12.03 13.89
CA LEU C 144 -2.58 -13.01 14.42
C LEU C 144 -2.56 -14.31 13.61
N MET C 145 -3.71 -14.71 13.09
CA MET C 145 -3.80 -15.93 12.34
C MET C 145 -2.95 -15.78 11.10
N LYS C 146 -3.06 -14.62 10.47
CA LYS C 146 -2.27 -14.35 9.27
C LYS C 146 -0.77 -14.42 9.56
N VAL C 147 -0.37 -13.93 10.74
CA VAL C 147 1.04 -13.98 11.12
C VAL C 147 1.48 -15.43 11.33
N LEU C 148 0.72 -16.17 12.15
CA LEU C 148 1.11 -17.56 12.46
C LEU C 148 1.16 -18.47 11.25
N ALA C 149 0.25 -18.23 10.31
CA ALA C 149 0.14 -18.98 9.07
C ALA C 149 1.25 -18.62 8.08
N ALA C 150 1.33 -17.35 7.66
CA ALA C 150 2.25 -16.95 6.57
C ALA C 150 3.71 -17.01 7.00
N THR C 151 4.00 -16.95 8.30
CA THR C 151 5.36 -17.09 8.76
C THR C 151 5.88 -18.53 8.82
N GLY C 152 5.01 -19.52 8.69
CA GLY C 152 5.44 -20.91 8.83
C GLY C 152 5.25 -21.54 10.21
N VAL C 153 4.78 -20.73 11.17
CA VAL C 153 4.57 -21.23 12.51
C VAL C 153 3.55 -22.37 12.61
N PHE C 154 2.38 -22.21 11.96
CA PHE C 154 1.44 -23.31 11.79
C PHE C 154 2.07 -24.57 11.14
N ARG C 155 3.01 -24.39 10.23
CA ARG C 155 3.62 -25.57 9.63
C ARG C 155 4.44 -26.29 10.70
N VAL C 156 5.10 -25.53 11.57
CA VAL C 156 5.91 -26.16 12.56
C VAL C 156 5.04 -26.99 13.50
N VAL C 157 3.86 -26.46 13.83
CA VAL C 157 2.89 -27.15 14.73
C VAL C 157 2.31 -28.40 14.04
N GLN C 158 1.89 -28.22 12.80
N GLN C 158 1.89 -28.23 12.81
CA GLN C 158 1.37 -29.28 11.95
CA GLN C 158 1.34 -29.31 12.04
C GLN C 158 2.33 -30.46 11.91
C GLN C 158 2.32 -30.47 11.87
N GLU C 159 3.60 -30.17 11.66
CA GLU C 159 4.60 -31.21 11.55
C GLU C 159 4.84 -31.91 12.88
N ALA C 160 4.78 -31.18 13.99
CA ALA C 160 4.97 -31.79 15.31
C ALA C 160 3.86 -32.81 15.54
N PHE C 161 2.62 -32.45 15.24
CA PHE C 161 1.51 -33.38 15.51
C PHE C 161 1.50 -34.52 14.51
N ASP C 162 1.82 -34.22 13.24
CA ASP C 162 1.98 -35.28 12.25
C ASP C 162 3.00 -36.33 12.66
N GLU C 163 4.11 -35.91 13.26
CA GLU C 163 5.09 -36.89 13.74
C GLU C 163 4.51 -37.74 14.87
N LEU C 164 3.71 -37.11 15.73
CA LEU C 164 3.18 -37.78 16.90
C LEU C 164 2.09 -38.74 16.44
N ILE C 165 1.31 -38.30 15.46
CA ILE C 165 0.34 -39.18 14.85
C ILE C 165 1.03 -40.40 14.22
N GLU C 166 2.18 -40.22 13.56
CA GLU C 166 2.85 -41.41 13.04
C GLU C 166 3.18 -42.39 14.17
N LYS C 167 3.63 -41.87 15.30
CA LYS C 167 4.07 -42.73 16.38
C LYS C 167 2.88 -43.55 16.86
N ALA C 168 1.71 -42.90 16.86
CA ALA C 168 0.48 -43.51 17.37
C ALA C 168 -0.02 -44.67 16.51
N LYS C 169 0.11 -44.55 15.19
CA LYS C 169 -0.37 -45.60 14.31
C LYS C 169 0.54 -46.82 14.41
N GLU C 170 1.56 -46.69 15.26
CA GLU C 170 2.65 -47.65 15.39
C GLU C 170 2.82 -48.10 16.83
N ASP C 171 1.72 -48.08 17.56
CA ASP C 171 1.70 -48.39 18.99
C ASP C 171 3.06 -48.24 19.66
N GLU C 172 3.40 -47.00 19.96
CA GLU C 172 4.34 -46.67 21.03
C GLU C 172 4.32 -45.18 21.19
N ILE C 173 3.39 -44.69 21.99
CA ILE C 173 3.46 -43.30 22.39
C ILE C 173 4.28 -43.26 23.66
N SER C 174 5.58 -43.15 23.55
CA SER C 174 6.39 -43.06 24.73
C SER C 174 6.49 -41.60 25.12
N GLU C 175 6.85 -41.35 26.37
CA GLU C 175 7.01 -39.99 26.88
C GLU C 175 8.07 -39.28 26.02
N ASN C 176 8.99 -40.04 25.47
CA ASN C 176 10.10 -39.45 24.73
C ASN C 176 9.73 -39.08 23.30
N ASP C 177 8.51 -39.39 22.89
CA ASP C 177 8.05 -39.00 21.57
C ASP C 177 7.15 -37.78 21.64
N LEU C 178 6.82 -37.35 22.84
CA LEU C 178 5.93 -36.20 22.95
C LEU C 178 6.70 -34.94 22.57
N PRO C 179 6.04 -34.04 21.81
CA PRO C 179 6.68 -32.79 21.45
C PRO C 179 7.18 -32.02 22.66
N LYS C 180 8.32 -31.36 22.51
CA LYS C 180 8.82 -30.43 23.53
C LYS C 180 9.36 -29.17 22.81
N LEU C 181 8.46 -28.38 22.23
CA LEU C 181 8.84 -27.23 21.41
C LEU C 181 8.51 -25.88 22.00
N VAL C 182 9.42 -24.96 21.78
CA VAL C 182 9.19 -23.57 22.05
C VAL C 182 9.44 -22.87 20.76
N ILE C 183 8.41 -22.23 20.24
CA ILE C 183 8.50 -21.61 18.93
C ILE C 183 8.64 -20.09 19.05
N ASP C 184 9.59 -19.53 18.30
CA ASP C 184 9.74 -18.09 18.23
C ASP C 184 10.40 -17.61 16.91
N ARG C 185 10.68 -16.32 16.85
CA ARG C 185 11.37 -15.76 15.69
C ARG C 185 12.49 -16.68 15.18
N ASN C 186 13.37 -17.08 16.09
CA ASN C 186 14.56 -17.81 15.68
C ASN C 186 14.28 -19.23 15.22
N THR C 187 13.09 -19.75 15.48
CA THR C 187 12.69 -21.04 14.91
C THR C 187 12.90 -21.10 13.39
N LEU C 188 12.72 -19.97 12.72
CA LEU C 188 12.79 -19.95 11.25
C LEU C 188 14.20 -20.17 10.76
N LEU C 189 15.17 -19.90 11.63
CA LEU C 189 16.56 -20.01 11.22
C LEU C 189 16.96 -21.46 10.96
N GLU C 190 16.24 -22.41 11.55
CA GLU C 190 16.65 -23.79 11.40
C GLU C 190 15.73 -24.56 10.47
N ARG C 191 14.88 -23.85 9.73
CA ARG C 191 14.00 -24.50 8.79
C ARG C 191 14.27 -24.02 7.38
N GLU C 192 13.53 -24.59 6.45
CA GLU C 192 13.62 -24.22 5.05
C GLU C 192 12.23 -23.84 4.50
N GLU C 193 11.57 -22.98 5.24
CA GLU C 193 10.26 -22.52 4.88
C GLU C 193 10.37 -21.62 3.62
N PHE C 194 11.32 -20.68 3.62
CA PHE C 194 11.34 -19.64 2.59
C PHE C 194 12.45 -19.86 1.61
N GLU C 195 12.14 -19.79 0.33
CA GLU C 195 13.16 -19.90 -0.71
C GLU C 195 13.92 -18.58 -0.79
N ASN C 196 13.22 -17.50 -0.51
CA ASN C 196 13.83 -16.19 -0.65
C ASN C 196 14.29 -15.69 0.74
N PRO C 197 15.55 -15.28 0.86
CA PRO C 197 16.00 -14.88 2.19
C PRO C 197 15.42 -13.63 2.81
N TYR C 198 14.96 -12.70 1.98
CA TYR C 198 14.22 -11.57 2.47
C TYR C 198 12.81 -11.90 2.95
N ALA C 199 12.11 -12.83 2.26
CA ALA C 199 10.85 -13.39 2.82
C ALA C 199 11.13 -13.92 4.24
N MET C 200 12.22 -14.68 4.44
CA MET C 200 12.54 -15.22 5.77
C MET C 200 12.74 -14.11 6.80
N VAL C 201 13.43 -13.05 6.42
CA VAL C 201 13.70 -12.03 7.41
C VAL C 201 12.50 -11.14 7.65
N LYS C 202 11.66 -10.95 6.65
CA LYS C 202 10.41 -10.32 6.92
C LYS C 202 9.60 -11.14 7.94
N ALA C 203 9.52 -12.45 7.72
CA ALA C 203 8.81 -13.38 8.53
C ALA C 203 9.31 -13.30 9.97
N MET C 204 10.64 -13.25 10.10
CA MET C 204 11.27 -13.18 11.41
C MET C 204 10.85 -11.89 12.17
N ALA C 205 10.79 -10.78 11.44
CA ALA C 205 10.38 -9.49 11.99
C ALA C 205 8.94 -9.56 12.43
N ALA C 206 8.10 -10.14 11.60
CA ALA C 206 6.69 -10.32 11.95
C ALA C 206 6.54 -11.06 13.28
N LEU C 207 7.23 -12.17 13.45
CA LEU C 207 7.22 -12.96 14.68
C LEU C 207 7.74 -12.19 15.89
N GLU C 208 8.76 -11.37 15.67
CA GLU C 208 9.30 -10.58 16.74
C GLU C 208 8.33 -9.53 17.23
N ILE C 209 7.68 -8.86 16.28
CA ILE C 209 6.68 -7.89 16.64
C ILE C 209 5.50 -8.54 17.39
N ALA C 210 4.99 -9.65 16.85
CA ALA C 210 3.92 -10.43 17.48
C ALA C 210 4.34 -10.85 18.90
N GLU C 211 5.59 -11.27 19.10
CA GLU C 211 6.00 -11.62 20.44
C GLU C 211 5.98 -10.40 21.36
N ASN C 212 6.35 -9.24 20.84
CA ASN C 212 6.47 -8.02 21.64
C ASN C 212 5.06 -7.49 21.98
N VAL C 213 4.10 -7.87 21.17
CA VAL C 213 2.74 -7.38 21.38
C VAL C 213 2.30 -7.83 22.78
N ALA C 214 2.67 -9.05 23.13
CA ALA C 214 2.28 -9.65 24.43
C ALA C 214 2.67 -8.76 25.60
N ASP C 215 3.87 -8.21 25.55
CA ASP C 215 4.33 -7.35 26.61
C ASP C 215 3.51 -6.08 26.72
N VAL C 216 3.05 -5.56 25.60
CA VAL C 216 2.27 -4.36 25.63
C VAL C 216 0.87 -4.61 26.22
N SER C 217 0.23 -5.70 25.81
CA SER C 217 -1.09 -6.11 26.32
C SER C 217 -1.04 -6.35 27.81
N VAL C 218 0.02 -7.05 28.23
CA VAL C 218 0.23 -7.32 29.65
C VAL C 218 0.29 -6.02 30.45
N GLU C 219 1.06 -5.05 29.95
CA GLU C 219 1.14 -3.76 30.63
C GLU C 219 -0.24 -3.10 30.71
N GLY C 220 -0.93 -3.07 29.58
CA GLY C 220 -2.22 -2.44 29.49
C GLY C 220 -3.30 -3.14 30.32
N CYS C 221 -3.19 -4.45 30.50
CA CYS C 221 -4.25 -5.22 31.17
C CYS C 221 -4.02 -5.42 32.66
N PHE C 222 -2.77 -5.51 33.10
CA PHE C 222 -2.51 -5.88 34.52
C PHE C 222 -1.55 -4.95 35.24
N VAL C 223 -0.90 -4.04 34.53
CA VAL C 223 0.04 -3.17 35.24
C VAL C 223 -0.57 -1.79 35.37
N GLU C 224 -0.84 -1.15 34.24
CA GLU C 224 -1.42 0.19 34.23
C GLU C 224 -2.88 0.23 34.66
N GLN C 225 -3.21 1.07 35.64
CA GLN C 225 -4.57 1.13 36.18
C GLN C 225 -5.38 2.39 35.82
N ASP C 226 -4.75 3.34 35.14
CA ASP C 226 -5.37 4.61 34.78
C ASP C 226 -5.94 4.48 33.36
N LYS C 227 -7.26 4.60 33.20
CA LYS C 227 -7.86 4.40 31.89
C LYS C 227 -7.33 5.32 30.75
N GLU C 228 -6.95 6.55 31.08
CA GLU C 228 -6.40 7.48 30.09
C GLU C 228 -5.07 6.97 29.50
N ARG C 229 -4.42 6.08 30.24
CA ARG C 229 -3.21 5.42 29.81
C ARG C 229 -3.43 4.01 29.28
N TYR C 230 -4.20 3.18 29.99
CA TYR C 230 -4.32 1.82 29.52
C TYR C 230 -5.17 1.60 28.26
N VAL C 231 -6.15 2.45 27.98
CA VAL C 231 -6.83 2.27 26.73
C VAL C 231 -5.88 2.47 25.48
N PRO C 232 -5.14 3.61 25.44
CA PRO C 232 -4.19 3.76 24.32
C PRO C 232 -3.16 2.63 24.32
N ILE C 233 -2.77 2.13 25.50
CA ILE C 233 -1.74 1.10 25.46
C ILE C 233 -2.22 -0.17 24.72
N VAL C 234 -3.42 -0.64 25.08
CA VAL C 234 -3.93 -1.90 24.53
C VAL C 234 -4.22 -1.70 23.03
N ALA C 235 -4.71 -0.51 22.68
CA ALA C 235 -5.00 -0.19 21.29
C ALA C 235 -3.70 -0.25 20.49
N SER C 236 -2.61 0.25 21.05
CA SER C 236 -1.33 0.27 20.35
C SER C 236 -0.87 -1.15 20.08
N ALA C 237 -1.12 -2.07 21.02
CA ALA C 237 -0.78 -3.48 20.81
C ALA C 237 -1.50 -4.06 19.57
N HIS C 238 -2.76 -3.70 19.39
CA HIS C 238 -3.50 -4.14 18.21
C HIS C 238 -2.95 -3.58 16.90
N GLU C 239 -2.50 -2.31 16.89
CA GLU C 239 -1.89 -1.73 15.69
C GLU C 239 -0.59 -2.45 15.39
N MET C 240 0.17 -2.83 16.42
CA MET C 240 1.35 -3.64 16.16
C MET C 240 1.01 -4.96 15.42
N MET C 241 0.06 -5.72 15.96
CA MET C 241 -0.30 -7.00 15.34
C MET C 241 -0.72 -6.82 13.90
N ARG C 242 -1.46 -5.74 13.63
CA ARG C 242 -1.89 -5.46 12.26
C ARG C 242 -0.71 -5.32 11.30
N LYS C 243 0.33 -4.64 11.74
CA LYS C 243 1.51 -4.43 10.90
C LYS C 243 2.40 -5.67 10.83
N ALA C 244 2.42 -6.47 11.88
CA ALA C 244 3.03 -7.81 11.80
C ALA C 244 2.31 -8.67 10.73
N ALA C 245 0.98 -8.63 10.71
CA ALA C 245 0.26 -9.37 9.68
C ALA C 245 0.65 -8.83 8.29
N GLU C 246 0.88 -7.54 8.19
CA GLU C 246 1.27 -6.94 6.93
C GLU C 246 2.62 -7.47 6.48
N LEU C 247 3.58 -7.54 7.40
CA LEU C 247 4.88 -8.09 7.10
C LEU C 247 4.75 -9.51 6.65
N ALA C 248 3.95 -10.30 7.35
CA ALA C 248 3.84 -11.69 6.98
C ALA C 248 3.28 -11.82 5.54
N ASP C 249 2.30 -10.99 5.19
CA ASP C 249 1.73 -10.97 3.83
C ASP C 249 2.84 -10.67 2.82
N GLU C 250 3.69 -9.70 3.17
CA GLU C 250 4.77 -9.25 2.27
C GLU C 250 5.77 -10.36 2.00
N ALA C 251 6.13 -11.08 3.06
CA ALA C 251 6.87 -12.32 2.94
C ALA C 251 6.26 -13.31 1.95
N ARG C 252 4.98 -13.65 2.14
CA ARG C 252 4.33 -14.54 1.21
C ARG C 252 4.33 -14.03 -0.26
N GLU C 253 4.11 -12.74 -0.48
CA GLU C 253 4.07 -12.19 -1.83
C GLU C 253 5.44 -12.32 -2.49
N LEU C 254 6.47 -12.24 -1.68
CA LEU C 254 7.80 -12.39 -2.18
C LEU C 254 7.97 -13.79 -2.70
N GLU C 255 7.50 -14.78 -1.96
CA GLU C 255 7.61 -16.17 -2.42
C GLU C 255 6.78 -16.31 -3.71
N LYS C 256 5.60 -15.69 -3.77
CA LYS C 256 4.83 -15.79 -4.98
C LYS C 256 5.60 -15.29 -6.21
N SER C 257 6.42 -14.24 -6.02
CA SER C 257 7.16 -13.57 -7.10
C SER C 257 8.22 -14.50 -7.73
N ASN C 258 8.55 -15.53 -6.96
CA ASN C 258 9.51 -16.52 -7.41
C ASN C 258 8.92 -17.87 -7.68
N ASP C 259 7.58 -17.96 -7.54
CA ASP C 259 6.86 -19.20 -7.74
C ASP C 259 7.49 -20.24 -6.84
N ALA C 260 7.60 -19.90 -5.57
CA ALA C 260 8.28 -20.77 -4.63
C ALA C 260 7.46 -20.90 -3.36
N VAL C 261 6.15 -20.75 -3.44
CA VAL C 261 5.38 -20.90 -2.22
C VAL C 261 5.38 -22.36 -1.70
N LEU C 262 5.88 -22.60 -0.50
CA LEU C 262 5.88 -23.97 0.00
C LEU C 262 4.44 -24.36 0.32
N ARG C 263 4.02 -25.53 -0.13
CA ARG C 263 2.73 -26.16 0.27
C ARG C 263 2.98 -27.61 0.64
N THR C 264 2.43 -28.00 1.79
CA THR C 264 2.64 -29.31 2.36
C THR C 264 1.30 -29.94 2.71
N PRO C 265 0.50 -30.26 1.71
CA PRO C 265 -0.80 -30.83 2.09
C PRO C 265 -0.71 -32.30 2.40
N HIS C 266 -1.74 -32.81 3.07
CA HIS C 266 -1.76 -34.22 3.43
C HIS C 266 -2.33 -35.03 2.31
N ALA C 267 -1.79 -36.21 2.13
CA ALA C 267 -2.47 -37.25 1.37
C ALA C 267 -3.61 -37.89 2.19
N PRO C 268 -4.48 -38.60 1.51
CA PRO C 268 -5.57 -39.34 2.18
C PRO C 268 -5.05 -40.30 3.26
N ASP C 269 -3.90 -40.90 3.03
CA ASP C 269 -3.33 -41.81 4.02
C ASP C 269 -2.52 -41.05 5.06
N GLY C 270 -2.60 -39.72 5.02
CA GLY C 270 -1.96 -38.90 6.04
C GLY C 270 -0.54 -38.46 5.69
N LYS C 271 0.04 -39.08 4.67
CA LYS C 271 1.38 -38.65 4.25
C LYS C 271 1.43 -37.13 3.97
N VAL C 272 2.45 -36.47 4.51
CA VAL C 272 2.65 -35.05 4.24
C VAL C 272 3.43 -34.88 2.90
N LEU C 273 2.76 -34.36 1.87
CA LEU C 273 3.36 -34.12 0.55
C LEU C 273 4.05 -32.77 0.54
N SER C 274 4.75 -32.43 -0.53
CA SER C 274 5.37 -31.13 -0.57
C SER C 274 5.49 -30.70 -2.01
N LYS C 275 5.49 -29.38 -2.22
CA LYS C 275 5.74 -28.80 -3.55
C LYS C 275 6.06 -27.35 -3.32
N ARG C 276 6.62 -26.73 -4.36
CA ARG C 276 6.87 -25.29 -4.37
C ARG C 276 6.28 -24.57 -5.60
N LYS C 277 6.43 -25.18 -6.76
CA LYS C 277 5.84 -24.61 -7.97
C LYS C 277 4.34 -24.74 -8.01
N PHE C 278 3.70 -23.63 -8.40
CA PHE C 278 2.26 -23.50 -8.32
C PHE C 278 1.59 -24.63 -9.11
N MET C 279 2.13 -24.93 -10.27
CA MET C 279 1.46 -25.88 -11.16
C MET C 279 1.96 -27.31 -11.03
N GLU C 280 2.85 -27.60 -10.08
CA GLU C 280 3.34 -28.96 -9.89
C GLU C 280 2.54 -29.78 -8.87
N ASP C 281 2.52 -31.09 -9.07
CA ASP C 281 1.86 -31.97 -8.13
C ASP C 281 2.63 -32.10 -6.86
N PRO C 282 1.91 -32.03 -5.75
CA PRO C 282 2.51 -32.32 -4.45
C PRO C 282 2.93 -33.77 -4.40
N GLU C 283 4.14 -34.02 -3.91
CA GLU C 283 4.64 -35.39 -3.89
C GLU C 283 5.25 -35.71 -2.54
N THR D 2 -33.69 24.92 -26.67
CA THR D 2 -32.74 24.81 -27.81
C THR D 2 -31.76 23.67 -27.57
N VAL D 3 -31.27 23.09 -28.65
CA VAL D 3 -30.26 22.06 -28.55
C VAL D 3 -28.96 22.60 -29.10
N ALA D 4 -27.91 22.53 -28.29
CA ALA D 4 -26.57 22.85 -28.74
C ALA D 4 -25.98 21.64 -29.43
N LYS D 5 -25.43 21.85 -30.61
CA LYS D 5 -24.84 20.76 -31.36
C LYS D 5 -23.33 21.01 -31.58
N ALA D 6 -22.53 19.94 -31.57
CA ALA D 6 -21.07 20.06 -31.70
C ALA D 6 -20.44 18.85 -32.38
N ILE D 7 -19.34 19.08 -33.10
CA ILE D 7 -18.63 17.97 -33.72
C ILE D 7 -17.26 17.95 -33.12
N PHE D 8 -16.84 16.77 -32.67
CA PHE D 8 -15.51 16.59 -32.12
C PHE D 8 -14.68 15.87 -33.16
N ILE D 9 -13.45 16.30 -33.37
CA ILE D 9 -12.54 15.67 -34.32
C ILE D 9 -11.37 15.15 -33.53
N LYS D 10 -11.03 13.88 -33.70
CA LYS D 10 -9.97 13.26 -32.91
C LYS D 10 -8.85 12.69 -33.80
N CYS D 11 -7.69 13.36 -33.81
CA CYS D 11 -6.50 12.86 -34.53
C CYS D 11 -5.29 12.73 -33.57
N GLY D 12 -4.72 11.54 -33.51
CA GLY D 12 -3.73 11.16 -32.48
C GLY D 12 -4.48 11.11 -31.18
N ASN D 13 -3.81 10.87 -30.05
CA ASN D 13 -4.52 10.70 -28.80
C ASN D 13 -3.91 11.45 -27.63
N LEU D 14 -4.80 12.05 -26.86
CA LEU D 14 -4.49 12.67 -25.60
C LEU D 14 -5.50 12.20 -24.56
N GLY D 15 -5.08 12.15 -23.32
CA GLY D 15 -6.03 11.85 -22.25
C GLY D 15 -7.28 12.68 -22.40
N THR D 16 -7.11 13.98 -22.58
CA THR D 16 -8.28 14.89 -22.66
C THR D 16 -9.16 14.71 -23.90
N SER D 17 -8.54 14.47 -25.05
CA SER D 17 -9.31 14.34 -26.28
C SER D 17 -10.07 13.05 -26.29
N MET D 18 -9.65 12.11 -25.45
CA MET D 18 -10.30 10.81 -25.38
C MET D 18 -11.61 10.88 -24.57
N MET D 19 -11.70 11.79 -23.61
CA MET D 19 -12.83 11.83 -22.70
C MET D 19 -13.69 13.04 -22.93
N MET D 20 -13.23 13.96 -23.79
CA MET D 20 -13.76 15.31 -23.78
C MET D 20 -15.27 15.31 -23.99
N ASP D 21 -15.75 14.58 -24.99
CA ASP D 21 -17.19 14.59 -25.26
C ASP D 21 -18.00 13.92 -24.16
N MET D 22 -17.42 12.88 -23.55
CA MET D 22 -18.15 12.11 -22.58
C MET D 22 -18.34 12.85 -21.27
N LEU D 23 -17.42 13.75 -21.00
CA LEU D 23 -17.47 14.56 -19.81
C LEU D 23 -18.66 15.46 -19.83
N LEU D 24 -19.26 15.67 -21.00
CA LEU D 24 -20.38 16.60 -21.08
C LEU D 24 -21.75 15.95 -20.91
N ASP D 25 -21.82 14.61 -20.92
CA ASP D 25 -23.09 13.85 -20.88
C ASP D 25 -22.89 12.48 -20.22
N GLU D 26 -22.49 12.51 -18.97
CA GLU D 26 -22.00 11.32 -18.31
C GLU D 26 -23.00 10.17 -18.17
N ARG D 27 -24.30 10.45 -18.31
CA ARG D 27 -25.34 9.42 -18.15
C ARG D 27 -26.26 9.36 -19.38
N ALA D 28 -25.79 9.96 -20.47
CA ALA D 28 -26.47 10.09 -21.75
C ALA D 28 -27.92 10.50 -21.52
N ASP D 29 -28.17 11.38 -20.55
CA ASP D 29 -29.55 11.80 -20.28
C ASP D 29 -29.83 13.28 -20.59
N ARG D 30 -28.87 13.95 -21.22
CA ARG D 30 -29.09 15.37 -21.54
C ARG D 30 -29.96 15.54 -22.76
N GLU D 31 -30.91 16.46 -22.63
CA GLU D 31 -31.87 16.70 -23.69
C GLU D 31 -31.46 17.90 -24.53
N ASP D 32 -30.40 18.59 -24.12
CA ASP D 32 -30.00 19.86 -24.71
C ASP D 32 -28.74 19.83 -25.57
N VAL D 33 -28.18 18.64 -25.84
CA VAL D 33 -26.93 18.54 -26.61
C VAL D 33 -27.00 17.40 -27.59
N GLU D 34 -26.36 17.56 -28.74
CA GLU D 34 -26.17 16.46 -29.65
C GLU D 34 -24.77 16.53 -30.27
N PHE D 35 -24.08 15.39 -30.29
CA PHE D 35 -22.69 15.35 -30.71
C PHE D 35 -22.49 14.38 -31.86
N ARG D 36 -21.53 14.70 -32.74
CA ARG D 36 -20.97 13.73 -33.66
C ARG D 36 -19.48 13.74 -33.36
N VAL D 37 -18.85 12.58 -33.52
CA VAL D 37 -17.43 12.42 -33.30
C VAL D 37 -16.87 11.79 -34.57
N VAL D 38 -15.77 12.32 -35.06
CA VAL D 38 -15.11 11.75 -36.21
C VAL D 38 -13.60 11.83 -36.00
N GLY D 39 -12.84 10.88 -36.54
CA GLY D 39 -11.41 10.96 -36.45
C GLY D 39 -10.67 9.96 -37.30
N THR D 40 -9.35 10.04 -37.23
CA THR D 40 -8.50 9.16 -37.99
C THR D 40 -7.71 8.28 -37.03
N SER D 41 -8.21 8.08 -35.81
CA SER D 41 -7.47 7.28 -34.85
C SER D 41 -6.17 8.00 -34.52
N VAL D 42 -5.09 7.24 -34.38
CA VAL D 42 -3.81 7.76 -33.90
C VAL D 42 -3.02 8.57 -34.93
N LYS D 43 -3.42 8.50 -36.19
CA LYS D 43 -2.70 9.20 -37.23
C LYS D 43 -3.06 10.70 -37.21
N MET D 44 -2.04 11.53 -37.21
CA MET D 44 -2.24 12.96 -37.24
C MET D 44 -1.25 13.65 -38.18
N ASP D 45 -0.84 12.94 -39.22
CA ASP D 45 -0.04 13.52 -40.27
C ASP D 45 -0.98 14.48 -41.02
N PRO D 46 -0.41 15.44 -41.76
CA PRO D 46 -1.24 16.44 -42.43
C PRO D 46 -2.34 15.85 -43.36
N GLU D 47 -1.97 14.85 -44.14
CA GLU D 47 -2.91 14.18 -45.05
C GLU D 47 -4.12 13.56 -44.29
N CYS D 48 -3.87 12.94 -43.13
CA CYS D 48 -4.96 12.36 -42.34
C CYS D 48 -5.75 13.40 -41.58
N VAL D 49 -5.08 14.43 -41.10
CA VAL D 49 -5.77 15.48 -40.41
C VAL D 49 -6.66 16.22 -41.40
N GLU D 50 -6.16 16.44 -42.61
CA GLU D 50 -6.99 17.05 -43.65
C GLU D 50 -8.27 16.23 -43.89
N ALA D 51 -8.12 14.93 -44.17
CA ALA D 51 -9.26 14.04 -44.32
C ALA D 51 -10.24 14.15 -43.15
N ALA D 52 -9.70 14.12 -41.94
CA ALA D 52 -10.49 14.21 -40.72
C ALA D 52 -11.31 15.49 -40.67
N VAL D 53 -10.70 16.63 -41.00
CA VAL D 53 -11.41 17.89 -40.92
C VAL D 53 -12.43 18.00 -42.04
N GLU D 54 -12.06 17.52 -43.23
CA GLU D 54 -13.05 17.39 -44.33
C GLU D 54 -14.26 16.50 -43.99
N MET D 55 -14.06 15.47 -43.17
CA MET D 55 -15.18 14.62 -42.74
C MET D 55 -16.15 15.40 -41.86
N ALA D 56 -15.63 16.16 -40.92
CA ALA D 56 -16.47 16.99 -40.06
C ALA D 56 -17.25 18.04 -40.86
N LEU D 57 -16.59 18.66 -41.84
CA LEU D 57 -17.17 19.77 -42.59
C LEU D 57 -18.26 19.26 -43.52
N ASP D 58 -18.07 18.05 -44.02
CA ASP D 58 -19.06 17.39 -44.83
C ASP D 58 -20.25 17.01 -43.94
N ILE D 59 -20.01 16.54 -42.74
CA ILE D 59 -21.11 16.19 -41.86
C ILE D 59 -21.82 17.42 -41.33
N ALA D 60 -21.09 18.51 -41.19
CA ALA D 60 -21.65 19.77 -40.68
C ALA D 60 -22.67 20.43 -41.62
N GLU D 61 -22.55 20.22 -42.94
CA GLU D 61 -23.55 20.81 -43.86
C GLU D 61 -24.95 20.42 -43.43
N ASP D 62 -25.14 19.14 -43.12
CA ASP D 62 -26.44 18.62 -42.71
C ASP D 62 -26.73 18.85 -41.22
N PHE D 63 -25.68 18.75 -40.39
CA PHE D 63 -25.81 18.73 -38.93
C PHE D 63 -25.92 20.13 -38.31
N GLU D 64 -25.23 21.11 -38.89
CA GLU D 64 -25.25 22.52 -38.43
C GLU D 64 -24.77 22.68 -36.97
N PRO D 65 -23.51 22.31 -36.70
CA PRO D 65 -22.85 22.46 -35.42
C PRO D 65 -22.74 23.92 -35.01
N ASP D 66 -22.93 24.19 -33.73
CA ASP D 66 -22.68 25.50 -33.17
C ASP D 66 -21.21 25.72 -32.95
N PHE D 67 -20.48 24.65 -32.73
CA PHE D 67 -19.04 24.73 -32.68
C PHE D 67 -18.44 23.38 -32.97
N ILE D 68 -17.17 23.43 -33.36
CA ILE D 68 -16.39 22.24 -33.65
C ILE D 68 -15.18 22.19 -32.72
N VAL D 69 -14.84 21.01 -32.22
CA VAL D 69 -13.72 20.85 -31.32
C VAL D 69 -12.74 19.93 -31.99
N TYR D 70 -11.48 20.35 -32.12
CA TYR D 70 -10.45 19.49 -32.67
C TYR D 70 -9.58 19.12 -31.51
N GLY D 71 -9.37 17.83 -31.34
CA GLY D 71 -8.66 17.37 -30.18
C GLY D 71 -7.52 16.46 -30.56
N GLY D 72 -6.31 16.79 -30.10
CA GLY D 72 -5.19 15.95 -30.42
C GLY D 72 -3.89 16.52 -29.92
N PRO D 73 -2.86 15.72 -29.96
CA PRO D 73 -1.56 16.14 -29.46
C PRO D 73 -0.99 17.29 -30.27
N ASN D 74 -0.11 18.05 -29.64
CA ASN D 74 0.68 19.12 -30.25
C ASN D 74 0.08 19.92 -31.41
N PRO D 75 -0.63 20.99 -31.08
CA PRO D 75 -1.21 21.95 -32.02
C PRO D 75 -0.22 22.63 -32.94
N ALA D 76 1.06 22.57 -32.59
CA ALA D 76 2.13 23.19 -33.39
C ALA D 76 2.68 22.26 -34.46
N ALA D 77 2.41 20.97 -34.34
CA ALA D 77 2.89 19.99 -35.27
C ALA D 77 2.28 20.19 -36.63
N PRO D 78 2.86 19.55 -37.63
CA PRO D 78 2.39 19.84 -38.98
C PRO D 78 0.90 19.52 -39.22
N GLY D 79 0.42 18.40 -38.68
CA GLY D 79 -0.94 17.97 -38.89
C GLY D 79 -1.98 18.89 -38.28
N PRO D 80 -1.89 19.06 -36.97
CA PRO D 80 -2.76 19.95 -36.19
C PRO D 80 -2.72 21.40 -36.72
N SER D 81 -1.58 21.82 -37.28
CA SER D 81 -1.45 23.19 -37.75
C SER D 81 -2.33 23.33 -39.00
N LYS D 82 -2.37 22.26 -39.79
CA LYS D 82 -3.27 22.21 -40.93
C LYS D 82 -4.72 22.24 -40.46
N ALA D 83 -5.02 21.54 -39.37
CA ALA D 83 -6.38 21.55 -38.85
C ALA D 83 -6.74 22.96 -38.44
N ARG D 84 -5.82 23.63 -37.74
CA ARG D 84 -6.08 24.99 -37.32
C ARG D 84 -6.34 25.94 -38.50
N GLU D 85 -5.61 25.77 -39.60
CA GLU D 85 -5.83 26.63 -40.76
C GLU D 85 -7.21 26.40 -41.33
N MET D 86 -7.59 25.13 -41.45
CA MET D 86 -8.86 24.78 -42.08
C MET D 86 -10.05 25.21 -41.22
N LEU D 87 -9.94 25.03 -39.91
CA LEU D 87 -11.01 25.42 -39.02
C LEU D 87 -11.09 26.94 -38.88
N ALA D 88 -9.93 27.58 -38.82
CA ALA D 88 -9.83 29.02 -38.75
C ALA D 88 -10.54 29.63 -39.96
N ASP D 89 -10.59 28.86 -41.05
CA ASP D 89 -11.14 29.32 -42.34
C ASP D 89 -12.61 28.93 -42.56
N SER D 90 -13.11 28.05 -41.73
CA SER D 90 -14.43 27.51 -41.87
C SER D 90 -15.41 28.54 -41.33
N GLU D 91 -16.70 28.31 -41.55
CA GLU D 91 -17.74 29.18 -40.98
C GLU D 91 -18.05 28.86 -39.49
N TYR D 92 -17.43 27.82 -38.92
CA TYR D 92 -17.81 27.38 -37.58
C TYR D 92 -16.81 27.79 -36.50
N PRO D 93 -17.31 28.35 -35.39
CA PRO D 93 -16.46 28.59 -34.22
C PRO D 93 -15.80 27.27 -33.82
N ALA D 94 -14.59 27.33 -33.27
CA ALA D 94 -13.78 26.13 -33.07
C ALA D 94 -12.79 26.28 -31.90
N VAL D 95 -12.49 25.16 -31.25
CA VAL D 95 -11.68 25.10 -30.04
C VAL D 95 -10.62 24.04 -30.24
N ILE D 96 -9.36 24.33 -29.91
CA ILE D 96 -8.31 23.34 -30.02
C ILE D 96 -7.96 22.86 -28.62
N ILE D 97 -8.00 21.55 -28.43
CA ILE D 97 -7.58 20.91 -27.21
C ILE D 97 -6.24 20.26 -27.52
N GLY D 98 -5.20 20.69 -26.80
CA GLY D 98 -3.85 20.16 -27.03
C GLY D 98 -3.10 20.03 -25.73
N ASP D 99 -1.83 19.67 -25.83
CA ASP D 99 -0.97 19.58 -24.69
C ASP D 99 -0.04 20.80 -24.59
N ALA D 100 1.06 20.64 -23.86
CA ALA D 100 1.96 21.75 -23.52
C ALA D 100 2.65 22.28 -24.76
N PRO D 101 2.99 21.39 -25.68
CA PRO D 101 3.67 21.89 -26.86
C PRO D 101 2.84 22.93 -27.62
N GLY D 102 1.53 22.88 -27.47
CA GLY D 102 0.65 23.89 -28.08
C GLY D 102 0.95 25.34 -27.69
N LEU D 103 1.71 25.51 -26.62
CA LEU D 103 2.00 26.86 -26.14
C LEU D 103 2.84 27.64 -27.18
N LYS D 104 3.67 26.92 -27.90
CA LYS D 104 4.45 27.52 -28.96
C LYS D 104 3.60 28.28 -29.97
N VAL D 105 2.33 27.88 -30.13
CA VAL D 105 1.46 28.55 -31.10
C VAL D 105 0.23 29.20 -30.48
N LYS D 106 0.23 29.38 -29.18
CA LYS D 106 -0.91 29.99 -28.51
C LYS D 106 -1.29 31.35 -29.12
N ASP D 107 -0.33 32.26 -29.24
CA ASP D 107 -0.57 33.55 -29.90
C ASP D 107 -1.17 33.38 -31.29
N GLU D 108 -0.65 32.43 -32.07
CA GLU D 108 -1.20 32.18 -33.41
C GLU D 108 -2.67 31.80 -33.37
N MET D 109 -3.03 30.88 -32.47
CA MET D 109 -4.43 30.44 -32.41
C MET D 109 -5.30 31.63 -32.09
N GLU D 110 -4.80 32.52 -31.25
CA GLU D 110 -5.58 33.70 -30.90
C GLU D 110 -5.72 34.56 -32.13
N GLU D 111 -4.61 34.74 -32.84
CA GLU D 111 -4.62 35.49 -34.10
C GLU D 111 -5.46 34.77 -35.16
N GLN D 112 -5.72 33.48 -34.96
CA GLN D 112 -6.55 32.73 -35.89
C GLN D 112 -7.99 32.81 -35.43
N GLY D 113 -8.24 33.29 -34.22
CA GLY D 113 -9.60 33.40 -33.74
C GLY D 113 -10.16 32.04 -33.32
N LEU D 114 -9.25 31.13 -32.96
CA LEU D 114 -9.61 29.85 -32.39
C LEU D 114 -9.61 29.93 -30.86
N GLY D 115 -10.44 29.14 -30.22
CA GLY D 115 -10.27 28.93 -28.79
C GLY D 115 -9.28 27.82 -28.54
N TYR D 116 -8.86 27.62 -27.28
CA TYR D 116 -8.02 26.47 -27.00
C TYR D 116 -8.10 26.09 -25.54
N ILE D 117 -7.84 24.82 -25.27
CA ILE D 117 -7.65 24.37 -23.91
C ILE D 117 -6.40 23.57 -23.94
N LEU D 118 -5.36 24.08 -23.30
CA LEU D 118 -4.10 23.39 -23.34
C LEU D 118 -3.85 22.76 -21.98
N VAL D 119 -3.66 21.46 -21.97
CA VAL D 119 -3.56 20.73 -20.73
C VAL D 119 -2.10 20.27 -20.57
N LYS D 120 -1.36 20.97 -19.71
CA LYS D 120 0.05 20.67 -19.58
C LYS D 120 0.33 19.26 -18.98
N PRO D 121 -0.45 18.82 -17.97
CA PRO D 121 -0.28 17.47 -17.43
C PRO D 121 -0.66 16.31 -18.37
N ASP D 122 -1.24 16.62 -19.51
CA ASP D 122 -1.62 15.59 -20.46
C ASP D 122 -0.39 15.22 -21.26
N ALA D 123 0.50 14.47 -20.64
CA ALA D 123 1.85 14.29 -21.16
C ALA D 123 1.98 13.19 -22.25
N MET D 124 2.88 13.43 -23.20
CA MET D 124 3.27 12.45 -24.24
C MET D 124 3.91 11.21 -23.62
N LEU D 125 3.57 10.03 -24.12
CA LEU D 125 4.07 8.79 -23.54
C LEU D 125 5.40 8.32 -24.19
N GLY D 126 5.94 7.22 -23.68
CA GLY D 126 7.26 6.74 -24.04
C GLY D 126 7.21 5.97 -25.34
N ALA D 127 6.97 6.66 -26.43
CA ALA D 127 6.74 5.97 -27.68
C ALA D 127 7.97 5.48 -28.38
N ARG D 128 8.54 4.40 -27.85
CA ARG D 128 9.59 3.65 -28.53
C ARG D 128 9.10 2.20 -28.69
N ARG D 129 9.32 1.63 -29.86
CA ARG D 129 8.87 0.29 -30.16
C ARG D 129 9.35 -0.81 -29.20
N GLU D 130 10.54 -0.66 -28.60
CA GLU D 130 11.11 -1.66 -27.67
C GLU D 130 10.32 -1.74 -26.35
N PHE D 131 9.55 -0.70 -26.09
CA PHE D 131 8.83 -0.56 -24.85
C PHE D 131 7.30 -0.48 -24.99
N LEU D 132 6.83 0.41 -25.84
CA LEU D 132 5.40 0.65 -25.94
C LEU D 132 4.71 -0.26 -26.94
N ASP D 133 4.06 -1.29 -26.43
CA ASP D 133 3.11 -2.05 -27.20
C ASP D 133 1.70 -1.60 -26.88
N PRO D 134 0.67 -2.21 -27.52
CA PRO D 134 -0.66 -1.76 -27.19
C PRO D 134 -1.02 -1.82 -25.69
N VAL D 135 -0.62 -2.87 -24.98
CA VAL D 135 -0.94 -2.95 -23.56
C VAL D 135 -0.30 -1.85 -22.74
N GLU D 136 0.99 -1.58 -22.99
CA GLU D 136 1.66 -0.49 -22.29
C GLU D 136 0.95 0.87 -22.59
N MET D 137 0.62 1.11 -23.86
CA MET D 137 -0.04 2.36 -24.20
C MET D 137 -1.33 2.53 -23.37
N ALA D 138 -2.10 1.45 -23.26
CA ALA D 138 -3.34 1.46 -22.48
C ALA D 138 -3.14 1.65 -20.98
N ILE D 139 -2.14 1.01 -20.36
CA ILE D 139 -1.87 1.19 -18.98
C ILE D 139 -1.51 2.65 -18.70
N TYR D 140 -0.69 3.22 -19.57
CA TYR D 140 -0.34 4.62 -19.43
C TYR D 140 -1.60 5.46 -19.51
N ASN D 141 -2.45 5.22 -20.51
CA ASN D 141 -3.68 5.97 -20.55
C ASN D 141 -4.56 5.84 -19.29
N ALA D 142 -4.59 4.66 -18.64
CA ALA D 142 -5.44 4.44 -17.45
C ALA D 142 -4.93 5.34 -16.34
N ASP D 143 -3.61 5.37 -16.19
CA ASP D 143 -2.99 6.12 -15.10
C ASP D 143 -3.21 7.61 -15.33
N LEU D 144 -2.91 8.05 -16.53
CA LEU D 144 -3.19 9.44 -16.90
C LEU D 144 -4.64 9.86 -16.75
N MET D 145 -5.60 9.02 -17.16
CA MET D 145 -7.03 9.32 -16.97
C MET D 145 -7.38 9.52 -15.48
N LYS D 146 -6.83 8.65 -14.65
CA LYS D 146 -7.02 8.76 -13.20
C LYS D 146 -6.49 10.11 -12.72
N VAL D 147 -5.30 10.46 -13.20
CA VAL D 147 -4.73 11.72 -12.78
C VAL D 147 -5.58 12.92 -13.20
N LEU D 148 -5.95 13.01 -14.48
CA LEU D 148 -6.77 14.12 -14.92
C LEU D 148 -8.16 14.20 -14.29
N ALA D 149 -8.72 13.05 -13.94
CA ALA D 149 -10.05 12.96 -13.38
C ALA D 149 -10.01 13.26 -11.86
N ALA D 150 -9.13 12.59 -11.13
CA ALA D 150 -9.18 12.70 -9.69
C ALA D 150 -8.58 13.99 -9.14
N THR D 151 -7.79 14.68 -9.93
CA THR D 151 -7.23 15.95 -9.52
C THR D 151 -8.15 17.10 -9.83
N GLY D 152 -9.20 16.81 -10.60
CA GLY D 152 -10.09 17.85 -11.02
C GLY D 152 -9.80 18.53 -12.36
N VAL D 153 -8.84 18.09 -13.15
CA VAL D 153 -8.64 18.68 -14.50
C VAL D 153 -9.86 18.50 -15.44
N PHE D 154 -10.51 17.35 -15.39
CA PHE D 154 -11.66 17.08 -16.28
C PHE D 154 -12.80 17.98 -15.90
N ARG D 155 -12.83 18.31 -14.61
CA ARG D 155 -13.86 19.22 -14.19
C ARG D 155 -13.64 20.62 -14.73
N VAL D 156 -12.37 21.02 -14.92
CA VAL D 156 -12.10 22.34 -15.46
C VAL D 156 -12.50 22.35 -16.94
N VAL D 157 -12.23 21.25 -17.62
CA VAL D 157 -12.57 21.14 -19.05
C VAL D 157 -14.06 21.14 -19.21
N GLN D 158 -14.72 20.37 -18.36
CA GLN D 158 -16.18 20.22 -18.38
C GLN D 158 -16.90 21.55 -18.23
N GLU D 159 -16.45 22.36 -17.29
CA GLU D 159 -17.05 23.64 -17.08
C GLU D 159 -16.84 24.60 -18.24
N ALA D 160 -15.67 24.57 -18.85
CA ALA D 160 -15.42 25.44 -19.98
C ALA D 160 -16.34 25.10 -21.17
N PHE D 161 -16.58 23.81 -21.40
CA PHE D 161 -17.46 23.46 -22.49
C PHE D 161 -18.89 23.77 -22.12
N ASP D 162 -19.24 23.60 -20.86
CA ASP D 162 -20.62 23.87 -20.46
C ASP D 162 -20.96 25.35 -20.57
N GLU D 163 -19.99 26.20 -20.29
CA GLU D 163 -20.20 27.63 -20.45
C GLU D 163 -20.40 27.95 -21.96
N LEU D 164 -19.59 27.33 -22.81
CA LEU D 164 -19.72 27.51 -24.27
C LEU D 164 -21.09 27.05 -24.84
N ILE D 165 -21.53 25.90 -24.37
CA ILE D 165 -22.81 25.33 -24.74
C ILE D 165 -23.98 26.22 -24.29
N GLU D 166 -23.90 26.80 -23.10
CA GLU D 166 -24.97 27.71 -22.71
C GLU D 166 -25.02 28.90 -23.68
N LYS D 167 -23.86 29.36 -24.13
CA LYS D 167 -23.82 30.47 -25.08
C LYS D 167 -24.23 30.07 -26.49
N ALA D 168 -23.94 28.85 -26.89
CA ALA D 168 -24.38 28.36 -28.18
C ALA D 168 -25.90 28.41 -28.24
N LYS D 169 -26.52 28.30 -27.08
CA LYS D 169 -27.98 28.22 -27.04
C LYS D 169 -28.65 29.58 -27.22
N GLU D 170 -27.94 30.67 -26.93
CA GLU D 170 -28.46 31.99 -27.27
C GLU D 170 -27.90 32.36 -28.63
N ASP D 171 -27.56 31.32 -29.39
CA ASP D 171 -26.92 31.47 -30.69
C ASP D 171 -26.25 32.82 -30.88
N GLU D 172 -25.06 32.96 -30.33
CA GLU D 172 -24.07 33.90 -30.81
C GLU D 172 -22.81 33.62 -30.05
N ILE D 173 -22.01 32.68 -30.56
CA ILE D 173 -20.69 32.49 -30.04
C ILE D 173 -19.73 33.40 -30.75
N SER D 174 -19.35 34.47 -30.06
CA SER D 174 -18.33 35.36 -30.56
C SER D 174 -17.01 34.69 -30.22
N GLU D 175 -15.98 34.98 -31.01
CA GLU D 175 -14.67 34.48 -30.68
C GLU D 175 -14.35 34.88 -29.24
N ASN D 176 -15.05 35.88 -28.72
CA ASN D 176 -14.90 36.23 -27.29
C ASN D 176 -15.57 35.22 -26.36
N ASP D 177 -16.43 34.36 -26.90
CA ASP D 177 -17.07 33.29 -26.11
C ASP D 177 -16.19 32.04 -26.00
N LEU D 178 -15.18 31.94 -26.87
CA LEU D 178 -14.35 30.74 -26.95
C LEU D 178 -13.37 30.64 -25.76
N PRO D 179 -13.29 29.47 -25.13
CA PRO D 179 -12.29 29.31 -24.05
C PRO D 179 -10.87 29.57 -24.56
N LYS D 180 -10.05 30.12 -23.69
CA LYS D 180 -8.65 30.23 -23.97
C LYS D 180 -7.94 29.82 -22.69
N LEU D 181 -7.90 28.52 -22.42
CA LEU D 181 -7.35 28.01 -21.15
C LEU D 181 -6.00 27.31 -21.27
N VAL D 182 -5.17 27.54 -20.25
CA VAL D 182 -4.00 26.72 -19.99
C VAL D 182 -4.14 26.12 -18.59
N ILE D 183 -4.12 24.80 -18.52
CA ILE D 183 -4.36 24.14 -17.24
C ILE D 183 -3.09 23.47 -16.77
N ASP D 184 -2.71 23.71 -15.53
CA ASP D 184 -1.53 23.05 -14.95
C ASP D 184 -1.71 22.90 -13.46
N ARG D 185 -0.66 22.43 -12.79
CA ARG D 185 -0.67 22.36 -11.35
C ARG D 185 -1.32 23.55 -10.66
N ASN D 186 -0.89 24.77 -10.95
CA ASN D 186 -1.43 25.95 -10.24
C ASN D 186 -2.90 26.30 -10.51
N THR D 187 -3.52 25.64 -11.48
CA THR D 187 -4.93 25.83 -11.75
C THR D 187 -5.74 25.48 -10.47
N LEU D 188 -5.24 24.50 -9.72
CA LEU D 188 -5.97 24.04 -8.56
C LEU D 188 -6.05 25.13 -7.53
N LEU D 189 -5.12 26.08 -7.58
CA LEU D 189 -5.10 27.16 -6.61
C LEU D 189 -6.29 28.13 -6.72
N GLU D 190 -6.95 28.16 -7.87
CA GLU D 190 -8.01 29.15 -8.11
C GLU D 190 -9.36 28.47 -8.00
N ARG D 191 -9.36 27.20 -7.54
CA ARG D 191 -10.56 26.39 -7.55
C ARG D 191 -10.93 26.00 -6.13
N GLU D 192 -12.16 25.53 -5.96
CA GLU D 192 -12.57 24.99 -4.66
C GLU D 192 -12.83 23.49 -4.80
N GLU D 193 -11.98 22.79 -5.54
CA GLU D 193 -12.20 21.37 -5.79
C GLU D 193 -12.23 20.56 -4.49
N PHE D 194 -11.26 20.82 -3.62
CA PHE D 194 -10.99 19.94 -2.49
C PHE D 194 -11.36 20.60 -1.19
N GLU D 195 -12.02 19.86 -0.31
CA GLU D 195 -12.35 20.42 0.98
C GLU D 195 -11.17 20.22 1.89
N ASN D 196 -10.38 19.21 1.61
CA ASN D 196 -9.24 18.97 2.48
C ASN D 196 -7.95 19.52 1.80
N PRO D 197 -7.20 20.37 2.52
CA PRO D 197 -6.02 20.99 1.92
C PRO D 197 -4.96 19.99 1.54
N TYR D 198 -4.84 18.91 2.29
CA TYR D 198 -3.86 17.89 1.90
C TYR D 198 -4.27 17.17 0.60
N ALA D 199 -5.56 16.99 0.39
CA ALA D 199 -5.97 16.36 -0.85
C ALA D 199 -5.53 17.29 -2.02
N MET D 200 -5.72 18.57 -1.79
CA MET D 200 -5.39 19.56 -2.81
C MET D 200 -3.88 19.53 -3.19
N VAL D 201 -3.02 19.47 -2.18
CA VAL D 201 -1.57 19.54 -2.41
C VAL D 201 -1.05 18.20 -2.97
N LYS D 202 -1.68 17.11 -2.54
CA LYS D 202 -1.49 15.81 -3.19
C LYS D 202 -1.88 15.87 -4.70
N ALA D 203 -3.00 16.50 -5.08
CA ALA D 203 -3.43 16.60 -6.46
C ALA D 203 -2.47 17.48 -7.27
N MET D 204 -2.09 18.59 -6.65
CA MET D 204 -1.09 19.46 -7.23
C MET D 204 0.17 18.64 -7.52
N ALA D 205 0.61 17.82 -6.56
CA ALA D 205 1.86 17.07 -6.75
C ALA D 205 1.75 16.09 -7.90
N ALA D 206 0.54 15.53 -8.05
CA ALA D 206 0.27 14.58 -9.10
C ALA D 206 0.30 15.27 -10.47
N LEU D 207 -0.28 16.47 -10.56
CA LEU D 207 -0.17 17.25 -11.78
C LEU D 207 1.25 17.71 -12.11
N GLU D 208 2.03 18.12 -11.11
CA GLU D 208 3.43 18.43 -11.33
C GLU D 208 4.17 17.26 -11.98
N ILE D 209 3.99 16.08 -11.41
CA ILE D 209 4.69 14.90 -11.83
C ILE D 209 4.25 14.55 -13.24
N ALA D 210 2.94 14.62 -13.49
CA ALA D 210 2.38 14.37 -14.83
C ALA D 210 2.99 15.30 -15.87
N GLU D 211 3.11 16.57 -15.55
CA GLU D 211 3.67 17.48 -16.53
C GLU D 211 5.16 17.17 -16.75
N ASN D 212 5.89 16.78 -15.69
CA ASN D 212 7.31 16.44 -15.78
C ASN D 212 7.57 15.22 -16.67
N VAL D 213 6.56 14.36 -16.77
CA VAL D 213 6.66 13.15 -17.57
C VAL D 213 6.93 13.49 -19.07
N ALA D 214 6.37 14.59 -19.55
CA ALA D 214 6.50 14.91 -20.94
C ALA D 214 7.95 15.14 -21.30
N ASP D 215 8.68 15.84 -20.45
CA ASP D 215 10.07 16.14 -20.78
C ASP D 215 10.87 14.84 -20.82
N VAL D 216 10.48 13.86 -20.01
CA VAL D 216 11.25 12.61 -19.98
C VAL D 216 11.01 11.84 -21.29
N SER D 217 9.77 11.83 -21.73
CA SER D 217 9.38 11.15 -22.95
C SER D 217 10.03 11.76 -24.17
N VAL D 218 10.09 13.09 -24.17
CA VAL D 218 10.68 13.82 -25.30
C VAL D 218 12.19 13.52 -25.39
N GLU D 219 12.86 13.44 -24.25
CA GLU D 219 14.28 13.14 -24.25
C GLU D 219 14.52 11.71 -24.76
N GLY D 220 13.66 10.80 -24.34
CA GLY D 220 13.81 9.40 -24.70
C GLY D 220 13.38 9.09 -26.11
N CYS D 221 12.43 9.87 -26.62
CA CYS D 221 11.92 9.65 -27.98
C CYS D 221 12.62 10.45 -29.07
N PHE D 222 13.10 11.64 -28.75
CA PHE D 222 13.52 12.63 -29.77
C PHE D 222 14.98 13.06 -29.59
N VAL D 223 15.55 12.90 -28.41
CA VAL D 223 16.92 13.38 -28.21
C VAL D 223 17.95 12.25 -28.10
N GLU D 224 17.77 11.37 -27.13
CA GLU D 224 18.63 10.21 -26.95
C GLU D 224 18.51 9.22 -28.12
N GLN D 225 19.64 8.86 -28.74
CA GLN D 225 19.63 7.94 -29.89
C GLN D 225 20.07 6.51 -29.60
N ASP D 226 20.59 6.27 -28.39
CA ASP D 226 21.16 4.99 -28.00
C ASP D 226 20.11 4.20 -27.20
N LYS D 227 19.63 3.06 -27.74
CA LYS D 227 18.49 2.32 -27.17
C LYS D 227 18.75 1.80 -25.73
N GLU D 228 20.02 1.56 -25.42
CA GLU D 228 20.45 1.16 -24.10
C GLU D 228 20.16 2.27 -23.09
N ARG D 229 20.06 3.50 -23.60
CA ARG D 229 19.71 4.62 -22.76
C ARG D 229 18.22 4.96 -22.98
N TYR D 230 17.78 5.01 -24.21
CA TYR D 230 16.40 5.51 -24.42
C TYR D 230 15.27 4.56 -23.95
N VAL D 231 15.53 3.26 -23.87
CA VAL D 231 14.46 2.37 -23.43
C VAL D 231 14.20 2.57 -21.92
N PRO D 232 15.26 2.53 -21.11
CA PRO D 232 15.01 2.87 -19.70
C PRO D 232 14.47 4.26 -19.48
N ILE D 233 14.92 5.23 -20.26
CA ILE D 233 14.34 6.58 -20.11
C ILE D 233 12.83 6.63 -20.29
N VAL D 234 12.34 6.11 -21.42
CA VAL D 234 10.87 6.12 -21.61
C VAL D 234 10.10 5.29 -20.55
N ALA D 235 10.66 4.19 -20.12
CA ALA D 235 10.04 3.37 -19.10
C ALA D 235 9.90 4.14 -17.77
N SER D 236 10.93 4.92 -17.45
CA SER D 236 10.97 5.69 -16.21
C SER D 236 9.85 6.72 -16.24
N ALA D 237 9.55 7.19 -17.43
CA ALA D 237 8.45 8.12 -17.61
C ALA D 237 7.09 7.49 -17.24
N HIS D 238 6.88 6.25 -17.68
CA HIS D 238 5.70 5.48 -17.29
C HIS D 238 5.59 5.17 -15.80
N GLU D 239 6.72 4.86 -15.16
CA GLU D 239 6.74 4.73 -13.67
C GLU D 239 6.32 6.02 -12.98
N MET D 240 6.76 7.17 -13.51
CA MET D 240 6.26 8.43 -12.93
C MET D 240 4.74 8.61 -13.03
N MET D 241 4.15 8.39 -14.21
CA MET D 241 2.72 8.56 -14.34
C MET D 241 1.97 7.62 -13.39
N ARG D 242 2.44 6.39 -13.25
CA ARG D 242 1.85 5.44 -12.30
C ARG D 242 1.80 6.02 -10.91
N LYS D 243 2.86 6.67 -10.46
CA LYS D 243 2.88 7.26 -9.10
C LYS D 243 2.01 8.53 -9.04
N ALA D 244 1.95 9.30 -10.13
CA ALA D 244 1.01 10.41 -10.11
C ALA D 244 -0.42 9.91 -9.89
N ALA D 245 -0.76 8.78 -10.50
CA ALA D 245 -2.13 8.26 -10.43
C ALA D 245 -2.37 7.85 -9.01
N GLU D 246 -1.33 7.30 -8.38
CA GLU D 246 -1.42 6.93 -6.99
C GLU D 246 -1.63 8.13 -6.07
N LEU D 247 -0.92 9.23 -6.30
CA LEU D 247 -1.21 10.44 -5.54
C LEU D 247 -2.62 10.91 -5.73
N ALA D 248 -3.05 10.95 -6.98
CA ALA D 248 -4.38 11.40 -7.32
C ALA D 248 -5.46 10.58 -6.57
N ASP D 249 -5.31 9.25 -6.58
CA ASP D 249 -6.16 8.34 -5.80
C ASP D 249 -6.12 8.66 -4.29
N GLU D 250 -4.93 8.94 -3.72
CA GLU D 250 -4.83 9.27 -2.27
C GLU D 250 -5.58 10.54 -1.96
N ALA D 251 -5.52 11.50 -2.87
CA ALA D 251 -6.27 12.73 -2.68
C ALA D 251 -7.74 12.45 -2.62
N ARG D 252 -8.25 11.72 -3.60
CA ARG D 252 -9.66 11.35 -3.59
C ARG D 252 -10.02 10.61 -2.32
N GLU D 253 -9.19 9.68 -1.89
CA GLU D 253 -9.51 8.97 -0.67
C GLU D 253 -9.60 9.92 0.54
N LEU D 254 -8.78 10.95 0.61
CA LEU D 254 -8.88 11.89 1.72
C LEU D 254 -10.23 12.57 1.76
N GLU D 255 -10.72 12.91 0.58
CA GLU D 255 -12.00 13.53 0.43
C GLU D 255 -13.12 12.56 0.81
N LYS D 256 -13.00 11.30 0.44
CA LYS D 256 -13.96 10.31 0.94
C LYS D 256 -13.93 10.25 2.49
N SER D 257 -12.75 10.39 3.06
CA SER D 257 -12.63 10.24 4.50
C SER D 257 -13.32 11.37 5.22
N ASN D 258 -13.68 12.44 4.53
CA ASN D 258 -14.48 13.50 5.17
C ASN D 258 -15.89 13.67 4.61
N ASP D 259 -16.33 12.68 3.85
CA ASP D 259 -17.63 12.73 3.20
C ASP D 259 -17.79 14.09 2.48
N ALA D 260 -16.77 14.41 1.71
CA ALA D 260 -16.61 15.73 1.07
C ALA D 260 -16.26 15.66 -0.41
N VAL D 261 -16.60 14.55 -1.07
CA VAL D 261 -16.28 14.39 -2.47
C VAL D 261 -17.11 15.34 -3.31
N LEU D 262 -16.49 16.29 -4.00
CA LEU D 262 -17.31 17.11 -4.95
C LEU D 262 -17.90 16.28 -6.10
N ARG D 263 -19.22 16.41 -6.33
CA ARG D 263 -19.86 15.85 -7.53
C ARG D 263 -20.70 16.93 -8.21
N THR D 264 -20.51 17.09 -9.52
CA THR D 264 -21.15 18.10 -10.35
C THR D 264 -21.78 17.49 -11.63
N PRO D 265 -22.79 16.66 -11.42
CA PRO D 265 -23.61 15.95 -12.41
C PRO D 265 -24.47 16.91 -13.19
N HIS D 266 -24.72 16.58 -14.45
CA HIS D 266 -25.61 17.39 -15.28
C HIS D 266 -27.02 16.98 -15.01
N ALA D 267 -27.95 17.94 -14.93
CA ALA D 267 -29.35 17.64 -14.95
C ALA D 267 -29.75 17.40 -16.41
N PRO D 268 -30.91 16.76 -16.64
CA PRO D 268 -31.37 16.51 -18.02
C PRO D 268 -31.51 17.78 -18.87
N ASP D 269 -31.86 18.91 -18.25
CA ASP D 269 -31.89 20.16 -19.02
C ASP D 269 -30.49 20.78 -19.15
N GLY D 270 -29.47 20.07 -18.67
CA GLY D 270 -28.11 20.50 -18.92
C GLY D 270 -27.51 21.33 -17.81
N LYS D 271 -28.32 21.73 -16.85
CA LYS D 271 -27.82 22.51 -15.75
C LYS D 271 -26.79 21.71 -14.93
N VAL D 272 -25.71 22.36 -14.54
CA VAL D 272 -24.73 21.71 -13.63
C VAL D 272 -25.18 21.82 -12.18
N LEU D 273 -25.30 20.67 -11.54
CA LEU D 273 -25.67 20.56 -10.15
C LEU D 273 -24.42 20.33 -9.34
N SER D 274 -24.52 20.51 -8.04
CA SER D 274 -23.36 20.30 -7.19
C SER D 274 -23.81 19.65 -5.90
N LYS D 275 -22.98 18.78 -5.35
CA LYS D 275 -23.23 18.20 -4.01
C LYS D 275 -21.87 17.83 -3.42
N ARG D 276 -21.78 17.69 -2.10
CA ARG D 276 -20.56 17.21 -1.42
C ARG D 276 -20.76 15.95 -0.59
N LYS D 277 -21.82 15.93 0.22
CA LYS D 277 -22.12 14.78 1.08
C LYS D 277 -22.72 13.67 0.25
N PHE D 278 -22.37 12.43 0.58
CA PHE D 278 -22.71 11.28 -0.25
C PHE D 278 -24.22 11.12 -0.38
N MET D 279 -24.93 11.34 0.71
CA MET D 279 -26.40 11.11 0.75
C MET D 279 -27.21 12.38 0.54
N GLU D 280 -26.56 13.47 0.11
CA GLU D 280 -27.24 14.71 -0.24
C GLU D 280 -27.64 14.74 -1.75
N ASP D 281 -28.75 15.39 -2.08
CA ASP D 281 -29.22 15.45 -3.46
C ASP D 281 -28.52 16.54 -4.24
N PRO D 282 -27.97 16.19 -5.42
CA PRO D 282 -27.38 17.20 -6.26
C PRO D 282 -28.38 18.33 -6.44
N GLU D 283 -27.90 19.56 -6.46
CA GLU D 283 -28.80 20.72 -6.54
C GLU D 283 -28.14 21.90 -7.25
N THR E 2 -31.34 -16.24 34.21
CA THR E 2 -30.28 -15.29 34.66
C THR E 2 -28.82 -15.73 34.39
N VAL E 3 -28.52 -17.03 34.45
CA VAL E 3 -27.34 -17.55 33.76
C VAL E 3 -27.89 -18.38 32.61
N ALA E 4 -27.67 -17.91 31.39
CA ALA E 4 -28.09 -18.59 30.19
C ALA E 4 -27.04 -19.64 29.84
N LYS E 5 -27.47 -20.84 29.44
CA LYS E 5 -26.55 -21.92 29.13
C LYS E 5 -26.84 -22.34 27.71
N ALA E 6 -25.78 -22.75 27.04
CA ALA E 6 -25.86 -23.12 25.65
C ALA E 6 -24.73 -24.07 25.28
N ILE E 7 -25.06 -24.94 24.33
CA ILE E 7 -24.05 -25.80 23.66
C ILE E 7 -23.92 -25.49 22.18
N PHE E 8 -22.67 -25.49 21.75
CA PHE E 8 -22.35 -25.15 20.39
C PHE E 8 -21.73 -26.38 19.81
N ILE E 9 -22.19 -26.76 18.62
CA ILE E 9 -21.65 -27.91 17.91
C ILE E 9 -21.06 -27.48 16.59
N LYS E 10 -19.86 -27.95 16.36
CA LYS E 10 -19.07 -27.51 15.25
C LYS E 10 -18.62 -28.72 14.46
N CYS E 11 -19.10 -28.84 13.23
CA CYS E 11 -18.69 -29.90 12.33
C CYS E 11 -18.35 -29.20 11.06
N GLY E 12 -17.11 -29.41 10.61
CA GLY E 12 -16.61 -28.69 9.45
C GLY E 12 -16.27 -27.28 9.88
N ASN E 13 -15.77 -26.44 8.94
CA ASN E 13 -15.44 -25.05 9.27
C ASN E 13 -16.04 -23.97 8.37
N LEU E 14 -16.61 -22.95 9.03
CA LEU E 14 -17.01 -21.70 8.46
C LEU E 14 -16.46 -20.57 9.33
N GLY E 15 -16.21 -19.40 8.74
CA GLY E 15 -15.71 -18.28 9.51
C GLY E 15 -16.59 -17.93 10.70
N THR E 16 -17.89 -17.93 10.47
CA THR E 16 -18.83 -17.60 11.53
C THR E 16 -18.88 -18.68 12.62
N SER E 17 -18.83 -19.94 12.21
CA SER E 17 -18.95 -21.05 13.16
C SER E 17 -17.67 -21.10 13.98
N MET E 18 -16.55 -20.67 13.44
CA MET E 18 -15.31 -20.68 14.25
C MET E 18 -15.41 -19.66 15.41
N MET E 19 -16.05 -18.53 15.16
CA MET E 19 -16.02 -17.44 16.12
C MET E 19 -17.26 -17.26 16.97
N MET E 20 -18.34 -17.98 16.66
CA MET E 20 -19.66 -17.58 17.12
C MET E 20 -19.76 -17.50 18.64
N ASP E 21 -19.19 -18.48 19.34
CA ASP E 21 -19.26 -18.49 20.82
C ASP E 21 -18.42 -17.35 21.43
N MET E 22 -17.26 -17.12 20.85
CA MET E 22 -16.37 -16.11 21.36
C MET E 22 -16.94 -14.71 21.20
N LEU E 23 -17.76 -14.52 20.17
CA LEU E 23 -18.26 -13.20 19.89
C LEU E 23 -19.23 -12.78 21.00
N LEU E 24 -19.61 -13.73 21.84
CA LEU E 24 -20.60 -13.51 22.88
C LEU E 24 -20.01 -13.21 24.26
N ASP E 25 -18.72 -13.50 24.43
CA ASP E 25 -17.98 -13.31 25.72
C ASP E 25 -16.52 -12.93 25.46
N GLU E 26 -16.35 -11.77 24.84
CA GLU E 26 -15.08 -11.36 24.28
C GLU E 26 -13.95 -11.10 25.31
N ARG E 27 -14.28 -10.84 26.58
CA ARG E 27 -13.24 -10.77 27.61
C ARG E 27 -13.39 -11.84 28.72
N ALA E 28 -14.24 -12.85 28.49
CA ALA E 28 -14.54 -13.90 29.47
C ALA E 28 -15.00 -13.34 30.79
N ASP E 29 -15.70 -12.22 30.76
CA ASP E 29 -16.11 -11.60 32.00
C ASP E 29 -17.62 -11.52 32.13
N ARG E 30 -18.34 -12.23 31.27
CA ARG E 30 -19.80 -12.33 31.39
C ARG E 30 -20.17 -13.35 32.44
N GLU E 31 -20.87 -12.87 33.44
CA GLU E 31 -21.35 -13.76 34.45
C GLU E 31 -22.73 -14.30 34.12
N ASP E 32 -23.33 -13.87 33.02
CA ASP E 32 -24.71 -14.31 32.64
C ASP E 32 -24.75 -15.44 31.58
N VAL E 33 -23.61 -16.03 31.28
CA VAL E 33 -23.56 -17.09 30.27
C VAL E 33 -22.59 -18.18 30.72
N GLU E 34 -22.82 -19.36 30.17
CA GLU E 34 -22.00 -20.50 30.39
C GLU E 34 -22.18 -21.36 29.17
N PHE E 35 -21.08 -21.69 28.48
CA PHE E 35 -21.17 -22.43 27.23
C PHE E 35 -20.39 -23.73 27.27
N ARG E 36 -20.78 -24.69 26.43
CA ARG E 36 -19.94 -25.86 26.14
C ARG E 36 -19.81 -25.92 24.66
N VAL E 37 -18.65 -26.39 24.20
CA VAL E 37 -18.43 -26.54 22.78
C VAL E 37 -17.96 -27.95 22.51
N VAL E 38 -18.62 -28.63 21.60
CA VAL E 38 -18.19 -29.94 21.19
C VAL E 38 -18.16 -30.05 19.67
N GLY E 39 -17.43 -31.03 19.13
CA GLY E 39 -17.47 -31.25 17.72
C GLY E 39 -16.48 -32.29 17.23
N THR E 40 -16.42 -32.41 15.91
CA THR E 40 -15.63 -33.45 15.22
C THR E 40 -14.56 -32.87 14.30
N SER E 41 -14.21 -31.63 14.59
CA SER E 41 -13.26 -30.87 13.78
C SER E 41 -13.81 -30.62 12.36
N VAL E 42 -13.02 -30.94 11.34
CA VAL E 42 -13.39 -30.62 9.95
C VAL E 42 -14.36 -31.62 9.34
N LYS E 43 -14.57 -32.75 10.01
CA LYS E 43 -15.38 -33.83 9.46
C LYS E 43 -16.84 -33.54 9.62
N MET E 44 -17.55 -33.63 8.51
CA MET E 44 -18.99 -33.31 8.50
C MET E 44 -19.80 -34.32 7.67
N ASP E 45 -19.25 -35.53 7.53
CA ASP E 45 -19.97 -36.67 7.00
C ASP E 45 -21.10 -37.08 7.99
N PRO E 46 -22.14 -37.78 7.49
CA PRO E 46 -23.24 -38.15 8.36
C PRO E 46 -22.83 -38.78 9.68
N GLU E 47 -21.96 -39.78 9.66
CA GLU E 47 -21.56 -40.45 10.92
C GLU E 47 -20.84 -39.53 11.93
N CYS E 48 -20.14 -38.52 11.44
CA CYS E 48 -19.37 -37.59 12.29
C CYS E 48 -20.33 -36.63 12.95
N VAL E 49 -21.24 -36.10 12.15
CA VAL E 49 -22.22 -35.17 12.68
C VAL E 49 -23.08 -35.85 13.76
N GLU E 50 -23.56 -37.06 13.47
CA GLU E 50 -24.29 -37.91 14.40
C GLU E 50 -23.49 -37.97 15.68
N ALA E 51 -22.22 -38.33 15.56
CA ALA E 51 -21.37 -38.41 16.75
C ALA E 51 -21.28 -37.08 17.53
N ALA E 52 -21.12 -35.95 16.82
CA ALA E 52 -21.05 -34.65 17.50
C ALA E 52 -22.34 -34.35 18.26
N VAL E 53 -23.47 -34.53 17.59
CA VAL E 53 -24.77 -34.24 18.18
C VAL E 53 -25.01 -35.14 19.39
N GLU E 54 -24.62 -36.40 19.28
CA GLU E 54 -24.82 -37.32 20.39
C GLU E 54 -24.02 -36.81 21.57
N MET E 55 -22.83 -36.30 21.28
CA MET E 55 -21.96 -35.72 22.27
C MET E 55 -22.65 -34.56 22.97
N ALA E 56 -23.27 -33.69 22.18
CA ALA E 56 -23.97 -32.54 22.75
C ALA E 56 -25.14 -32.99 23.63
N LEU E 57 -25.95 -33.91 23.10
CA LEU E 57 -27.07 -34.41 23.89
C LEU E 57 -26.64 -35.18 25.14
N ASP E 58 -25.50 -35.88 25.10
CA ASP E 58 -24.98 -36.55 26.31
C ASP E 58 -24.69 -35.56 27.44
N ILE E 59 -23.96 -34.49 27.15
CA ILE E 59 -23.63 -33.56 28.22
C ILE E 59 -24.83 -32.65 28.52
N ALA E 60 -25.72 -32.48 27.56
CA ALA E 60 -26.94 -31.72 27.83
C ALA E 60 -27.72 -32.29 29.01
N GLU E 61 -27.70 -33.62 29.17
CA GLU E 61 -28.41 -34.27 30.27
C GLU E 61 -28.11 -33.58 31.62
N ASP E 62 -26.84 -33.38 31.93
CA ASP E 62 -26.47 -32.71 33.18
C ASP E 62 -26.36 -31.21 33.03
N PHE E 63 -26.07 -30.72 31.83
CA PHE E 63 -25.79 -29.31 31.67
C PHE E 63 -27.07 -28.45 31.58
N GLU E 64 -28.14 -29.01 31.01
CA GLU E 64 -29.41 -28.32 30.89
C GLU E 64 -29.33 -26.99 30.10
N PRO E 65 -28.86 -27.08 28.86
CA PRO E 65 -28.79 -25.85 28.10
C PRO E 65 -30.16 -25.27 27.76
N ASP E 66 -30.21 -23.94 27.66
CA ASP E 66 -31.43 -23.25 27.22
C ASP E 66 -31.61 -23.31 25.69
N PHE E 67 -30.50 -23.46 24.95
CA PHE E 67 -30.56 -23.71 23.53
C PHE E 67 -29.25 -24.31 23.04
N ILE E 68 -29.30 -24.82 21.83
CA ILE E 68 -28.13 -25.44 21.18
C ILE E 68 -27.90 -24.83 19.80
N VAL E 69 -26.64 -24.62 19.45
CA VAL E 69 -26.35 -24.04 18.16
C VAL E 69 -25.54 -25.06 17.39
N TYR E 70 -25.97 -25.33 16.16
CA TYR E 70 -25.22 -26.20 15.31
C TYR E 70 -24.61 -25.31 14.25
N GLY E 71 -23.30 -25.36 14.14
CA GLY E 71 -22.62 -24.49 13.20
C GLY E 71 -21.66 -25.18 12.25
N GLY E 72 -21.91 -25.04 10.96
CA GLY E 72 -20.95 -25.54 9.98
C GLY E 72 -21.50 -25.34 8.61
N PRO E 73 -20.71 -25.75 7.62
CA PRO E 73 -20.90 -25.67 6.19
C PRO E 73 -22.21 -26.32 5.78
N ASN E 74 -22.86 -25.68 4.80
CA ASN E 74 -23.98 -26.22 4.05
C ASN E 74 -25.00 -27.10 4.82
N PRO E 75 -26.02 -26.45 5.39
CA PRO E 75 -27.08 -27.14 6.13
C PRO E 75 -27.95 -28.12 5.29
N ALA E 76 -27.87 -28.01 3.97
CA ALA E 76 -28.58 -28.91 3.08
C ALA E 76 -27.77 -30.14 2.71
N ALA E 77 -26.51 -30.20 3.16
CA ALA E 77 -25.68 -31.38 2.94
C ALA E 77 -26.12 -32.54 3.84
N PRO E 78 -25.70 -33.77 3.51
CA PRO E 78 -26.13 -34.99 4.17
C PRO E 78 -25.83 -35.01 5.67
N GLY E 79 -24.63 -34.60 6.06
CA GLY E 79 -24.29 -34.50 7.48
C GLY E 79 -25.10 -33.48 8.26
N PRO E 80 -25.00 -32.20 7.89
CA PRO E 80 -25.85 -31.24 8.60
C PRO E 80 -27.36 -31.51 8.54
N SER E 81 -27.81 -32.22 7.51
CA SER E 81 -29.21 -32.57 7.45
C SER E 81 -29.59 -33.54 8.55
N LYS E 82 -28.66 -34.43 8.90
CA LYS E 82 -28.84 -35.33 10.03
C LYS E 82 -28.87 -34.53 11.34
N ALA E 83 -28.03 -33.50 11.43
CA ALA E 83 -28.03 -32.65 12.60
C ALA E 83 -29.39 -31.97 12.76
N ARG E 84 -29.95 -31.48 11.65
CA ARG E 84 -31.16 -30.71 11.75
C ARG E 84 -32.29 -31.64 12.25
N GLU E 85 -32.34 -32.83 11.67
CA GLU E 85 -33.33 -33.86 12.02
C GLU E 85 -33.22 -34.16 13.51
N MET E 86 -32.02 -34.49 13.99
CA MET E 86 -31.82 -34.84 15.42
C MET E 86 -32.13 -33.68 16.37
N LEU E 87 -31.76 -32.46 15.99
CA LEU E 87 -31.97 -31.29 16.86
C LEU E 87 -33.44 -30.85 16.87
N ALA E 88 -34.11 -30.94 15.73
CA ALA E 88 -35.54 -30.61 15.64
C ALA E 88 -36.39 -31.53 16.51
N ASP E 89 -35.98 -32.79 16.59
CA ASP E 89 -36.76 -33.80 17.34
C ASP E 89 -36.37 -33.81 18.80
N SER E 90 -35.29 -33.12 19.14
CA SER E 90 -34.87 -32.99 20.53
C SER E 90 -35.79 -32.02 21.24
N GLU E 91 -35.71 -31.97 22.57
CA GLU E 91 -36.54 -31.04 23.33
C GLU E 91 -35.98 -29.61 23.30
N TYR E 92 -34.77 -29.42 22.80
CA TYR E 92 -34.05 -28.16 23.02
C TYR E 92 -34.21 -27.18 21.87
N PRO E 93 -34.44 -25.89 22.17
CA PRO E 93 -34.42 -24.95 21.05
C PRO E 93 -33.07 -24.94 20.36
N ALA E 94 -33.09 -24.80 19.05
CA ALA E 94 -31.87 -24.97 18.26
C ALA E 94 -31.78 -24.02 17.06
N VAL E 95 -30.56 -23.56 16.82
CA VAL E 95 -30.25 -22.61 15.76
C VAL E 95 -29.11 -23.20 14.92
N ILE E 96 -29.26 -23.06 13.61
CA ILE E 96 -28.36 -23.56 12.62
C ILE E 96 -27.63 -22.36 12.00
N ILE E 97 -26.31 -22.39 12.10
CA ILE E 97 -25.46 -21.38 11.49
C ILE E 97 -24.83 -22.02 10.25
N GLY E 98 -25.09 -21.45 9.08
CA GLY E 98 -24.50 -21.97 7.85
C GLY E 98 -24.20 -20.89 6.84
N ASP E 99 -23.86 -21.32 5.62
CA ASP E 99 -23.56 -20.39 4.53
C ASP E 99 -24.68 -20.44 3.49
N ALA E 100 -24.45 -19.78 2.34
CA ALA E 100 -25.47 -19.60 1.30
C ALA E 100 -26.10 -20.89 0.81
N PRO E 101 -25.32 -21.98 0.68
CA PRO E 101 -26.00 -23.24 0.32
C PRO E 101 -27.18 -23.61 1.24
N GLY E 102 -27.19 -23.06 2.44
CA GLY E 102 -28.29 -23.33 3.39
C GLY E 102 -29.63 -22.81 2.91
N LEU E 103 -29.61 -21.89 1.94
CA LEU E 103 -30.84 -21.28 1.49
C LEU E 103 -31.76 -22.36 0.90
N LYS E 104 -31.18 -23.41 0.36
CA LYS E 104 -31.96 -24.48 -0.26
C LYS E 104 -32.93 -25.13 0.73
N VAL E 105 -32.60 -25.11 2.02
CA VAL E 105 -33.42 -25.78 3.02
C VAL E 105 -33.94 -24.83 4.08
N LYS E 106 -33.98 -23.54 3.74
CA LYS E 106 -34.53 -22.56 4.65
C LYS E 106 -35.98 -22.86 5.02
N ASP E 107 -36.84 -23.09 4.04
CA ASP E 107 -38.27 -23.40 4.33
C ASP E 107 -38.37 -24.61 5.26
N GLU E 108 -37.68 -25.66 4.87
CA GLU E 108 -37.65 -26.90 5.61
C GLU E 108 -37.19 -26.68 7.05
N MET E 109 -36.17 -25.85 7.26
CA MET E 109 -35.74 -25.54 8.63
C MET E 109 -36.85 -24.83 9.42
N GLU E 110 -37.56 -23.93 8.74
CA GLU E 110 -38.70 -23.26 9.37
C GLU E 110 -39.74 -24.30 9.80
N GLU E 111 -40.03 -25.24 8.89
CA GLU E 111 -40.93 -26.38 9.14
C GLU E 111 -40.43 -27.30 10.27
N GLN E 112 -39.10 -27.43 10.43
CA GLN E 112 -38.53 -28.26 11.48
C GLN E 112 -38.60 -27.55 12.82
N GLY E 113 -38.98 -26.28 12.81
CA GLY E 113 -39.00 -25.48 14.02
C GLY E 113 -37.60 -25.04 14.49
N LEU E 114 -36.66 -24.95 13.55
CA LEU E 114 -35.30 -24.56 13.88
C LEU E 114 -35.07 -23.08 13.57
N GLY E 115 -34.17 -22.45 14.31
CA GLY E 115 -33.71 -21.12 13.96
C GLY E 115 -32.55 -21.21 12.95
N TYR E 116 -32.22 -20.11 12.32
CA TYR E 116 -31.07 -20.15 11.41
C TYR E 116 -30.47 -18.77 11.21
N ILE E 117 -29.20 -18.77 10.86
CA ILE E 117 -28.49 -17.57 10.50
C ILE E 117 -27.64 -18.03 9.32
N LEU E 118 -27.92 -17.52 8.13
CA LEU E 118 -27.21 -17.99 6.96
C LEU E 118 -26.34 -16.84 6.49
N VAL E 119 -25.03 -17.04 6.51
CA VAL E 119 -24.09 -15.98 6.15
C VAL E 119 -23.58 -16.20 4.73
N LYS E 120 -24.07 -15.41 3.79
CA LYS E 120 -23.75 -15.64 2.42
C LYS E 120 -22.28 -15.31 2.07
N PRO E 121 -21.66 -14.32 2.73
CA PRO E 121 -20.24 -14.10 2.43
C PRO E 121 -19.28 -15.09 3.08
N ASP E 122 -19.81 -16.00 3.89
CA ASP E 122 -18.95 -17.03 4.52
C ASP E 122 -18.69 -18.09 3.48
N ALA E 123 -17.82 -17.75 2.53
CA ALA E 123 -17.64 -18.49 1.28
C ALA E 123 -16.74 -19.71 1.44
N MET E 124 -17.10 -20.79 0.77
CA MET E 124 -16.29 -22.00 0.69
C MET E 124 -14.96 -21.66 0.05
N LEU E 125 -13.89 -22.27 0.56
CA LEU E 125 -12.58 -21.99 0.08
C LEU E 125 -12.19 -22.96 -1.03
N GLY E 126 -11.01 -22.77 -1.59
CA GLY E 126 -10.58 -23.52 -2.77
C GLY E 126 -9.91 -24.86 -2.46
N ALA E 127 -10.73 -25.86 -2.10
CA ALA E 127 -10.22 -27.12 -1.57
C ALA E 127 -9.76 -28.14 -2.62
N ARG E 128 -8.60 -27.91 -3.23
CA ARG E 128 -7.98 -28.87 -4.08
C ARG E 128 -6.61 -29.10 -3.49
N ARG E 129 -6.21 -30.35 -3.43
CA ARG E 129 -4.95 -30.76 -2.78
C ARG E 129 -3.71 -30.02 -3.31
N GLU E 130 -3.71 -29.79 -4.61
CA GLU E 130 -2.60 -29.13 -5.27
C GLU E 130 -2.29 -27.72 -4.77
N PHE E 131 -3.26 -27.12 -4.06
CA PHE E 131 -3.26 -25.73 -3.73
C PHE E 131 -3.46 -25.51 -2.24
N LEU E 132 -4.49 -26.20 -1.70
CA LEU E 132 -4.92 -25.98 -0.31
C LEU E 132 -4.18 -26.90 0.66
N ASP E 133 -3.16 -26.37 1.33
CA ASP E 133 -2.53 -27.08 2.42
C ASP E 133 -2.94 -26.37 3.69
N PRO E 134 -2.44 -26.82 4.84
CA PRO E 134 -2.95 -26.20 6.06
C PRO E 134 -2.66 -24.71 6.15
N VAL E 135 -1.49 -24.30 5.68
CA VAL E 135 -1.14 -22.88 5.71
C VAL E 135 -2.06 -22.07 4.83
N GLU E 136 -2.33 -22.49 3.60
CA GLU E 136 -3.21 -21.74 2.74
C GLU E 136 -4.61 -21.69 3.36
N MET E 137 -5.04 -22.78 3.96
CA MET E 137 -6.35 -22.84 4.66
C MET E 137 -6.45 -21.78 5.78
N ALA E 138 -5.38 -21.66 6.58
CA ALA E 138 -5.32 -20.67 7.66
C ALA E 138 -5.32 -19.23 7.11
N ILE E 139 -4.57 -18.98 6.01
CA ILE E 139 -4.42 -17.66 5.44
C ILE E 139 -5.82 -17.24 4.96
N TYR E 140 -6.51 -18.18 4.35
CA TYR E 140 -7.86 -17.89 3.86
C TYR E 140 -8.80 -17.49 4.99
N ASN E 141 -8.79 -18.28 6.05
CA ASN E 141 -9.61 -18.01 7.21
C ASN E 141 -9.26 -16.68 7.85
N ALA E 142 -7.98 -16.33 7.80
CA ALA E 142 -7.59 -15.01 8.34
C ALA E 142 -8.25 -13.88 7.55
N ASP E 143 -8.19 -13.95 6.22
CA ASP E 143 -8.84 -12.94 5.38
C ASP E 143 -10.35 -12.89 5.50
N LEU E 144 -11.00 -14.07 5.50
CA LEU E 144 -12.43 -14.15 5.70
C LEU E 144 -12.85 -13.59 7.05
N MET E 145 -12.14 -13.97 8.11
CA MET E 145 -12.42 -13.44 9.45
C MET E 145 -12.34 -11.91 9.51
N LYS E 146 -11.29 -11.33 8.88
CA LYS E 146 -11.18 -9.88 8.77
C LYS E 146 -12.40 -9.30 8.03
N VAL E 147 -12.81 -9.96 6.94
CA VAL E 147 -13.99 -9.46 6.22
C VAL E 147 -15.26 -9.48 7.07
N LEU E 148 -15.55 -10.61 7.71
CA LEU E 148 -16.73 -10.80 8.52
C LEU E 148 -16.77 -9.83 9.67
N ALA E 149 -15.63 -9.64 10.33
CA ALA E 149 -15.53 -8.70 11.40
C ALA E 149 -15.56 -7.22 11.01
N ALA E 150 -14.62 -6.76 10.17
CA ALA E 150 -14.56 -5.33 9.89
C ALA E 150 -15.79 -4.80 9.19
N THR E 151 -16.54 -5.64 8.49
CA THR E 151 -17.71 -5.15 7.76
C THR E 151 -18.91 -5.03 8.71
N GLY E 152 -18.81 -5.66 9.87
CA GLY E 152 -19.97 -5.69 10.77
C GLY E 152 -20.88 -6.90 10.69
N VAL E 153 -20.60 -7.85 9.79
CA VAL E 153 -21.32 -9.12 9.78
C VAL E 153 -21.34 -9.77 11.19
N PHE E 154 -20.21 -9.79 11.89
CA PHE E 154 -20.17 -10.47 13.18
C PHE E 154 -20.94 -9.74 14.27
N ARG E 155 -21.06 -8.42 14.15
CA ARG E 155 -22.01 -7.72 15.03
C ARG E 155 -23.49 -8.17 14.87
N VAL E 156 -23.94 -8.34 13.64
CA VAL E 156 -25.26 -8.81 13.34
C VAL E 156 -25.43 -10.17 13.99
N VAL E 157 -24.39 -11.01 13.91
CA VAL E 157 -24.42 -12.33 14.57
C VAL E 157 -24.48 -12.18 16.10
N GLN E 158 -23.57 -11.37 16.64
CA GLN E 158 -23.58 -10.97 18.05
C GLN E 158 -24.97 -10.54 18.47
N GLU E 159 -25.60 -9.62 17.74
CA GLU E 159 -26.91 -9.12 18.20
C GLU E 159 -28.04 -10.15 18.20
N ALA E 160 -28.06 -11.04 17.22
CA ALA E 160 -29.09 -12.09 17.16
C ALA E 160 -28.97 -13.03 18.37
N PHE E 161 -27.74 -13.40 18.70
CA PHE E 161 -27.52 -14.25 19.84
C PHE E 161 -27.83 -13.55 21.16
N ASP E 162 -27.47 -12.28 21.26
CA ASP E 162 -27.72 -11.56 22.48
C ASP E 162 -29.22 -11.42 22.76
N GLU E 163 -30.01 -11.21 21.72
CA GLU E 163 -31.45 -11.23 21.91
C GLU E 163 -31.93 -12.62 22.29
N LEU E 164 -31.40 -13.66 21.65
CA LEU E 164 -31.86 -15.02 21.96
C LEU E 164 -31.59 -15.30 23.44
N ILE E 165 -30.40 -14.92 23.89
CA ILE E 165 -29.98 -15.16 25.26
C ILE E 165 -30.86 -14.41 26.28
N GLU E 166 -31.24 -13.17 25.97
CA GLU E 166 -32.15 -12.47 26.86
C GLU E 166 -33.43 -13.29 26.96
N LYS E 167 -33.97 -13.73 25.83
CA LYS E 167 -35.19 -14.55 25.89
C LYS E 167 -34.98 -15.82 26.74
N ALA E 168 -33.82 -16.45 26.58
CA ALA E 168 -33.50 -17.67 27.32
C ALA E 168 -33.57 -17.43 28.81
N LYS E 169 -33.04 -16.29 29.25
CA LYS E 169 -33.02 -15.95 30.67
C LYS E 169 -34.44 -15.64 31.21
N GLU E 170 -35.31 -15.05 30.39
CA GLU E 170 -36.69 -14.78 30.82
C GLU E 170 -37.48 -16.07 30.61
N ASP E 171 -36.74 -17.17 30.61
CA ASP E 171 -37.28 -18.48 30.32
C ASP E 171 -38.59 -18.45 29.55
N GLU E 172 -38.47 -18.26 28.25
CA GLU E 172 -39.48 -18.71 27.29
C GLU E 172 -38.91 -18.49 25.92
N ILE E 173 -38.16 -19.47 25.44
CA ILE E 173 -37.76 -19.44 24.04
C ILE E 173 -38.82 -20.13 23.20
N SER E 174 -39.71 -19.34 22.62
CA SER E 174 -40.70 -19.91 21.72
C SER E 174 -40.08 -20.03 20.34
N GLU E 175 -40.74 -20.79 19.47
CA GLU E 175 -40.26 -20.92 18.11
C GLU E 175 -40.26 -19.56 17.45
N ASN E 176 -41.13 -18.67 17.90
CA ASN E 176 -41.19 -17.34 17.32
C ASN E 176 -40.00 -16.48 17.77
N ASP E 177 -39.26 -16.96 18.78
CA ASP E 177 -38.11 -16.24 19.34
C ASP E 177 -36.84 -16.53 18.52
N LEU E 178 -36.82 -17.63 17.78
CA LEU E 178 -35.56 -18.10 17.15
C LEU E 178 -35.19 -17.24 15.94
N PRO E 179 -33.87 -16.96 15.77
CA PRO E 179 -33.47 -16.11 14.67
C PRO E 179 -33.79 -16.73 13.34
N LYS E 180 -34.16 -15.89 12.39
CA LYS E 180 -34.31 -16.32 11.03
C LYS E 180 -33.64 -15.30 10.14
N LEU E 181 -32.31 -15.36 10.07
CA LEU E 181 -31.53 -14.32 9.38
C LEU E 181 -30.84 -14.89 8.18
N VAL E 182 -30.83 -14.09 7.11
CA VAL E 182 -29.95 -14.32 6.00
C VAL E 182 -29.06 -13.08 5.87
N ILE E 183 -27.76 -13.23 6.06
CA ILE E 183 -26.91 -12.05 6.01
C ILE E 183 -26.21 -11.93 4.64
N ASP E 184 -26.28 -10.74 4.02
CA ASP E 184 -25.51 -10.46 2.82
C ASP E 184 -25.10 -8.98 2.70
N ARG E 185 -24.40 -8.64 1.61
CA ARG E 185 -24.02 -7.26 1.33
C ARG E 185 -25.12 -6.25 1.70
N ASN E 186 -26.34 -6.50 1.27
CA ASN E 186 -27.43 -5.52 1.50
C ASN E 186 -27.91 -5.44 2.96
N THR E 187 -27.49 -6.37 3.80
CA THR E 187 -27.70 -6.24 5.23
C THR E 187 -27.16 -4.92 5.79
N LEU E 188 -26.05 -4.42 5.22
CA LEU E 188 -25.50 -3.15 5.67
C LEU E 188 -26.48 -1.97 5.52
N LEU E 189 -27.38 -2.05 4.57
CA LEU E 189 -28.27 -0.93 4.28
C LEU E 189 -29.34 -0.68 5.36
N GLU E 190 -29.57 -1.65 6.23
CA GLU E 190 -30.59 -1.46 7.24
C GLU E 190 -29.92 -1.31 8.59
N ARG E 191 -28.61 -1.11 8.58
CA ARG E 191 -27.91 -0.92 9.84
C ARG E 191 -27.32 0.47 9.93
N GLU E 192 -26.66 0.70 11.05
CA GLU E 192 -26.03 1.94 11.36
C GLU E 192 -24.58 1.71 11.76
N GLU E 193 -23.93 0.70 11.16
CA GLU E 193 -22.58 0.35 11.52
C GLU E 193 -21.59 1.50 11.29
N PHE E 194 -21.65 2.11 10.12
CA PHE E 194 -20.60 3.01 9.72
C PHE E 194 -21.00 4.47 9.83
N GLU E 195 -20.19 5.30 10.49
CA GLU E 195 -20.46 6.72 10.42
C GLU E 195 -20.15 7.32 9.04
N ASN E 196 -19.11 6.84 8.37
CA ASN E 196 -18.70 7.37 7.09
C ASN E 196 -19.30 6.50 6.00
N PRO E 197 -20.00 7.13 5.09
CA PRO E 197 -20.68 6.45 4.00
C PRO E 197 -19.72 5.67 3.10
N TYR E 198 -18.52 6.17 2.90
CA TYR E 198 -17.62 5.49 1.99
C TYR E 198 -17.10 4.24 2.65
N ALA E 199 -17.03 4.29 3.99
CA ALA E 199 -16.67 3.12 4.76
C ALA E 199 -17.74 2.06 4.56
N MET E 200 -19.00 2.50 4.58
CA MET E 200 -20.08 1.58 4.38
C MET E 200 -20.03 0.93 3.01
N VAL E 201 -19.79 1.73 1.96
CA VAL E 201 -19.77 1.18 0.58
C VAL E 201 -18.56 0.33 0.30
N LYS E 202 -17.43 0.65 0.93
CA LYS E 202 -16.30 -0.25 0.84
C LYS E 202 -16.60 -1.60 1.53
N ALA E 203 -17.29 -1.57 2.67
CA ALA E 203 -17.65 -2.80 3.36
C ALA E 203 -18.64 -3.62 2.57
N MET E 204 -19.50 -2.94 1.80
CA MET E 204 -20.47 -3.60 0.94
C MET E 204 -19.72 -4.30 -0.16
N ALA E 205 -18.76 -3.62 -0.72
CA ALA E 205 -17.98 -4.17 -1.79
C ALA E 205 -17.24 -5.40 -1.29
N ALA E 206 -16.68 -5.36 -0.09
CA ALA E 206 -15.97 -6.52 0.40
C ALA E 206 -16.93 -7.73 0.58
N LEU E 207 -18.15 -7.48 1.04
CA LEU E 207 -19.11 -8.57 1.25
C LEU E 207 -19.56 -9.14 -0.11
N GLU E 208 -19.70 -8.27 -1.08
CA GLU E 208 -20.05 -8.67 -2.41
C GLU E 208 -18.99 -9.57 -3.03
N ILE E 209 -17.73 -9.16 -2.93
CA ILE E 209 -16.62 -10.00 -3.40
C ILE E 209 -16.52 -11.33 -2.68
N ALA E 210 -16.70 -11.29 -1.35
CA ALA E 210 -16.70 -12.46 -0.45
C ALA E 210 -17.77 -13.46 -0.86
N GLU E 211 -18.96 -12.97 -1.11
CA GLU E 211 -20.01 -13.83 -1.63
C GLU E 211 -19.66 -14.46 -3.01
N ASN E 212 -19.09 -13.67 -3.91
CA ASN E 212 -18.67 -14.17 -5.22
C ASN E 212 -17.52 -15.19 -5.17
N VAL E 213 -16.70 -15.12 -4.14
CA VAL E 213 -15.65 -16.13 -3.98
C VAL E 213 -16.28 -17.55 -4.00
N ALA E 214 -17.45 -17.71 -3.36
CA ALA E 214 -18.18 -18.99 -3.30
C ALA E 214 -18.34 -19.68 -4.64
N ASP E 215 -18.85 -18.96 -5.65
CA ASP E 215 -19.06 -19.52 -6.98
C ASP E 215 -17.76 -19.99 -7.60
N VAL E 216 -16.76 -19.18 -7.42
CA VAL E 216 -15.48 -19.53 -8.03
C VAL E 216 -14.95 -20.81 -7.38
N SER E 217 -15.09 -20.91 -6.06
CA SER E 217 -14.62 -22.10 -5.33
C SER E 217 -15.40 -23.33 -5.80
N VAL E 218 -16.69 -23.14 -5.98
CA VAL E 218 -17.53 -24.22 -6.38
C VAL E 218 -17.18 -24.73 -7.75
N GLU E 219 -16.87 -23.79 -8.64
CA GLU E 219 -16.48 -24.11 -10.02
C GLU E 219 -15.21 -24.94 -10.04
N GLY E 220 -14.23 -24.48 -9.29
CA GLY E 220 -12.95 -25.15 -9.19
C GLY E 220 -12.91 -26.49 -8.50
N CYS E 221 -13.80 -26.72 -7.53
CA CYS E 221 -13.78 -27.95 -6.75
C CYS E 221 -14.73 -28.99 -7.26
N PHE E 222 -15.86 -28.56 -7.82
CA PHE E 222 -16.91 -29.49 -8.25
C PHE E 222 -17.21 -29.53 -9.74
N VAL E 223 -16.87 -28.50 -10.50
CA VAL E 223 -17.26 -28.45 -11.91
C VAL E 223 -16.09 -28.69 -12.87
N GLU E 224 -15.09 -27.81 -12.85
CA GLU E 224 -13.92 -27.96 -13.66
C GLU E 224 -13.20 -29.24 -13.26
N GLN E 225 -12.84 -30.08 -14.23
CA GLN E 225 -12.20 -31.35 -13.89
C GLN E 225 -10.72 -31.46 -14.34
N ASP E 226 -10.22 -30.48 -15.09
CA ASP E 226 -8.82 -30.48 -15.55
C ASP E 226 -7.97 -29.60 -14.64
N LYS E 227 -6.91 -30.17 -14.07
CA LYS E 227 -6.21 -29.48 -13.00
C LYS E 227 -5.44 -28.26 -13.54
N GLU E 228 -5.08 -28.32 -14.80
CA GLU E 228 -4.49 -27.18 -15.47
C GLU E 228 -5.44 -26.00 -15.40
N ARG E 229 -6.72 -26.27 -15.23
CA ARG E 229 -7.71 -25.21 -15.12
C ARG E 229 -8.16 -25.00 -13.67
N TYR E 230 -8.39 -26.07 -12.93
CA TYR E 230 -8.95 -25.91 -11.60
C TYR E 230 -8.02 -25.38 -10.53
N VAL E 231 -6.73 -25.57 -10.69
CA VAL E 231 -5.80 -25.03 -9.72
C VAL E 231 -5.79 -23.52 -9.80
N PRO E 232 -5.53 -22.97 -11.01
CA PRO E 232 -5.63 -21.55 -11.17
C PRO E 232 -7.01 -20.97 -10.74
N ILE E 233 -8.12 -21.64 -11.07
CA ILE E 233 -9.47 -21.18 -10.60
C ILE E 233 -9.59 -21.08 -9.07
N VAL E 234 -9.20 -22.12 -8.32
CA VAL E 234 -9.38 -22.03 -6.86
C VAL E 234 -8.40 -20.99 -6.27
N ALA E 235 -7.20 -20.86 -6.86
CA ALA E 235 -6.26 -19.85 -6.37
C ALA E 235 -6.79 -18.43 -6.57
N SER E 236 -7.47 -18.17 -7.70
CA SER E 236 -8.03 -16.86 -7.96
C SER E 236 -9.12 -16.50 -6.92
N ALA E 237 -9.81 -17.51 -6.44
CA ALA E 237 -10.80 -17.29 -5.38
C ALA E 237 -10.13 -16.76 -4.09
N HIS E 238 -8.97 -17.33 -3.77
CA HIS E 238 -8.24 -16.91 -2.58
C HIS E 238 -7.70 -15.48 -2.78
N GLU E 239 -7.28 -15.11 -4.00
CA GLU E 239 -6.81 -13.75 -4.22
C GLU E 239 -7.94 -12.74 -4.07
N MET E 240 -9.13 -13.11 -4.52
CA MET E 240 -10.34 -12.32 -4.31
C MET E 240 -10.57 -12.08 -2.83
N MET E 241 -10.51 -13.14 -2.06
CA MET E 241 -10.80 -12.98 -0.61
C MET E 241 -9.75 -12.06 0.09
N ARG E 242 -8.52 -12.13 -0.35
CA ARG E 242 -7.49 -11.30 0.22
C ARG E 242 -7.83 -9.85 -0.07
N LYS E 243 -8.40 -9.57 -1.23
CA LYS E 243 -8.63 -8.21 -1.57
C LYS E 243 -9.88 -7.69 -0.83
N ALA E 244 -10.81 -8.56 -0.61
CA ALA E 244 -11.99 -8.22 0.18
C ALA E 244 -11.60 -7.84 1.62
N ALA E 245 -10.68 -8.60 2.13
CA ALA E 245 -10.09 -8.30 3.45
C ALA E 245 -9.39 -6.91 3.45
N GLU E 246 -8.76 -6.55 2.36
CA GLU E 246 -8.10 -5.25 2.25
C GLU E 246 -9.15 -4.16 2.17
N LEU E 247 -10.31 -4.42 1.56
CA LEU E 247 -11.39 -3.43 1.51
C LEU E 247 -11.95 -3.20 2.90
N ALA E 248 -12.20 -4.31 3.56
CA ALA E 248 -12.69 -4.25 4.94
C ALA E 248 -11.74 -3.44 5.85
N ASP E 249 -10.46 -3.72 5.77
CA ASP E 249 -9.48 -2.93 6.46
C ASP E 249 -9.62 -1.45 6.09
N GLU E 250 -9.74 -1.16 4.81
CA GLU E 250 -9.73 0.22 4.38
C GLU E 250 -10.93 0.95 4.99
N ALA E 251 -12.01 0.21 5.09
CA ALA E 251 -13.28 0.74 5.65
C ALA E 251 -13.11 1.01 7.15
N ARG E 252 -12.45 0.11 7.85
CA ARG E 252 -12.17 0.33 9.24
C ARG E 252 -11.22 1.52 9.46
N GLU E 253 -10.17 1.69 8.63
CA GLU E 253 -9.28 2.86 8.74
C GLU E 253 -10.00 4.20 8.53
N LEU E 254 -11.06 4.22 7.71
CA LEU E 254 -11.85 5.44 7.48
C LEU E 254 -12.63 5.84 8.72
N GLU E 255 -13.13 4.83 9.40
CA GLU E 255 -13.80 5.08 10.67
C GLU E 255 -12.82 5.60 11.70
N LYS E 256 -11.62 5.03 11.73
CA LYS E 256 -10.61 5.51 12.64
C LYS E 256 -10.30 6.96 12.32
N SER E 257 -10.34 7.31 11.04
CA SER E 257 -9.96 8.66 10.65
C SER E 257 -10.92 9.68 11.19
N ASN E 258 -12.16 9.26 11.45
CA ASN E 258 -13.15 10.13 12.04
C ASN E 258 -13.45 9.87 13.51
N ASP E 259 -12.63 9.04 14.13
CA ASP E 259 -12.80 8.66 15.54
C ASP E 259 -14.20 8.25 15.75
N ALA E 260 -14.63 7.33 14.89
CA ALA E 260 -16.01 6.89 14.91
C ALA E 260 -16.22 5.39 14.81
N VAL E 261 -15.26 4.61 15.31
CA VAL E 261 -15.34 3.16 15.28
C VAL E 261 -16.40 2.67 16.29
N LEU E 262 -17.47 2.06 15.78
CA LEU E 262 -18.46 1.43 16.62
C LEU E 262 -17.83 0.31 17.44
N ARG E 263 -17.94 0.39 18.76
CA ARG E 263 -17.60 -0.71 19.70
C ARG E 263 -18.81 -1.04 20.57
N THR E 264 -19.17 -2.31 20.63
CA THR E 264 -20.33 -2.73 21.41
C THR E 264 -19.92 -3.88 22.31
N PRO E 265 -19.10 -3.60 23.33
CA PRO E 265 -18.75 -4.64 24.29
C PRO E 265 -19.88 -5.02 25.26
N HIS E 266 -19.76 -6.23 25.80
CA HIS E 266 -20.63 -6.67 26.89
C HIS E 266 -20.19 -6.21 28.25
N ALA E 267 -21.17 -5.79 29.05
CA ALA E 267 -20.99 -5.59 30.48
C ALA E 267 -21.05 -6.94 31.20
N PRO E 268 -20.52 -7.01 32.43
CA PRO E 268 -20.51 -8.29 33.14
C PRO E 268 -21.86 -8.98 33.27
N ASP E 269 -22.93 -8.19 33.28
CA ASP E 269 -24.29 -8.71 33.39
C ASP E 269 -24.90 -8.98 32.02
N GLY E 270 -24.06 -8.84 30.99
CA GLY E 270 -24.42 -9.19 29.61
C GLY E 270 -25.07 -8.08 28.80
N LYS E 271 -25.40 -6.97 29.43
CA LYS E 271 -25.94 -5.88 28.66
C LYS E 271 -24.92 -5.46 27.62
N VAL E 272 -25.42 -5.12 26.45
CA VAL E 272 -24.58 -4.72 25.34
C VAL E 272 -24.42 -3.20 25.33
N LEU E 273 -23.22 -2.71 25.62
CA LEU E 273 -22.96 -1.28 25.65
C LEU E 273 -22.54 -0.81 24.27
N SER E 274 -22.30 0.48 24.11
CA SER E 274 -21.95 0.99 22.81
C SER E 274 -21.19 2.29 23.04
N LYS E 275 -20.24 2.57 22.12
CA LYS E 275 -19.47 3.80 22.10
C LYS E 275 -18.94 3.98 20.69
N ARG E 276 -18.56 5.21 20.38
CA ARG E 276 -18.07 5.60 19.08
C ARG E 276 -16.68 6.20 19.24
N LYS E 277 -16.56 7.16 20.13
CA LYS E 277 -15.30 7.91 20.35
C LYS E 277 -14.31 7.09 21.15
N PHE E 278 -13.07 6.98 20.67
CA PHE E 278 -12.06 6.18 21.33
C PHE E 278 -12.02 6.42 22.84
N MET E 279 -12.20 7.66 23.25
CA MET E 279 -11.96 8.05 24.65
C MET E 279 -13.21 7.97 25.46
N GLU E 280 -14.33 7.76 24.79
CA GLU E 280 -15.59 7.67 25.52
C GLU E 280 -15.81 6.27 26.13
N ASP E 281 -16.39 6.23 27.32
CA ASP E 281 -16.77 4.95 27.97
C ASP E 281 -17.99 4.31 27.31
N PRO E 282 -17.96 2.99 27.13
CA PRO E 282 -19.11 2.30 26.55
C PRO E 282 -20.30 2.37 27.49
N GLU E 283 -21.45 2.77 26.99
CA GLU E 283 -22.62 2.87 27.84
C GLU E 283 -23.82 2.31 27.08
N THR F 2 18.97 38.77 23.77
CA THR F 2 20.24 38.01 23.86
C THR F 2 20.39 37.09 22.64
N VAL F 3 21.60 36.58 22.45
CA VAL F 3 21.83 35.51 21.50
C VAL F 3 22.41 34.34 22.25
N ALA F 4 21.63 33.26 22.41
CA ALA F 4 22.13 32.07 23.06
C ALA F 4 23.07 31.31 22.13
N LYS F 5 24.10 30.74 22.72
CA LYS F 5 25.10 30.06 21.94
C LYS F 5 25.20 28.67 22.50
N ALA F 6 25.42 27.68 21.65
CA ALA F 6 25.72 26.36 22.16
C ALA F 6 26.65 25.65 21.21
N ILE F 7 27.36 24.66 21.74
CA ILE F 7 28.21 23.79 20.94
C ILE F 7 27.72 22.36 21.02
N PHE F 8 27.69 21.70 19.86
CA PHE F 8 27.20 20.35 19.75
C PHE F 8 28.37 19.46 19.35
N ILE F 9 28.58 18.41 20.14
CA ILE F 9 29.59 17.43 19.88
C ILE F 9 28.89 16.14 19.44
N LYS F 10 29.37 15.58 18.33
CA LYS F 10 28.75 14.40 17.77
C LYS F 10 29.79 13.33 17.58
N CYS F 11 29.67 12.22 18.29
CA CYS F 11 30.61 11.12 18.13
C CYS F 11 29.77 9.84 18.12
N GLY F 12 29.89 9.05 17.08
CA GLY F 12 28.90 7.97 16.87
C GLY F 12 27.71 8.59 16.17
N ASN F 13 26.78 7.76 15.74
CA ASN F 13 25.57 8.30 15.11
C ASN F 13 24.35 7.70 15.77
N LEU F 14 23.39 8.56 16.08
CA LEU F 14 22.03 8.20 16.55
C LEU F 14 21.10 9.06 15.68
N GLY F 15 19.85 8.66 15.57
CA GLY F 15 18.86 9.49 14.90
C GLY F 15 18.83 10.89 15.50
N THR F 16 18.79 10.91 16.82
CA THR F 16 18.51 12.15 17.53
C THR F 16 19.69 13.10 17.45
N SER F 17 20.90 12.54 17.52
CA SER F 17 22.10 13.35 17.57
C SER F 17 22.42 13.89 16.19
N MET F 18 21.95 13.19 15.15
CA MET F 18 22.10 13.68 13.78
C MET F 18 21.28 14.95 13.54
N MET F 19 20.10 15.04 14.13
CA MET F 19 19.19 16.12 13.80
C MET F 19 19.10 17.21 14.86
N MET F 20 19.78 16.99 15.98
CA MET F 20 19.47 17.71 17.20
C MET F 20 19.58 19.23 17.00
N ASP F 21 20.66 19.68 16.37
CA ASP F 21 20.90 21.11 16.23
C ASP F 21 19.93 21.69 15.20
N MET F 22 19.64 20.89 14.18
CA MET F 22 18.76 21.37 13.12
C MET F 22 17.28 21.57 13.56
N LEU F 23 16.82 20.83 14.56
CA LEU F 23 15.43 20.97 15.02
C LEU F 23 15.21 22.32 15.65
N LEU F 24 16.29 23.04 15.92
CA LEU F 24 16.18 24.31 16.61
C LEU F 24 16.16 25.55 15.72
N ASP F 25 16.53 25.41 14.45
CA ASP F 25 16.53 26.55 13.51
C ASP F 25 16.18 26.02 12.12
N GLU F 26 14.99 25.45 12.00
CA GLU F 26 14.63 24.67 10.83
C GLU F 26 14.67 25.49 9.51
N ARG F 27 14.55 26.80 9.61
CA ARG F 27 14.57 27.65 8.40
C ARG F 27 15.79 28.58 8.45
N ALA F 28 16.69 28.37 9.42
CA ALA F 28 17.88 29.22 9.62
C ALA F 28 17.56 30.71 9.70
N ASP F 29 16.40 31.08 10.19
CA ASP F 29 16.04 32.49 10.25
C ASP F 29 15.96 32.99 11.70
N ARG F 30 16.44 32.17 12.63
CA ARG F 30 16.54 32.55 14.03
C ARG F 30 17.68 33.53 14.29
N GLU F 31 17.35 34.67 14.87
CA GLU F 31 18.31 35.73 15.12
C GLU F 31 18.80 35.64 16.58
N ASP F 32 18.38 34.62 17.29
CA ASP F 32 18.63 34.57 18.75
C ASP F 32 19.49 33.40 19.19
N VAL F 33 20.04 32.68 18.23
CA VAL F 33 20.94 31.55 18.51
C VAL F 33 22.12 31.52 17.57
N GLU F 34 23.21 30.91 18.02
CA GLU F 34 24.35 30.64 17.20
C GLU F 34 24.93 29.33 17.71
N PHE F 35 25.29 28.44 16.78
CA PHE F 35 25.69 27.09 17.17
C PHE F 35 27.02 26.78 16.53
N ARG F 36 27.80 25.93 17.19
CA ARG F 36 28.96 25.32 16.57
C ARG F 36 28.72 23.83 16.69
N VAL F 37 29.19 23.09 15.69
CA VAL F 37 29.15 21.63 15.69
C VAL F 37 30.50 21.07 15.38
N VAL F 38 30.97 20.15 16.24
CA VAL F 38 32.25 19.50 16.02
C VAL F 38 32.05 18.01 16.32
N GLY F 39 32.86 17.15 15.73
CA GLY F 39 32.77 15.74 16.05
C GLY F 39 33.85 14.96 15.34
N THR F 40 33.86 13.66 15.59
CA THR F 40 34.81 12.72 15.01
C THR F 40 34.09 11.72 14.09
N SER F 41 32.95 12.15 13.58
CA SER F 41 32.10 11.28 12.80
C SER F 41 31.74 10.02 13.59
N VAL F 42 31.77 8.87 12.95
CA VAL F 42 31.21 7.64 13.53
C VAL F 42 32.04 7.09 14.65
N LYS F 43 33.27 7.56 14.73
CA LYS F 43 34.23 7.01 15.70
C LYS F 43 34.01 7.57 17.11
N MET F 44 33.95 6.68 18.11
CA MET F 44 33.62 7.09 19.49
C MET F 44 34.36 6.28 20.54
N ASP F 45 35.51 5.79 20.15
CA ASP F 45 36.51 5.30 21.07
C ASP F 45 37.02 6.47 21.89
N PRO F 46 37.52 6.20 23.10
CA PRO F 46 38.01 7.21 24.07
C PRO F 46 38.99 8.23 23.48
N GLU F 47 39.83 7.78 22.55
CA GLU F 47 40.83 8.65 21.97
C GLU F 47 40.12 9.69 21.08
N CYS F 48 39.13 9.25 20.30
CA CYS F 48 38.42 10.18 19.44
C CYS F 48 37.48 11.08 20.22
N VAL F 49 36.72 10.51 21.14
CA VAL F 49 35.84 11.31 21.97
C VAL F 49 36.66 12.40 22.67
N GLU F 50 37.75 12.05 23.35
CA GLU F 50 38.54 13.10 24.01
C GLU F 50 39.04 14.14 23.00
N ALA F 51 39.26 13.75 21.75
CA ALA F 51 39.71 14.70 20.73
C ALA F 51 38.57 15.64 20.34
N ALA F 52 37.35 15.10 20.41
CA ALA F 52 36.16 15.81 20.02
C ALA F 52 35.89 16.87 21.08
N VAL F 53 35.89 16.46 22.34
CA VAL F 53 35.61 17.38 23.42
C VAL F 53 36.69 18.50 23.48
N GLU F 54 37.94 18.15 23.21
CA GLU F 54 39.05 19.13 23.13
C GLU F 54 38.78 20.20 22.10
N MET F 55 38.51 19.78 20.87
CA MET F 55 38.05 20.67 19.84
C MET F 55 36.99 21.60 20.39
N ALA F 56 35.99 21.03 21.06
CA ALA F 56 34.87 21.81 21.55
C ALA F 56 35.36 22.83 22.59
N LEU F 57 36.17 22.40 23.54
CA LEU F 57 36.58 23.32 24.60
C LEU F 57 37.52 24.40 24.06
N ASP F 58 38.37 24.06 23.11
CA ASP F 58 39.20 25.03 22.40
C ASP F 58 38.29 26.11 21.80
N ILE F 59 37.34 25.70 20.99
CA ILE F 59 36.44 26.66 20.37
C ILE F 59 35.67 27.42 21.44
N ALA F 60 35.32 26.78 22.55
CA ALA F 60 34.50 27.47 23.55
C ALA F 60 35.22 28.72 24.08
N GLU F 61 36.54 28.61 24.24
CA GLU F 61 37.36 29.69 24.78
C GLU F 61 36.96 31.03 24.22
N ASP F 62 36.86 31.09 22.89
CA ASP F 62 36.52 32.30 22.21
C ASP F 62 35.03 32.39 21.95
N PHE F 63 34.37 31.24 21.82
CA PHE F 63 32.95 31.21 21.42
C PHE F 63 32.05 31.49 22.60
N GLU F 64 32.47 31.02 23.77
CA GLU F 64 31.73 31.27 25.02
C GLU F 64 30.30 30.78 24.93
N PRO F 65 30.10 29.47 24.81
CA PRO F 65 28.75 28.95 24.64
C PRO F 65 27.96 29.01 25.97
N ASP F 66 26.63 29.13 25.90
CA ASP F 66 25.81 29.07 27.09
C ASP F 66 25.68 27.63 27.57
N PHE F 67 25.66 26.68 26.66
CA PHE F 67 25.75 25.28 27.05
C PHE F 67 26.37 24.40 25.97
N ILE F 68 26.70 23.19 26.39
CA ILE F 68 27.28 22.22 25.51
C ILE F 68 26.47 20.93 25.52
N VAL F 69 26.41 20.32 24.35
CA VAL F 69 25.60 19.13 24.18
C VAL F 69 26.46 18.03 23.60
N TYR F 70 26.42 16.85 24.17
CA TYR F 70 27.19 15.73 23.66
C TYR F 70 26.17 14.72 23.18
N GLY F 71 26.16 14.45 21.88
CA GLY F 71 25.26 13.45 21.38
C GLY F 71 25.90 12.29 20.70
N GLY F 72 25.47 11.10 21.09
CA GLY F 72 25.99 9.90 20.48
C GLY F 72 25.47 8.65 21.14
N PRO F 73 25.78 7.53 20.54
CA PRO F 73 25.43 6.24 21.07
C PRO F 73 26.02 6.01 22.47
N ASN F 74 25.18 5.44 23.33
CA ASN F 74 25.49 4.80 24.63
C ASN F 74 26.42 5.57 25.57
N PRO F 75 25.85 6.48 26.36
CA PRO F 75 26.56 7.19 27.44
C PRO F 75 27.40 6.32 28.38
N ALA F 76 27.11 5.03 28.41
CA ALA F 76 27.75 4.10 29.36
C ALA F 76 29.04 3.54 28.81
N ALA F 77 29.27 3.68 27.51
CA ALA F 77 30.47 3.14 26.89
C ALA F 77 31.75 3.96 27.21
N PRO F 78 32.92 3.38 26.94
CA PRO F 78 34.13 4.07 27.40
C PRO F 78 34.35 5.49 26.84
N GLY F 79 34.18 5.66 25.54
CA GLY F 79 34.32 7.00 24.96
C GLY F 79 33.32 7.98 25.56
N PRO F 80 32.01 7.70 25.44
CA PRO F 80 31.16 8.74 25.94
C PRO F 80 31.36 8.93 27.44
N SER F 81 31.86 7.92 28.13
CA SER F 81 32.06 8.07 29.56
C SER F 81 33.15 9.10 29.79
N LYS F 82 34.11 9.14 28.87
CA LYS F 82 35.17 10.13 28.91
C LYS F 82 34.59 11.53 28.66
N ALA F 83 33.69 11.64 27.69
CA ALA F 83 33.01 12.90 27.43
C ALA F 83 32.32 13.40 28.70
N ARG F 84 31.64 12.50 29.39
CA ARG F 84 30.88 12.96 30.55
C ARG F 84 31.79 13.53 31.59
N GLU F 85 32.93 12.88 31.79
CA GLU F 85 33.82 13.30 32.85
C GLU F 85 34.43 14.66 32.48
N MET F 86 34.82 14.82 31.22
CA MET F 86 35.40 16.07 30.75
C MET F 86 34.37 17.21 30.82
N LEU F 87 33.16 16.98 30.34
CA LEU F 87 32.14 18.02 30.31
C LEU F 87 31.65 18.32 31.73
N ALA F 88 31.65 17.32 32.59
CA ALA F 88 31.14 17.52 33.92
C ALA F 88 32.11 18.39 34.69
N ASP F 89 33.39 18.27 34.32
CA ASP F 89 34.43 18.98 35.03
C ASP F 89 34.51 20.41 34.55
N SER F 90 34.19 20.62 33.29
CA SER F 90 34.28 21.93 32.71
C SER F 90 33.26 22.91 33.30
N GLU F 91 33.43 24.17 32.91
CA GLU F 91 32.65 25.28 33.42
C GLU F 91 31.24 25.34 32.79
N TYR F 92 31.04 24.59 31.71
CA TYR F 92 29.84 24.75 30.90
C TYR F 92 28.70 23.80 31.29
N PRO F 93 27.47 24.34 31.46
CA PRO F 93 26.33 23.43 31.62
C PRO F 93 26.27 22.50 30.45
N ALA F 94 26.07 21.21 30.67
CA ALA F 94 26.19 20.30 29.53
C ALA F 94 25.03 19.32 29.48
N VAL F 95 24.65 18.88 28.29
CA VAL F 95 23.62 17.87 28.13
C VAL F 95 24.06 16.65 27.31
N ILE F 96 23.71 15.45 27.80
CA ILE F 96 24.05 14.22 27.11
C ILE F 96 22.81 13.66 26.40
N ILE F 97 22.93 13.50 25.09
CA ILE F 97 21.89 12.90 24.28
C ILE F 97 22.30 11.48 23.99
N GLY F 98 21.44 10.51 24.31
CA GLY F 98 21.79 9.09 24.13
C GLY F 98 20.57 8.18 23.99
N ASP F 99 20.83 6.88 23.87
CA ASP F 99 19.81 5.85 23.71
C ASP F 99 19.59 5.03 25.01
N ALA F 100 18.77 3.98 24.96
CA ALA F 100 18.39 3.17 26.15
C ALA F 100 19.50 2.72 27.09
N PRO F 101 20.65 2.29 26.53
CA PRO F 101 21.85 1.87 27.27
C PRO F 101 22.37 2.94 28.26
N GLY F 102 22.24 4.21 27.91
CA GLY F 102 22.47 5.29 28.84
C GLY F 102 21.71 5.18 30.17
N LEU F 103 20.65 4.37 30.21
CA LEU F 103 19.85 4.25 31.47
C LEU F 103 20.69 3.68 32.61
N LYS F 104 21.68 2.86 32.25
CA LYS F 104 22.70 2.29 33.16
C LYS F 104 23.50 3.34 33.97
N VAL F 105 23.72 4.50 33.35
CA VAL F 105 24.47 5.56 34.00
C VAL F 105 23.65 6.80 34.28
N LYS F 106 22.33 6.64 34.30
CA LYS F 106 21.46 7.77 34.59
C LYS F 106 21.73 8.35 36.01
N ASP F 107 21.89 7.49 37.00
CA ASP F 107 22.20 7.97 38.32
C ASP F 107 23.51 8.73 38.30
N GLU F 108 24.48 8.17 37.61
CA GLU F 108 25.81 8.73 37.57
C GLU F 108 25.77 10.12 36.98
N MET F 109 24.98 10.29 35.92
CA MET F 109 24.92 11.55 35.20
C MET F 109 24.34 12.67 36.06
N GLU F 110 23.34 12.35 36.88
CA GLU F 110 22.77 13.31 37.82
C GLU F 110 23.78 13.72 38.89
N GLU F 111 24.57 12.77 39.37
CA GLU F 111 25.67 13.03 40.30
C GLU F 111 26.69 14.00 39.67
N GLN F 112 26.98 13.76 38.40
CA GLN F 112 27.86 14.62 37.62
C GLN F 112 27.32 16.01 37.32
N GLY F 113 26.05 16.27 37.61
CA GLY F 113 25.44 17.56 37.37
C GLY F 113 25.13 17.75 35.89
N LEU F 114 24.99 16.64 35.17
CA LEU F 114 24.76 16.73 33.73
C LEU F 114 23.26 16.58 33.48
N GLY F 115 22.74 17.20 32.45
CA GLY F 115 21.42 16.88 31.94
C GLY F 115 21.56 15.75 30.94
N TYR F 116 20.42 15.15 30.60
CA TYR F 116 20.35 14.06 29.63
C TYR F 116 19.02 13.97 28.95
N ILE F 117 19.06 13.59 27.67
CA ILE F 117 17.85 13.17 26.99
C ILE F 117 18.14 11.81 26.39
N LEU F 118 17.50 10.80 26.96
CA LEU F 118 17.69 9.43 26.57
C LEU F 118 16.54 8.97 25.70
N VAL F 119 16.85 8.60 24.46
CA VAL F 119 15.78 8.27 23.53
C VAL F 119 15.72 6.77 23.27
N LYS F 120 14.77 6.11 23.90
CA LYS F 120 14.70 4.64 23.87
C LYS F 120 14.43 4.08 22.46
N PRO F 121 13.60 4.73 21.68
CA PRO F 121 13.32 4.35 20.30
C PRO F 121 14.50 4.57 19.34
N ASP F 122 15.54 5.28 19.77
CA ASP F 122 16.71 5.59 18.91
C ASP F 122 17.66 4.41 18.91
N ALA F 123 17.24 3.36 18.21
CA ALA F 123 17.78 2.03 18.40
C ALA F 123 18.98 1.81 17.49
N MET F 124 19.97 1.12 18.05
CA MET F 124 21.13 0.62 17.30
C MET F 124 20.73 -0.21 16.09
N LEU F 125 21.47 -0.06 15.00
CA LEU F 125 21.21 -0.78 13.74
C LEU F 125 21.98 -2.10 13.68
N GLY F 126 21.78 -2.87 12.63
CA GLY F 126 22.42 -4.19 12.56
C GLY F 126 23.80 -4.17 11.94
N ALA F 127 24.82 -3.84 12.74
CA ALA F 127 26.15 -3.55 12.26
C ALA F 127 27.02 -4.80 12.15
N ARG F 128 26.77 -5.59 11.11
CA ARG F 128 27.58 -6.75 10.77
C ARG F 128 27.99 -6.55 9.32
N ARG F 129 29.23 -6.78 9.01
CA ARG F 129 29.72 -6.44 7.69
C ARG F 129 29.06 -7.14 6.51
N GLU F 130 28.48 -8.30 6.75
CA GLU F 130 27.78 -9.07 5.71
C GLU F 130 26.45 -8.46 5.27
N PHE F 131 25.92 -7.57 6.08
CA PHE F 131 24.64 -6.98 5.81
C PHE F 131 24.72 -5.47 5.67
N LEU F 132 25.39 -4.84 6.64
CA LEU F 132 25.47 -3.37 6.73
C LEU F 132 26.58 -2.72 5.89
N ASP F 133 26.20 -2.28 4.69
CA ASP F 133 27.01 -1.36 3.88
C ASP F 133 26.42 0.05 3.97
N PRO F 134 27.09 1.04 3.37
CA PRO F 134 26.65 2.44 3.46
C PRO F 134 25.20 2.74 3.04
N VAL F 135 24.74 2.14 1.95
CA VAL F 135 23.36 2.33 1.49
C VAL F 135 22.43 1.76 2.55
N GLU F 136 22.70 0.54 3.04
CA GLU F 136 21.82 -0.03 4.09
C GLU F 136 21.78 0.86 5.35
N MET F 137 22.95 1.34 5.77
CA MET F 137 23.08 2.23 6.94
C MET F 137 22.21 3.46 6.69
N ALA F 138 22.28 4.05 5.48
CA ALA F 138 21.42 5.21 5.18
C ALA F 138 19.90 4.92 5.17
N ILE F 139 19.50 3.78 4.62
CA ILE F 139 18.11 3.37 4.56
C ILE F 139 17.57 3.22 6.00
N TYR F 140 18.37 2.66 6.90
CA TYR F 140 17.99 2.50 8.29
C TYR F 140 17.69 3.86 8.90
N ASN F 141 18.64 4.78 8.68
CA ASN F 141 18.57 6.09 9.26
C ASN F 141 17.40 6.87 8.74
N ALA F 142 17.12 6.70 7.45
CA ALA F 142 15.90 7.28 6.85
C ALA F 142 14.61 6.78 7.53
N ASP F 143 14.49 5.47 7.73
CA ASP F 143 13.30 4.92 8.42
C ASP F 143 13.31 5.42 9.88
N LEU F 144 14.45 5.39 10.54
CA LEU F 144 14.46 5.83 11.90
C LEU F 144 14.10 7.31 12.04
N MET F 145 14.63 8.13 11.15
CA MET F 145 14.27 9.52 11.15
C MET F 145 12.75 9.77 10.94
N LYS F 146 12.15 9.07 9.99
CA LYS F 146 10.71 9.14 9.80
C LYS F 146 10.00 8.78 11.09
N VAL F 147 10.45 7.74 11.77
CA VAL F 147 9.80 7.37 13.00
C VAL F 147 9.90 8.45 14.08
N LEU F 148 11.11 8.87 14.40
CA LEU F 148 11.29 9.90 15.46
C LEU F 148 10.59 11.23 15.13
N ALA F 149 10.51 11.55 13.84
CA ALA F 149 9.89 12.80 13.40
C ALA F 149 8.39 12.73 13.49
N ALA F 150 7.82 11.75 12.83
CA ALA F 150 6.38 11.68 12.60
C ALA F 150 5.60 11.28 13.86
N THR F 151 6.27 10.56 14.75
CA THR F 151 5.73 10.18 16.06
C THR F 151 5.74 11.32 17.05
N GLY F 152 6.51 12.35 16.77
CA GLY F 152 6.65 13.49 17.63
C GLY F 152 7.74 13.43 18.68
N VAL F 153 8.59 12.40 18.64
CA VAL F 153 9.77 12.36 19.50
C VAL F 153 10.71 13.58 19.29
N PHE F 154 10.91 13.98 18.05
CA PHE F 154 11.74 15.14 17.78
C PHE F 154 11.12 16.41 18.34
N ARG F 155 9.81 16.48 18.44
CA ARG F 155 9.21 17.66 19.02
C ARG F 155 9.53 17.75 20.51
N VAL F 156 9.51 16.61 21.20
CA VAL F 156 9.80 16.58 22.60
C VAL F 156 11.23 17.05 22.80
N VAL F 157 12.11 16.56 21.95
CA VAL F 157 13.51 17.01 21.98
C VAL F 157 13.62 18.53 21.67
N GLN F 158 13.01 18.99 20.58
CA GLN F 158 12.93 20.42 20.24
C GLN F 158 12.50 21.28 21.42
N GLU F 159 11.47 20.83 22.14
CA GLU F 159 10.89 21.56 23.29
C GLU F 159 11.89 21.65 24.43
N ALA F 160 12.46 20.52 24.80
CA ALA F 160 13.48 20.49 25.83
C ALA F 160 14.54 21.55 25.63
N PHE F 161 15.06 21.55 24.42
CA PHE F 161 16.14 22.44 24.04
C PHE F 161 15.69 23.89 23.93
N ASP F 162 14.48 24.11 23.47
CA ASP F 162 13.94 25.47 23.39
C ASP F 162 13.82 26.04 24.79
N GLU F 163 13.26 25.26 25.71
CA GLU F 163 13.25 25.62 27.14
C GLU F 163 14.64 26.02 27.68
N LEU F 164 15.63 25.20 27.41
CA LEU F 164 16.99 25.47 27.90
C LEU F 164 17.57 26.77 27.32
N ILE F 165 17.25 27.01 26.06
CA ILE F 165 17.64 28.23 25.39
C ILE F 165 16.97 29.46 26.00
N GLU F 166 15.70 29.33 26.40
CA GLU F 166 15.07 30.48 27.03
C GLU F 166 15.66 30.73 28.43
N LYS F 167 16.04 29.66 29.14
CA LYS F 167 16.72 29.84 30.41
C LYS F 167 18.06 30.57 30.22
N ALA F 168 18.75 30.27 29.14
CA ALA F 168 20.08 30.86 28.89
C ALA F 168 19.92 32.34 28.61
N LYS F 169 18.77 32.71 28.04
CA LYS F 169 18.52 34.12 27.74
C LYS F 169 18.10 34.97 28.96
N GLU F 170 17.70 34.34 30.06
CA GLU F 170 17.69 35.01 31.38
C GLU F 170 19.01 34.69 32.07
N ASP F 171 20.00 34.40 31.24
CA ASP F 171 21.32 33.98 31.70
C ASP F 171 21.33 33.44 33.11
N GLU F 172 20.94 32.18 33.23
CA GLU F 172 21.35 31.33 34.34
C GLU F 172 20.84 29.96 34.03
N ILE F 173 21.62 29.20 33.27
CA ILE F 173 21.33 27.79 33.15
C ILE F 173 21.99 27.10 34.34
N SER F 174 21.20 26.98 35.40
CA SER F 174 21.62 26.30 36.60
C SER F 174 21.28 24.82 36.45
N GLU F 175 21.75 23.99 37.38
CA GLU F 175 21.71 22.55 37.15
C GLU F 175 20.27 22.03 37.10
N ASN F 176 19.37 22.69 37.82
CA ASN F 176 17.99 22.27 37.83
C ASN F 176 17.20 22.73 36.58
N ASP F 177 17.82 23.55 35.74
CA ASP F 177 17.23 23.90 34.43
C ASP F 177 17.54 22.83 33.39
N LEU F 178 18.53 21.98 33.68
CA LEU F 178 18.97 20.94 32.76
C LEU F 178 17.97 19.81 32.60
N PRO F 179 17.67 19.42 31.35
CA PRO F 179 16.74 18.33 31.06
C PRO F 179 17.19 17.03 31.72
N LYS F 180 16.22 16.25 32.14
CA LYS F 180 16.46 14.92 32.69
C LYS F 180 15.34 14.06 32.11
N LEU F 181 15.39 13.83 30.78
CA LEU F 181 14.33 13.17 30.04
C LEU F 181 14.67 11.76 29.60
N VAL F 182 13.68 10.87 29.71
CA VAL F 182 13.74 9.52 29.17
C VAL F 182 12.54 9.39 28.26
N ILE F 183 12.76 9.25 26.94
CA ILE F 183 11.65 9.23 26.00
C ILE F 183 11.40 7.79 25.51
N ASP F 184 10.14 7.38 25.55
CA ASP F 184 9.73 6.12 24.98
C ASP F 184 8.26 6.19 24.50
N ARG F 185 7.68 5.03 24.23
CA ARG F 185 6.31 4.94 23.76
C ARG F 185 5.35 5.71 24.68
N ASN F 186 5.54 5.57 25.98
CA ASN F 186 4.57 6.16 26.90
C ASN F 186 4.66 7.68 27.04
N THR F 187 5.74 8.26 26.53
CA THR F 187 5.88 9.69 26.50
C THR F 187 4.69 10.30 25.77
N LEU F 188 4.18 9.59 24.76
CA LEU F 188 3.09 10.10 23.94
C LEU F 188 1.83 10.27 24.77
N LEU F 189 1.76 9.55 25.89
CA LEU F 189 0.56 9.61 26.72
C LEU F 189 0.40 10.94 27.43
N GLU F 190 1.51 11.65 27.64
CA GLU F 190 1.47 12.90 28.39
C GLU F 190 1.55 14.12 27.47
N ARG F 191 1.42 13.89 26.16
CA ARG F 191 1.48 14.93 25.15
C ARG F 191 0.13 15.10 24.48
N GLU F 192 -0.06 16.28 23.89
CA GLU F 192 -1.23 16.56 23.08
C GLU F 192 -0.80 16.70 21.62
N GLU F 193 0.11 15.84 21.18
CA GLU F 193 0.61 15.82 19.82
C GLU F 193 -0.43 15.54 18.72
N PHE F 194 -1.24 14.48 18.87
CA PHE F 194 -2.12 14.04 17.82
C PHE F 194 -3.53 14.43 18.16
N GLU F 195 -4.28 14.90 17.17
CA GLU F 195 -5.64 15.29 17.44
C GLU F 195 -6.51 14.04 17.37
N ASN F 196 -6.11 13.09 16.53
CA ASN F 196 -6.89 11.88 16.32
C ASN F 196 -6.31 10.78 17.18
N PRO F 197 -7.18 10.10 17.95
CA PRO F 197 -6.65 9.12 18.90
C PRO F 197 -6.01 7.89 18.29
N TYR F 198 -6.42 7.52 17.06
CA TYR F 198 -5.83 6.39 16.37
C TYR F 198 -4.42 6.73 15.82
N ALA F 199 -4.22 7.97 15.37
CA ALA F 199 -2.87 8.40 14.99
C ALA F 199 -1.93 8.24 16.18
N MET F 200 -2.38 8.68 17.34
CA MET F 200 -1.61 8.51 18.59
C MET F 200 -1.19 7.07 18.90
N VAL F 201 -2.14 6.15 18.78
CA VAL F 201 -1.84 4.75 19.12
C VAL F 201 -1.00 4.05 18.05
N LYS F 202 -1.14 4.49 16.80
CA LYS F 202 -0.27 4.03 15.69
C LYS F 202 1.15 4.53 15.94
N ALA F 203 1.28 5.80 16.28
CA ALA F 203 2.60 6.32 16.77
C ALA F 203 3.20 5.57 17.95
N MET F 204 2.40 5.23 18.96
CA MET F 204 2.93 4.45 20.08
C MET F 204 3.44 3.10 19.61
N ALA F 205 2.70 2.48 18.72
CA ALA F 205 3.10 1.20 18.17
C ALA F 205 4.40 1.37 17.41
N ALA F 206 4.53 2.46 16.63
CA ALA F 206 5.80 2.67 15.93
C ALA F 206 6.94 2.76 16.91
N LEU F 207 6.73 3.50 17.98
CA LEU F 207 7.78 3.68 18.99
C LEU F 207 8.10 2.38 19.71
N GLU F 208 7.07 1.56 19.93
CA GLU F 208 7.30 0.30 20.61
C GLU F 208 8.17 -0.59 19.74
N ILE F 209 7.79 -0.70 18.47
CA ILE F 209 8.57 -1.50 17.55
C ILE F 209 10.01 -0.99 17.44
N ALA F 210 10.18 0.32 17.26
CA ALA F 210 11.51 0.91 17.17
C ALA F 210 12.36 0.57 18.37
N GLU F 211 11.74 0.65 19.54
CA GLU F 211 12.43 0.34 20.76
C GLU F 211 12.87 -1.14 20.77
N ASN F 212 11.99 -2.03 20.39
CA ASN F 212 12.31 -3.45 20.30
C ASN F 212 13.37 -3.81 19.28
N VAL F 213 13.57 -2.95 18.29
CA VAL F 213 14.59 -3.19 17.28
C VAL F 213 15.95 -3.30 17.98
N ALA F 214 16.13 -2.51 19.05
CA ALA F 214 17.42 -2.42 19.74
C ALA F 214 17.82 -3.79 20.18
N ASP F 215 16.87 -4.51 20.77
CA ASP F 215 17.14 -5.83 21.29
C ASP F 215 17.56 -6.80 20.19
N VAL F 216 16.89 -6.76 19.03
CA VAL F 216 17.24 -7.67 17.97
C VAL F 216 18.66 -7.38 17.48
N SER F 217 18.95 -6.09 17.30
CA SER F 217 20.32 -5.65 16.98
C SER F 217 21.36 -6.14 17.95
N VAL F 218 21.14 -5.96 19.26
CA VAL F 218 22.14 -6.36 20.22
C VAL F 218 22.39 -7.87 20.09
N GLU F 219 21.32 -8.64 19.94
CA GLU F 219 21.43 -10.09 19.85
C GLU F 219 22.25 -10.48 18.63
N GLY F 220 21.99 -9.84 17.49
CA GLY F 220 22.70 -10.19 16.26
C GLY F 220 24.12 -9.66 16.18
N CYS F 221 24.38 -8.54 16.83
CA CYS F 221 25.76 -8.03 16.92
C CYS F 221 26.57 -8.52 18.09
N PHE F 222 25.98 -8.69 19.27
CA PHE F 222 26.79 -8.98 20.48
C PHE F 222 26.53 -10.34 21.13
N VAL F 223 25.54 -11.09 20.68
CA VAL F 223 25.31 -12.40 21.29
C VAL F 223 25.44 -13.56 20.34
N GLU F 224 24.86 -13.47 19.16
CA GLU F 224 24.87 -14.59 18.27
C GLU F 224 26.22 -14.59 17.54
N GLN F 225 26.88 -15.73 17.48
CA GLN F 225 28.22 -15.83 16.90
C GLN F 225 28.28 -16.53 15.56
N ASP F 226 27.23 -17.28 15.22
CA ASP F 226 27.12 -18.00 13.96
C ASP F 226 26.56 -17.09 12.85
N LYS F 227 27.33 -16.83 11.80
CA LYS F 227 26.89 -15.87 10.77
C LYS F 227 25.64 -16.37 10.00
N GLU F 228 25.45 -17.69 9.95
CA GLU F 228 24.24 -18.27 9.34
C GLU F 228 23.02 -17.81 10.11
N ARG F 229 23.25 -17.44 11.36
CA ARG F 229 22.19 -16.93 12.17
C ARG F 229 22.16 -15.40 12.32
N TYR F 230 23.30 -14.79 12.59
CA TYR F 230 23.30 -13.37 12.91
C TYR F 230 23.01 -12.46 11.75
N VAL F 231 23.28 -12.93 10.54
CA VAL F 231 22.93 -12.15 9.38
C VAL F 231 21.38 -11.98 9.20
N PRO F 232 20.60 -13.08 9.14
CA PRO F 232 19.14 -12.93 9.11
C PRO F 232 18.65 -12.10 10.28
N ILE F 233 19.24 -12.32 11.45
CA ILE F 233 18.79 -11.63 12.64
C ILE F 233 18.95 -10.11 12.48
N VAL F 234 20.15 -9.65 12.08
CA VAL F 234 20.32 -8.22 11.96
C VAL F 234 19.41 -7.72 10.87
N ALA F 235 19.25 -8.48 9.78
CA ALA F 235 18.45 -8.00 8.67
C ALA F 235 17.03 -7.93 9.12
N SER F 236 16.64 -8.83 10.01
CA SER F 236 15.26 -8.75 10.50
C SER F 236 14.96 -7.48 11.35
N ALA F 237 15.93 -6.98 12.10
CA ALA F 237 15.84 -5.69 12.79
C ALA F 237 15.57 -4.53 11.85
N HIS F 238 16.19 -4.56 10.68
CA HIS F 238 15.95 -3.50 9.70
C HIS F 238 14.56 -3.58 9.13
N GLU F 239 14.09 -4.79 8.86
CA GLU F 239 12.71 -4.94 8.37
C GLU F 239 11.69 -4.39 9.39
N MET F 240 12.01 -4.55 10.64
CA MET F 240 11.13 -4.02 11.70
C MET F 240 11.16 -2.49 11.64
N MET F 241 12.32 -1.88 11.39
CA MET F 241 12.36 -0.42 11.43
C MET F 241 11.54 0.14 10.28
N ARG F 242 11.70 -0.51 9.15
CA ARG F 242 10.96 -0.12 7.96
C ARG F 242 9.44 -0.14 8.20
N LYS F 243 8.94 -1.18 8.89
CA LYS F 243 7.52 -1.18 9.23
C LYS F 243 7.12 -0.11 10.27
N ALA F 244 7.98 0.14 11.23
CA ALA F 244 7.78 1.22 12.18
C ALA F 244 7.66 2.55 11.41
N ALA F 245 8.47 2.75 10.37
CA ALA F 245 8.46 4.02 9.63
C ALA F 245 7.08 4.09 8.90
N GLU F 246 6.60 2.94 8.45
CA GLU F 246 5.32 2.91 7.72
C GLU F 246 4.18 3.26 8.67
N LEU F 247 4.29 2.86 9.92
CA LEU F 247 3.22 3.10 10.90
C LEU F 247 3.18 4.56 11.25
N ALA F 248 4.34 5.18 11.29
CA ALA F 248 4.39 6.56 11.67
C ALA F 248 3.88 7.40 10.54
N ASP F 249 4.12 6.96 9.31
CA ASP F 249 3.60 7.64 8.16
C ASP F 249 2.08 7.58 8.20
N GLU F 250 1.55 6.41 8.55
CA GLU F 250 0.10 6.22 8.49
C GLU F 250 -0.54 7.11 9.55
N ALA F 251 0.14 7.26 10.69
CA ALA F 251 -0.34 8.18 11.70
C ALA F 251 -0.41 9.60 11.21
N ARG F 252 0.58 10.01 10.43
CA ARG F 252 0.61 11.39 10.00
C ARG F 252 -0.46 11.62 8.95
N GLU F 253 -0.62 10.68 8.01
CA GLU F 253 -1.79 10.78 7.07
C GLU F 253 -3.15 10.88 7.74
N LEU F 254 -3.36 10.23 8.89
CA LEU F 254 -4.64 10.34 9.64
C LEU F 254 -4.82 11.77 10.09
N GLU F 255 -3.73 12.41 10.54
CA GLU F 255 -3.81 13.81 10.95
C GLU F 255 -4.12 14.72 9.77
N LYS F 256 -3.50 14.42 8.64
CA LYS F 256 -3.76 15.11 7.41
C LYS F 256 -5.24 14.99 7.05
N SER F 257 -5.79 13.79 7.23
CA SER F 257 -7.19 13.59 6.87
C SER F 257 -8.13 14.49 7.67
N ASN F 258 -7.70 14.95 8.85
CA ASN F 258 -8.53 15.87 9.69
C ASN F 258 -8.06 17.33 9.67
N ASP F 259 -7.11 17.62 8.79
CA ASP F 259 -6.51 18.95 8.70
C ASP F 259 -6.10 19.39 10.08
N ALA F 260 -5.28 18.54 10.70
CA ALA F 260 -4.97 18.63 12.14
C ALA F 260 -3.50 18.37 12.39
N VAL F 261 -2.66 18.52 11.38
CA VAL F 261 -1.23 18.33 11.55
C VAL F 261 -0.63 19.44 12.45
N LEU F 262 -0.17 19.07 13.64
CA LEU F 262 0.51 20.01 14.52
C LEU F 262 1.85 20.48 13.88
N ARG F 263 2.04 21.79 13.88
CA ARG F 263 3.31 22.41 13.43
C ARG F 263 3.70 23.46 14.46
N THR F 264 4.96 23.44 14.86
CA THR F 264 5.47 24.33 15.90
C THR F 264 6.77 24.98 15.43
N PRO F 265 6.66 25.85 14.41
CA PRO F 265 7.82 26.56 13.93
C PRO F 265 8.28 27.66 14.84
N HIS F 266 9.56 27.97 14.71
CA HIS F 266 10.14 29.13 15.36
C HIS F 266 9.92 30.43 14.57
N ALA F 267 9.68 31.49 15.31
CA ALA F 267 9.69 32.84 14.77
C ALA F 267 11.13 33.33 14.73
N PRO F 268 11.37 34.46 14.05
CA PRO F 268 12.77 34.90 13.98
C PRO F 268 13.35 35.30 15.35
N ASP F 269 12.53 35.74 16.30
CA ASP F 269 13.10 36.07 17.60
C ASP F 269 13.20 34.87 18.55
N GLY F 270 12.87 33.68 18.05
CA GLY F 270 13.09 32.46 18.83
C GLY F 270 11.84 31.84 19.41
N LYS F 271 10.77 32.61 19.51
CA LYS F 271 9.53 32.14 20.05
C LYS F 271 9.01 30.91 19.29
N VAL F 272 8.65 29.88 20.03
CA VAL F 272 8.00 28.73 19.40
C VAL F 272 6.54 29.02 19.16
N LEU F 273 6.13 28.93 17.91
CA LEU F 273 4.74 29.16 17.54
C LEU F 273 3.98 27.84 17.36
N SER F 274 2.66 27.91 17.21
CA SER F 274 1.88 26.71 17.01
C SER F 274 0.77 26.93 16.03
N LYS F 275 0.38 25.84 15.36
CA LYS F 275 -0.81 25.80 14.49
C LYS F 275 -1.20 24.36 14.21
N ARG F 276 -2.44 24.15 13.82
CA ARG F 276 -2.88 22.83 13.36
C ARG F 276 -3.56 22.87 12.00
N LYS F 277 -4.23 23.96 11.67
CA LYS F 277 -4.95 24.03 10.41
C LYS F 277 -3.98 24.39 9.31
N PHE F 278 -4.07 23.69 8.18
CA PHE F 278 -3.15 23.94 7.10
C PHE F 278 -3.04 25.42 6.74
N MET F 279 -4.16 26.12 6.57
CA MET F 279 -4.09 27.52 6.09
C MET F 279 -4.00 28.55 7.23
N GLU F 280 -3.76 28.08 8.45
CA GLU F 280 -3.71 29.00 9.57
C GLU F 280 -2.30 29.56 9.77
N ASP F 281 -2.21 30.83 10.14
CA ASP F 281 -0.92 31.38 10.52
C ASP F 281 -0.49 30.86 11.90
N PRO F 282 0.78 30.49 12.00
CA PRO F 282 1.32 30.00 13.26
C PRO F 282 1.47 31.12 14.28
N GLU F 283 1.02 30.91 15.50
CA GLU F 283 1.05 31.98 16.50
C GLU F 283 1.33 31.40 17.87
#